data_4NLF
# 
_entry.id   4NLF 
# 
_audit_conform.dict_name       mmcif_pdbx.dic 
_audit_conform.dict_version    5.379 
_audit_conform.dict_location   http://mmcif.pdb.org/dictionaries/ascii/mmcif_pdbx.dic 
# 
loop_
_database_2.database_id 
_database_2.database_code 
_database_2.pdbx_database_accession 
_database_2.pdbx_DOI 
PDB   4NLF         pdb_00004nlf 10.2210/pdb4nlf/pdb 
NDB   NA2781       ?            ?                   
RCSB  RCSB083350   ?            ?                   
WWPDB D_1000083350 ?            ?                   
# 
loop_
_pdbx_database_related.db_name 
_pdbx_database_related.db_id 
_pdbx_database_related.details 
_pdbx_database_related.content_type 
PDB 3DVZ 'Crystal structure of the sarcin/ricin domain from E.coli 23S rRNA' unspecified 
PDB 1Q9A 'Crystal structure of the sarcin/ricin domain from E.coli 23S rRNA' unspecified 
PDB 3DW4 .                                                                   unspecified 
PDB 3DW5 .                                                                   unspecified 
PDB 3DW6 .                                                                   unspecified 
PDB 3DW7 .                                                                   unspecified 
PDB 4NMG 
;2'Trifluoromethylthio-2'-deoxyuridine-modified SRL
;
unspecified 
PDB 4NXH .                                                                   unspecified 
# 
_pdbx_database_status.status_code                     REL 
_pdbx_database_status.entry_id                        4NLF 
_pdbx_database_status.recvd_initial_deposition_date   2013-11-14 
_pdbx_database_status.deposit_site                    RCSB 
_pdbx_database_status.process_site                    RCSB 
_pdbx_database_status.status_code_sf                  REL 
_pdbx_database_status.status_code_mr                  ? 
_pdbx_database_status.SG_entry                        ? 
_pdbx_database_status.status_code_cs                  ? 
_pdbx_database_status.methods_development_category    ? 
_pdbx_database_status.pdb_format_compatible           Y 
_pdbx_database_status.status_code_nmr_data            ? 
# 
loop_
_audit_author.name 
_audit_author.pdbx_ordinal 
'Ennifar, E.' 1 
'Micura, R.'  2 
'Kosutic, M.' 3 
# 
_citation.id                        primary 
_citation.title                     
;Surprising base pairing and structural properties of 2'-trifluoromethylthio-modified ribonucleic acids.
;
_citation.journal_abbrev            J.Am.Chem.Soc. 
_citation.journal_volume            136 
_citation.page_first                6656 
_citation.page_last                 6663 
_citation.year                      2014 
_citation.journal_id_ASTM           JACSAT 
_citation.country                   US 
_citation.journal_id_ISSN           1520-5126 
_citation.journal_id_CSD            ? 
_citation.book_publisher            ? 
_citation.pdbx_database_id_PubMed   24766131 
_citation.pdbx_database_id_DOI      10.1021/ja5005637 
# 
loop_
_citation_author.citation_id 
_citation_author.name 
_citation_author.ordinal 
_citation_author.identifier_ORCID 
primary 'Kosutic, M.'  1 ? 
primary 'Jud, L.'      2 ? 
primary 'Da Veiga, C.' 3 ? 
primary 'Frener, M.'   4 ? 
primary 'Fauster, K.'  5 ? 
primary 'Kreutz, C.'   6 ? 
primary 'Ennifar, E.'  7 ? 
primary 'Micura, R.'   8 ? 
# 
_cell.entry_id           4NLF 
_cell.length_a           29.170 
_cell.length_b           39.570 
_cell.length_c           29.920 
_cell.angle_alpha        90.00 
_cell.angle_beta         90.92 
_cell.angle_gamma        90.00 
_cell.Z_PDB              2 
_cell.pdbx_unique_axis   ? 
_cell.length_a_esd       ? 
_cell.length_b_esd       ? 
_cell.length_c_esd       ? 
_cell.angle_alpha_esd    ? 
_cell.angle_beta_esd     ? 
_cell.angle_gamma_esd    ? 
# 
_symmetry.entry_id                         4NLF 
_symmetry.space_group_name_H-M             'P 1 21 1' 
_symmetry.pdbx_full_space_group_name_H-M   ? 
_symmetry.cell_setting                     ? 
_symmetry.Int_Tables_number                4 
_symmetry.space_group_name_Hall            ? 
# 
loop_
_entity.id 
_entity.type 
_entity.src_method 
_entity.pdbx_description 
_entity.formula_weight 
_entity.pdbx_number_of_molecules 
_entity.pdbx_ec 
_entity.pdbx_mutation 
_entity.pdbx_fragment 
_entity.details 
1 polymer     syn '23S ribosomal RNA Sarcin Ricin Loop' 8830.334 1   ? ? ? ? 
2 non-polymer syn 'SULFATE ION'                         96.063   1   ? ? ? ? 
3 water       nat water                                 18.015   183 ? ? ? ? 
# 
_entity_poly.entity_id                      1 
_entity_poly.type                           polyribonucleotide 
_entity_poly.nstd_linkage                   no 
_entity_poly.nstd_monomer                   yes 
_entity_poly.pdbx_seq_one_letter_code       'UGCUCCUAGUACGAGAGGAC(6FC)GGAGUG' 
_entity_poly.pdbx_seq_one_letter_code_can   UGCUCCUAGUACGAGAGGACXGGAGUG 
_entity_poly.pdbx_strand_id                 A 
_entity_poly.pdbx_target_identifier         ? 
# 
loop_
_entity_poly_seq.entity_id 
_entity_poly_seq.num 
_entity_poly_seq.mon_id 
_entity_poly_seq.hetero 
1 1  U   n 
1 2  G   n 
1 3  C   n 
1 4  U   n 
1 5  C   n 
1 6  C   n 
1 7  U   n 
1 8  A   n 
1 9  G   n 
1 10 U   n 
1 11 A   n 
1 12 C   n 
1 13 G   n 
1 14 A   n 
1 15 G   n 
1 16 A   n 
1 17 G   n 
1 18 G   n 
1 19 A   n 
1 20 C   n 
1 21 6FC n 
1 22 G   n 
1 23 G   n 
1 24 A   n 
1 25 G   n 
1 26 U   n 
1 27 G   n 
# 
_struct_ref.id                         1 
_struct_ref.db_name                    PDB 
_struct_ref.db_code                    4NLF 
_struct_ref.pdbx_db_accession          4NLF 
_struct_ref.entity_id                  1 
_struct_ref.pdbx_align_begin           1 
_struct_ref.pdbx_seq_one_letter_code   'UGCUCCUAGUACGAGAGGAC(6FC)GGAGUG' 
_struct_ref.pdbx_db_isoform            ? 
# 
_struct_ref_seq.align_id                      1 
_struct_ref_seq.ref_id                        1 
_struct_ref_seq.pdbx_PDB_id_code              4NLF 
_struct_ref_seq.pdbx_strand_id                A 
_struct_ref_seq.seq_align_beg                 1 
_struct_ref_seq.pdbx_seq_align_beg_ins_code   ? 
_struct_ref_seq.seq_align_end                 27 
_struct_ref_seq.pdbx_seq_align_end_ins_code   ? 
_struct_ref_seq.pdbx_db_accession             4NLF 
_struct_ref_seq.db_align_beg                  2647 
_struct_ref_seq.pdbx_db_align_beg_ins_code    ? 
_struct_ref_seq.db_align_end                  2673 
_struct_ref_seq.pdbx_db_align_end_ins_code    ? 
_struct_ref_seq.pdbx_auth_seq_align_beg       2647 
_struct_ref_seq.pdbx_auth_seq_align_end       2673 
# 
loop_
_chem_comp.id 
_chem_comp.type 
_chem_comp.mon_nstd_flag 
_chem_comp.name 
_chem_comp.pdbx_synonyms 
_chem_comp.formula 
_chem_comp.formula_weight 
6FC 'RNA linking' . "2'-trifluoromethylthio-2'-deoxycytidine" ? 'C10 H15 F3 N3 O7 P S' 409.276 
A   'RNA linking' y "ADENOSINE-5'-MONOPHOSPHATE"              ? 'C10 H14 N5 O7 P'      347.221 
C   'RNA linking' y "CYTIDINE-5'-MONOPHOSPHATE"               ? 'C9 H14 N3 O8 P'       323.197 
G   'RNA linking' y "GUANOSINE-5'-MONOPHOSPHATE"              ? 'C10 H14 N5 O8 P'      363.221 
HOH non-polymer   . WATER                                     ? 'H2 O'                 18.015  
SO4 non-polymer   . 'SULFATE ION'                             ? 'O4 S -2'              96.063  
U   'RNA linking' y "URIDINE-5'-MONOPHOSPHATE"                ? 'C9 H13 N2 O9 P'       324.181 
# 
_exptl.entry_id          4NLF 
_exptl.method            'X-RAY DIFFRACTION' 
_exptl.crystals_number   1 
# 
_exptl_crystal.id                    1 
_exptl_crystal.density_meas          ? 
_exptl_crystal.density_Matthews      1.96 
_exptl_crystal.density_percent_sol   37.09 
_exptl_crystal.description           ? 
_exptl_crystal.F_000                 ? 
_exptl_crystal.preparation           ? 
# 
_exptl_crystal_grow.crystal_id      1 
_exptl_crystal_grow.method          'VAPOR DIFFUSION, SITTING DROP' 
_exptl_crystal_grow.temp            293 
_exptl_crystal_grow.temp_details    ? 
_exptl_crystal_grow.pH              7.0 
_exptl_crystal_grow.pdbx_details    
;1:1 RNA (in 1.0 mM sodium EDTA, pH 8.0, 10 mM Tris, pH 8.0) to well solution (3.1 M ammonium sulfate, 50 mM potassium MOPS, 10 mM magnesium chloride, 10 mM manganese chloride), VAPOR DIFFUSION, SITTING DROP, temperature 293K
;
_exptl_crystal_grow.pdbx_pH_range   ? 
# 
_diffrn.id                     1 
_diffrn.ambient_temp           100 
_diffrn.ambient_temp_details   ? 
_diffrn.crystal_id             1 
# 
_diffrn_detector.diffrn_id              1 
_diffrn_detector.detector               PIXEL 
_diffrn_detector.type                   'DECTRIS PILATUS 2M-F' 
_diffrn_detector.pdbx_collection_date   2013-03-28 
_diffrn_detector.details                ? 
# 
_diffrn_radiation.diffrn_id                        1 
_diffrn_radiation.wavelength_id                    1 
_diffrn_radiation.pdbx_monochromatic_or_laue_m_l   M 
_diffrn_radiation.monochromator                    'Si(111)' 
_diffrn_radiation.pdbx_diffrn_protocol             'SINGLE WAVELENGTH' 
_diffrn_radiation.pdbx_scattering_type             x-ray 
# 
_diffrn_radiation_wavelength.id           1 
_diffrn_radiation_wavelength.wavelength   0.708 
_diffrn_radiation_wavelength.wt           1.0 
# 
_diffrn_source.diffrn_id                   1 
_diffrn_source.source                      SYNCHROTRON 
_diffrn_source.type                        'SLS BEAMLINE X06DA' 
_diffrn_source.pdbx_synchrotron_site       SLS 
_diffrn_source.pdbx_synchrotron_beamline   X06DA 
_diffrn_source.pdbx_wavelength             ? 
_diffrn_source.pdbx_wavelength_list        0.708 
# 
_reflns.entry_id                     4NLF 
_reflns.observed_criterion_sigma_I   -3 
_reflns.observed_criterion_sigma_F   -3 
_reflns.d_resolution_low             30.0 
_reflns.d_resolution_high            1.00 
_reflns.number_obs                   69037 
_reflns.number_all                   72332 
_reflns.percent_possible_obs         95.4 
_reflns.pdbx_Rmerge_I_obs            0.031 
_reflns.pdbx_Rsym_value              ? 
_reflns.pdbx_netI_over_sigmaI        38.78 
_reflns.B_iso_Wilson_estimate        ? 
_reflns.pdbx_redundancy              5.7 
_reflns.R_free_details               ? 
_reflns.limit_h_max                  ? 
_reflns.limit_h_min                  ? 
_reflns.limit_k_max                  ? 
_reflns.limit_k_min                  ? 
_reflns.limit_l_max                  ? 
_reflns.limit_l_min                  ? 
_reflns.observed_criterion_F_max     ? 
_reflns.observed_criterion_F_min     ? 
_reflns.pdbx_chi_squared             ? 
_reflns.pdbx_scaling_rejects         ? 
_reflns.pdbx_ordinal                 1 
_reflns.pdbx_diffrn_id               1 
# 
_reflns_shell.d_res_high             1.00 
_reflns_shell.d_res_low              1.03 
_reflns_shell.percent_possible_all   91.2 
_reflns_shell.Rmerge_I_obs           0.093 
_reflns_shell.pdbx_Rsym_value        ? 
_reflns_shell.meanI_over_sigI_obs    15.8 
_reflns_shell.pdbx_redundancy        5 
_reflns_shell.percent_possible_obs   ? 
_reflns_shell.number_unique_all      5324 
_reflns_shell.number_measured_all    ? 
_reflns_shell.number_measured_obs    ? 
_reflns_shell.number_unique_obs      ? 
_reflns_shell.pdbx_chi_squared       ? 
_reflns_shell.pdbx_ordinal           1 
_reflns_shell.pdbx_diffrn_id         1 
# 
_refine.entry_id                                 4NLF 
_refine.ls_number_reflns_obs                     35121 
_refine.ls_number_reflns_all                     36830 
_refine.pdbx_ls_sigma_I                          ? 
_refine.pdbx_ls_sigma_F                          2.04 
_refine.pdbx_data_cutoff_high_absF               ? 
_refine.pdbx_data_cutoff_low_absF                ? 
_refine.pdbx_data_cutoff_high_rms_absF           ? 
_refine.ls_d_res_low                             29.166 
_refine.ls_d_res_high                            1.000 
_refine.ls_percent_reflns_obs                    95.36 
_refine.ls_R_factor_obs                          0.0991 
_refine.ls_R_factor_all                          ? 
_refine.ls_R_factor_R_work                       0.0985 
_refine.ls_R_factor_R_free                       0.1163 
_refine.ls_R_factor_R_free_error                 ? 
_refine.ls_R_factor_R_free_error_details         ? 
_refine.ls_percent_reflns_R_free                 3.43 
_refine.ls_number_reflns_R_free                  1204 
_refine.ls_number_parameters                     ? 
_refine.ls_number_restraints                     ? 
_refine.occupancy_min                            ? 
_refine.occupancy_max                            ? 
_refine.correlation_coeff_Fo_to_Fc               ? 
_refine.correlation_coeff_Fo_to_Fc_free          ? 
_refine.B_iso_mean                               ? 
_refine.aniso_B[1][1]                            ? 
_refine.aniso_B[2][2]                            ? 
_refine.aniso_B[3][3]                            ? 
_refine.aniso_B[1][2]                            ? 
_refine.aniso_B[1][3]                            ? 
_refine.aniso_B[2][3]                            ? 
_refine.solvent_model_details                    'FLAT BULK SOLVENT MODEL' 
_refine.solvent_model_param_ksol                 ? 
_refine.solvent_model_param_bsol                 ? 
_refine.pdbx_solvent_vdw_probe_radii             0.50 
_refine.pdbx_solvent_ion_probe_radii             ? 
_refine.pdbx_solvent_shrinkage_radii             0.40 
_refine.pdbx_ls_cross_valid_method               ? 
_refine.details                                  ? 
_refine.pdbx_starting_model                      'PDB ENTRY 3DVZ' 
_refine.pdbx_method_to_determine_struct          'MOLECULAR REPLACEMENT' 
_refine.pdbx_isotropic_thermal_model             ? 
_refine.pdbx_stereochemistry_target_values       ML 
_refine.pdbx_stereochem_target_val_spec_case     ? 
_refine.pdbx_R_Free_selection_details            RANDOM 
_refine.pdbx_overall_ESU_R                       ? 
_refine.pdbx_overall_ESU_R_Free                  ? 
_refine.overall_SU_ML                            0.03 
_refine.pdbx_overall_phase_error                 8.53 
_refine.overall_SU_B                             ? 
_refine.overall_SU_R_Cruickshank_DPI             ? 
_refine.ls_redundancy_reflns_obs                 ? 
_refine.B_iso_min                                ? 
_refine.B_iso_max                                ? 
_refine.overall_SU_R_free                        ? 
_refine.ls_wR_factor_R_free                      ? 
_refine.ls_wR_factor_R_work                      ? 
_refine.overall_FOM_free_R_set                   ? 
_refine.overall_FOM_work_R_set                   ? 
_refine.pdbx_diffrn_id                           1 
_refine.pdbx_refine_id                           'X-RAY DIFFRACTION' 
_refine.pdbx_TLS_residual_ADP_flag               ? 
_refine.pdbx_overall_SU_R_free_Cruickshank_DPI   ? 
_refine.pdbx_overall_SU_R_Blow_DPI               ? 
_refine.pdbx_overall_SU_R_free_Blow_DPI          ? 
# 
_refine_hist.pdbx_refine_id                   'X-RAY DIFFRACTION' 
_refine_hist.cycle_id                         LAST 
_refine_hist.pdbx_number_atoms_protein        0 
_refine_hist.pdbx_number_atoms_nucleic_acid   583 
_refine_hist.pdbx_number_atoms_ligand         5 
_refine_hist.number_atoms_solvent             183 
_refine_hist.number_atoms_total               771 
_refine_hist.d_res_high                       1.000 
_refine_hist.d_res_low                        29.166 
# 
loop_
_refine_ls_restr.type 
_refine_ls_restr.dev_ideal 
_refine_ls_restr.dev_ideal_target 
_refine_ls_restr.weight 
_refine_ls_restr.number 
_refine_ls_restr.pdbx_restraint_function 
_refine_ls_restr.pdbx_refine_id 
f_bond_d           0.008  ? ? 671  ? 'X-RAY DIFFRACTION' 
f_angle_d          1.523  ? ? 1051 ? 'X-RAY DIFFRACTION' 
f_dihedral_angle_d 13.763 ? ? 332  ? 'X-RAY DIFFRACTION' 
f_chiral_restr     0.065  ? ? 138  ? 'X-RAY DIFFRACTION' 
f_plane_restr      0.028  ? ? 28   ? 'X-RAY DIFFRACTION' 
# 
loop_
_refine_ls_shell.pdbx_total_number_of_bins_used 
_refine_ls_shell.d_res_high 
_refine_ls_shell.d_res_low 
_refine_ls_shell.number_reflns_R_work 
_refine_ls_shell.R_factor_R_work 
_refine_ls_shell.percent_reflns_obs 
_refine_ls_shell.R_factor_R_free 
_refine_ls_shell.R_factor_R_free_error 
_refine_ls_shell.percent_reflns_R_free 
_refine_ls_shell.number_reflns_R_free 
_refine_ls_shell.number_reflns_all 
_refine_ls_shell.R_factor_all 
_refine_ls_shell.number_reflns_obs 
_refine_ls_shell.redundancy_reflns_obs 
_refine_ls_shell.pdbx_refine_id 
. 1.0000 1.0400  3605 0.0799 92.00 0.0935 . . 125 . . . . 'X-RAY DIFFRACTION' 
. 1.0400 1.0874  3642 0.0729 93.00 0.0938 . . 138 . . . . 'X-RAY DIFFRACTION' 
. 1.0874 1.1447  3709 0.0741 94.00 0.0947 . . 126 . . . . 'X-RAY DIFFRACTION' 
. 1.1447 1.2164  3711 0.0744 95.00 0.0887 . . 139 . . . . 'X-RAY DIFFRACTION' 
. 1.2164 1.3104  3770 0.0754 95.00 0.0863 . . 131 . . . . 'X-RAY DIFFRACTION' 
. 1.3104 1.4422  3788 0.0846 96.00 0.1093 . . 135 . . . . 'X-RAY DIFFRACTION' 
. 1.4422 1.6509  3836 0.0872 97.00 0.1016 . . 134 . . . . 'X-RAY DIFFRACTION' 
. 1.6509 2.0799  3876 0.1012 98.00 0.1117 . . 135 . . . . 'X-RAY DIFFRACTION' 
. 2.0799 29.1786 3980 0.1290 99.00 0.1556 . . 141 . . . . 'X-RAY DIFFRACTION' 
# 
_struct.entry_id                  4NLF 
_struct.title                     
;2'-trifluoromethylthio-2'-deoxycytidine-modified SRL
;
_struct.pdbx_model_details        ? 
_struct.pdbx_CASP_flag            ? 
_struct.pdbx_model_type_details   ? 
# 
_struct_keywords.entry_id        4NLF 
_struct_keywords.pdbx_keywords   RNA 
_struct_keywords.text            'RNA Hairpin, structural, RNA' 
# 
loop_
_struct_asym.id 
_struct_asym.pdbx_blank_PDB_chainid_flag 
_struct_asym.pdbx_modified 
_struct_asym.entity_id 
_struct_asym.details 
A N N 1 ? 
B N N 2 ? 
C N N 3 ? 
# 
_struct_biol.id        1 
_struct_biol.details   ? 
# 
loop_
_struct_conn.id 
_struct_conn.conn_type_id 
_struct_conn.pdbx_leaving_atom_flag 
_struct_conn.pdbx_PDB_id 
_struct_conn.ptnr1_label_asym_id 
_struct_conn.ptnr1_label_comp_id 
_struct_conn.ptnr1_label_seq_id 
_struct_conn.ptnr1_label_atom_id 
_struct_conn.pdbx_ptnr1_label_alt_id 
_struct_conn.pdbx_ptnr1_PDB_ins_code 
_struct_conn.pdbx_ptnr1_standard_comp_id 
_struct_conn.ptnr1_symmetry 
_struct_conn.ptnr2_label_asym_id 
_struct_conn.ptnr2_label_comp_id 
_struct_conn.ptnr2_label_seq_id 
_struct_conn.ptnr2_label_atom_id 
_struct_conn.pdbx_ptnr2_label_alt_id 
_struct_conn.pdbx_ptnr2_PDB_ins_code 
_struct_conn.ptnr1_auth_asym_id 
_struct_conn.ptnr1_auth_comp_id 
_struct_conn.ptnr1_auth_seq_id 
_struct_conn.ptnr2_auth_asym_id 
_struct_conn.ptnr2_auth_comp_id 
_struct_conn.ptnr2_auth_seq_id 
_struct_conn.ptnr2_symmetry 
_struct_conn.pdbx_ptnr3_label_atom_id 
_struct_conn.pdbx_ptnr3_label_seq_id 
_struct_conn.pdbx_ptnr3_label_comp_id 
_struct_conn.pdbx_ptnr3_label_asym_id 
_struct_conn.pdbx_ptnr3_label_alt_id 
_struct_conn.pdbx_ptnr3_PDB_ins_code 
_struct_conn.details 
_struct_conn.pdbx_dist_value 
_struct_conn.pdbx_value_order 
_struct_conn.pdbx_role 
covale1  covale both ? A C   20 "O3'" ? ? ? 1_555 A 6FC 21 P  ? ? A C   2666 A 6FC 2667 1_555 ? ? ? ? ? ? ?                    
1.601 ? ? 
covale2  covale one  ? A 6FC 21 "O3'" ? ? ? 1_555 A G   22 P  ? ? A 6FC 2667 A G   2668 1_555 ? ? ? ? ? ? ?                    
1.608 ? ? 
hydrog1  hydrog ?    ? A G   2  N1    ? ? ? 1_555 A U   26 O2 ? ? A G   2648 A U   2672 1_555 ? ? ? ? ? ? TYPE_28_PAIR         ? ? 
? 
hydrog2  hydrog ?    ? A G   2  O6    ? ? ? 1_555 A U   26 N3 ? ? A G   2648 A U   2672 1_555 ? ? ? ? ? ? TYPE_28_PAIR         ? ? 
? 
hydrog3  hydrog ?    ? A C   3  N3    ? ? ? 1_555 A G   25 N1 ? ? A C   2649 A G   2671 1_555 ? ? ? ? ? ? WATSON-CRICK         ? ? 
? 
hydrog4  hydrog ?    ? A C   3  N4    ? ? ? 1_555 A G   25 O6 ? ? A C   2649 A G   2671 1_555 ? ? ? ? ? ? WATSON-CRICK         ? ? 
? 
hydrog5  hydrog ?    ? A C   3  O2    ? ? ? 1_555 A G   25 N2 ? ? A C   2649 A G   2671 1_555 ? ? ? ? ? ? WATSON-CRICK         ? ? 
? 
hydrog6  hydrog ?    ? A U   4  N3    ? ? ? 1_555 A A   24 N1 ? ? A U   2650 A A   2670 1_555 ? ? ? ? ? ? WATSON-CRICK         ? ? 
? 
hydrog7  hydrog ?    ? A U   4  O4    ? ? ? 1_555 A A   24 N6 ? ? A U   2650 A A   2670 1_555 ? ? ? ? ? ? WATSON-CRICK         ? ? 
? 
hydrog8  hydrog ?    ? A C   5  N3    ? ? ? 1_555 A G   23 N1 ? ? A C   2651 A G   2669 1_555 ? ? ? ? ? ? WATSON-CRICK         ? ? 
? 
hydrog9  hydrog ?    ? A C   5  N4    ? ? ? 1_555 A G   23 O6 ? ? A C   2651 A G   2669 1_555 ? ? ? ? ? ? WATSON-CRICK         ? ? 
? 
hydrog10 hydrog ?    ? A C   5  O2    ? ? ? 1_555 A G   23 N2 ? ? A C   2651 A G   2669 1_555 ? ? ? ? ? ? WATSON-CRICK         ? ? 
? 
hydrog11 hydrog ?    ? A C   6  N3    ? ? ? 1_555 A G   22 N1 ? ? A C   2652 A G   2668 1_555 ? ? ? ? ? ? WATSON-CRICK         ? ? 
? 
hydrog12 hydrog ?    ? A C   6  N4    ? ? ? 1_555 A G   22 O6 ? ? A C   2652 A G   2668 1_555 ? ? ? ? ? ? WATSON-CRICK         ? ? 
? 
hydrog13 hydrog ?    ? A C   6  O2    ? ? ? 1_555 A G   22 N2 ? ? A C   2652 A G   2668 1_555 ? ? ? ? ? ? WATSON-CRICK         ? ? 
? 
hydrog14 hydrog ?    ? A G   9  N2    ? ? ? 1_555 A U   10 O4 ? ? A G   2655 A U   2656 1_555 ? ? ? ? ? ? 'G-U MISPAIR'        ? ? 
? 
hydrog15 hydrog ?    ? A U   10 N3    ? ? ? 1_555 A A   19 N7 ? ? A U   2656 A A   2665 1_555 ? ? ? ? ? ? 'REVERSED HOOGSTEEN' ? ? 
? 
hydrog16 hydrog ?    ? A U   10 O2    ? ? ? 1_555 A A   19 N6 ? ? A U   2656 A A   2665 1_555 ? ? ? ? ? ? 'REVERSED HOOGSTEEN' ? ? 
? 
hydrog17 hydrog ?    ? A A   11 N6    ? ? ? 1_555 A G   18 N3 ? ? A A   2657 A G   2664 1_555 ? ? ? ? ? ? TYPE_11_PAIR         ? ? 
? 
hydrog18 hydrog ?    ? A A   11 N7    ? ? ? 1_555 A G   18 N2 ? ? A A   2657 A G   2664 1_555 ? ? ? ? ? ? TYPE_11_PAIR         ? ? 
? 
hydrog19 hydrog ?    ? A C   12 N3    ? ? ? 1_555 A G   17 N1 ? ? A C   2658 A G   2663 1_555 ? ? ? ? ? ? WATSON-CRICK         ? ? 
? 
hydrog20 hydrog ?    ? A C   12 N4    ? ? ? 1_555 A G   17 O6 ? ? A C   2658 A G   2663 1_555 ? ? ? ? ? ? WATSON-CRICK         ? ? 
? 
hydrog21 hydrog ?    ? A C   12 O2    ? ? ? 1_555 A G   17 N2 ? ? A C   2658 A G   2663 1_555 ? ? ? ? ? ? WATSON-CRICK         ? ? 
? 
hydrog22 hydrog ?    ? A G   13 N2    ? ? ? 1_555 A A   16 N7 ? ? A G   2659 A A   2662 1_555 ? ? ? ? ? ? 'G-A MISPAIR'        ? ? 
? 
# 
loop_
_struct_conn_type.id 
_struct_conn_type.criteria 
_struct_conn_type.reference 
covale ? ? 
hydrog ? ? 
# 
_struct_site.id                   AC1 
_struct_site.pdbx_evidence_code   Software 
_struct_site.pdbx_auth_asym_id    A 
_struct_site.pdbx_auth_comp_id    SO4 
_struct_site.pdbx_auth_seq_id     2701 
_struct_site.pdbx_auth_ins_code   ? 
_struct_site.pdbx_num_residues    5 
_struct_site.details              'BINDING SITE FOR RESIDUE SO4 A 2701' 
# 
loop_
_struct_site_gen.id 
_struct_site_gen.site_id 
_struct_site_gen.pdbx_num_res 
_struct_site_gen.label_comp_id 
_struct_site_gen.label_asym_id 
_struct_site_gen.label_seq_id 
_struct_site_gen.pdbx_auth_ins_code 
_struct_site_gen.auth_comp_id 
_struct_site_gen.auth_asym_id 
_struct_site_gen.auth_seq_id 
_struct_site_gen.label_atom_id 
_struct_site_gen.label_alt_id 
_struct_site_gen.symmetry 
_struct_site_gen.details 
1 AC1 5 C   A 5 ? C   A 2651 . ? 1_555 ? 
2 AC1 5 C   A 6 ? C   A 2652 . ? 1_555 ? 
3 AC1 5 HOH C . ? HOH A 2823 . ? 1_655 ? 
4 AC1 5 HOH C . ? HOH A 2844 . ? 1_555 ? 
5 AC1 5 HOH C . ? HOH A 2875 . ? 1_655 ? 
# 
_atom_sites.entry_id                    4NLF 
_atom_sites.fract_transf_matrix[1][1]   0.01531734 
_atom_sites.fract_transf_matrix[1][2]   0.02356303 
_atom_sites.fract_transf_matrix[1][3]   0.01963983 
_atom_sites.fract_transf_matrix[2][1]   -0.00331118 
_atom_sites.fract_transf_matrix[2][2]   0.01727631 
_atom_sites.fract_transf_matrix[2][3]   -0.01814495 
_atom_sites.fract_transf_matrix[3][1]   -0.02933913 
_atom_sites.fract_transf_matrix[3][2]   0.00858201 
_atom_sites.fract_transf_matrix[3][3]   0.01352512 
_atom_sites.fract_transf_vector[1]      0.462629 
_atom_sites.fract_transf_vector[2]      -0.003694 
_atom_sites.fract_transf_vector[3]      0.390331 
# 
loop_
_atom_type.symbol 
C 
F 
H 
N 
O 
P 
S 
# 
loop_
_atom_site.group_PDB 
_atom_site.id 
_atom_site.type_symbol 
_atom_site.label_atom_id 
_atom_site.label_alt_id 
_atom_site.label_comp_id 
_atom_site.label_asym_id 
_atom_site.label_entity_id 
_atom_site.label_seq_id 
_atom_site.pdbx_PDB_ins_code 
_atom_site.Cartn_x 
_atom_site.Cartn_y 
_atom_site.Cartn_z 
_atom_site.occupancy 
_atom_site.B_iso_or_equiv 
_atom_site.pdbx_formal_charge 
_atom_site.auth_seq_id 
_atom_site.auth_comp_id 
_atom_site.auth_asym_id 
_atom_site.auth_atom_id 
_atom_site.pdbx_PDB_model_num 
ATOM   1    O "O5'"  . U   A 1 1  ? 17.819  1.166   -10.502 1.00 16.82 ? 2647 U   A "O5'"  1 
ATOM   2    C "C5'"  . U   A 1 1  ? 17.949  0.443   -9.280  1.00 15.08 ? 2647 U   A "C5'"  1 
ATOM   3    C "C4'"  . U   A 1 1  ? 17.354  1.189   -8.104  1.00 13.11 ? 2647 U   A "C4'"  1 
ATOM   4    O "O4'"  . U   A 1 1  ? 18.189  2.341   -7.772  1.00 12.66 ? 2647 U   A "O4'"  1 
ATOM   5    C "C3'"  . U   A 1 1  ? 15.953  1.734   -8.332  1.00 11.36 ? 2647 U   A "C3'"  1 
ATOM   6    O "O3'"  . U   A 1 1  ? 15.184  1.684   -7.121  1.00 10.94 ? 2647 U   A "O3'"  1 
ATOM   7    C "C2'"  . U   A 1 1  ? 16.228  3.180   -8.719  1.00 10.48 ? 2647 U   A "C2'"  1 
ATOM   8    O "O2'"  . U   A 1 1  ? 15.151  4.044   -8.495  1.00 11.41 ? 2647 U   A "O2'"  1 
ATOM   9    C "C1'"  . U   A 1 1  ? 17.413  3.521   -7.830  1.00 10.51 ? 2647 U   A "C1'"  1 
ATOM   10   N N1     . U   A 1 1  ? 18.249  4.618   -8.336  1.00 10.85 ? 2647 U   A N1     1 
ATOM   11   C C2     . U   A 1 1  ? 18.159  5.874   -7.733  1.00 10.41 ? 2647 U   A C2     1 
ATOM   12   O O2     . U   A 1 1  ? 17.417  6.130   -6.801  1.00 11.54 ? 2647 U   A O2     1 
ATOM   13   N N3     . U   A 1 1  ? 18.976  6.827   -8.271  1.00 11.79 ? 2647 U   A N3     1 
ATOM   14   C C4     . U   A 1 1  ? 19.847  6.665   -9.324  1.00 12.79 ? 2647 U   A C4     1 
ATOM   15   O O4     . U   A 1 1  ? 20.520  7.633   -9.696  1.00 14.13 ? 2647 U   A O4     1 
ATOM   16   C C5     . U   A 1 1  ? 19.884  5.358   -9.897  1.00 13.00 ? 2647 U   A C5     1 
ATOM   17   C C6     . U   A 1 1  ? 19.106  4.398   -9.384  1.00 12.43 ? 2647 U   A C6     1 
ATOM   18   H "H5'"  . U   A 1 1  ? 18.890  0.284   -9.107  1.00 18.10 ? 2647 U   A "H5'"  1 
ATOM   19   H "H5''" . U   A 1 1  ? 17.498  -0.411  -9.371  1.00 18.10 ? 2647 U   A "H5''" 1 
ATOM   20   H "H4'"  . U   A 1 1  ? 17.332  0.592   -7.339  1.00 15.73 ? 2647 U   A "H4'"  1 
ATOM   21   H "H3'"  . U   A 1 1  ? 15.507  1.260   -9.051  1.00 13.63 ? 2647 U   A "H3'"  1 
ATOM   22   H "H2'"  . U   A 1 1  ? 16.496  3.223   -9.651  1.00 12.57 ? 2647 U   A "H2'"  1 
ATOM   23   H "HO2'" . U   A 1 1  ? 14.516  3.828   -9.001  1.00 13.69 ? 2647 U   A "HO2'" 1 
ATOM   24   H "H1'"  . U   A 1 1  ? 17.095  3.742   -6.940  1.00 12.61 ? 2647 U   A "H1'"  1 
ATOM   25   H H3     . U   A 1 1  ? 18.938  7.611   -7.920  1.00 14.15 ? 2647 U   A H3     1 
ATOM   26   H H5     . U   A 1 1  ? 20.455  5.172   -10.606 1.00 15.60 ? 2647 U   A H5     1 
ATOM   27   H H6     . U   A 1 1  ? 19.137  3.550   -9.764  1.00 14.92 ? 2647 U   A H6     1 
ATOM   28   H "HO5'" . U   A 1 1  ? 18.093  2.106   -10.548 1.00 20.19 ? 2647 U   A "HO5'" 1 
ATOM   29   P P      . G   A 1 2  ? 13.646  1.191   -7.100  1.00 9.46  ? 2648 G   A P      1 
ATOM   30   O OP1    . G   A 1 2  ? 13.126  1.102   -8.484  1.00 9.56  ? 2648 G   A OP1    1 
ATOM   31   O OP2    . G   A 1 2  ? 12.971  2.047   -6.091  1.00 12.92 ? 2648 G   A OP2    1 
ATOM   32   O "O5'"  . G   A 1 2  ? 13.745  -0.244  -6.437  1.00 9.05  ? 2648 G   A "O5'"  1 
ATOM   33   C "C5'"  . G   A 1 2  ? 14.322  -1.328  -7.145  1.00 8.32  ? 2648 G   A "C5'"  1 
ATOM   34   C "C4'"  . G   A 1 2  ? 15.014  -2.269  -6.205  1.00 6.89  ? 2648 G   A "C4'"  1 
ATOM   35   O "O4'"  . G   A 1 2  ? 16.068  -1.570  -5.512  1.00 7.15  ? 2648 G   A "O4'"  1 
ATOM   36   C "C3'"  . G   A 1 2  ? 14.181  -2.867  -5.091  1.00 6.18  ? 2648 G   A "C3'"  1 
ATOM   37   O "O3'"  . G   A 1 2  ? 13.460  -3.985  -5.545  1.00 7.37  ? 2648 G   A "O3'"  1 
ATOM   38   C "C2'"  . G   A 1 2  ? 15.242  -3.242  -4.076  1.00 6.32  ? 2648 G   A "C2'"  1 
ATOM   39   O "O2'"  . G   A 1 2  ? 15.947  -4.395  -4.518  1.00 7.22  ? 2648 G   A "O2'"  1 
ATOM   40   C "C1'"  . G   A 1 2  ? 16.175  -2.059  -4.195  1.00 6.33  ? 2648 G   A "C1'"  1 
ATOM   41   N N9     . G   A 1 2  ? 15.853  -0.963  -3.265  1.00 6.28  ? 2648 G   A N9     1 
ATOM   42   C C8     . G   A 1 2  ? 15.418  0.294   -3.591  1.00 6.43  ? 2648 G   A C8     1 
ATOM   43   N N7     . G   A 1 2  ? 15.309  1.090   -2.558  1.00 6.52  ? 2648 G   A N7     1 
ATOM   44   C C5     . G   A 1 2  ? 15.714  0.304   -1.490  1.00 5.86  ? 2648 G   A C5     1 
ATOM   45   C C6     . G   A 1 2  ? 15.844  0.611   -0.123  1.00 5.86  ? 2648 G   A C6     1 
ATOM   46   O O6     . G   A 1 2  ? 15.630  1.681   0.451   1.00 6.26  ? 2648 G   A O6     1 
ATOM   47   N N1     . G   A 1 2  ? 16.299  -0.487  0.601   1.00 6.08  ? 2648 G   A N1     1 
ATOM   48   C C2     . G   A 1 2  ? 16.614  -1.713  0.071   1.00 6.34  ? 2648 G   A C2     1 
ATOM   49   N N2     . G   A 1 2  ? 17.049  -2.625  0.943   1.00 7.35  ? 2648 G   A N2     1 
ATOM   50   N N3     . G   A 1 2  ? 16.515  -2.004  -1.207  1.00 6.18  ? 2648 G   A N3     1 
ATOM   51   C C4     . G   A 1 2  ? 16.062  -0.958  -1.917  1.00 5.91  ? 2648 G   A C4     1 
ATOM   52   H "H5'"  . G   A 1 2  ? 14.966  -0.986  -7.784  1.00 9.98  ? 2648 G   A "H5'"  1 
ATOM   53   H "H5''" . G   A 1 2  ? 13.625  -1.807  -7.619  1.00 9.98  ? 2648 G   A "H5''" 1 
ATOM   54   H "H4'"  . G   A 1 2  ? 15.407  -2.991  -6.722  1.00 8.27  ? 2648 G   A "H4'"  1 
ATOM   55   H "H3'"  . G   A 1 2  ? 13.581  -2.201  -4.722  1.00 7.41  ? 2648 G   A "H3'"  1 
ATOM   56   H "H2'"  . G   A 1 2  ? 14.882  -3.340  -3.180  1.00 7.58  ? 2648 G   A "H2'"  1 
ATOM   57   H "HO2'" . G   A 1 2  ? 15.999  -4.943  -3.884  1.00 8.66  ? 2648 G   A "HO2'" 1 
ATOM   58   H "H1'"  . G   A 1 2  ? 17.086  -2.355  -4.037  1.00 7.59  ? 2648 G   A "H1'"  1 
ATOM   59   H H8     . G   A 1 2  ? 15.216  0.555   -4.460  1.00 7.71  ? 2648 G   A H8     1 
ATOM   60   H H1     . G   A 1 2  ? 16.396  -0.388  1.449   1.00 7.30  ? 2648 G   A H1     1 
ATOM   61   H H21    . G   A 1 2  ? 17.110  -2.427  1.777   1.00 8.82  ? 2648 G   A H21    1 
ATOM   62   H H22    . G   A 1 2  ? 17.267  -3.411  0.670   1.00 8.82  ? 2648 G   A H22    1 
ATOM   63   P P      . C   A 1 3  ? 11.962  -4.239  -5.094  1.00 8.01  ? 2649 C   A P      1 
ATOM   64   O OP1    . C   A 1 3  ? 11.569  -5.497  -5.791  1.00 9.33  ? 2649 C   A OP1    1 
ATOM   65   O OP2    . C   A 1 3  ? 11.188  -3.012  -5.281  1.00 9.53  ? 2649 C   A OP2    1 
ATOM   66   O "O5'"  . C   A 1 3  ? 12.024  -4.455  -3.528  1.00 7.35  ? 2649 C   A "O5'"  1 
ATOM   67   C "C5'"  . C   A 1 3  ? 12.614  -5.644  -3.063  1.00 7.07  ? 2649 C   A "C5'"  1 
ATOM   68   C "C4'"  . C   A 1 3  ? 12.921  -5.571  -1.602  1.00 6.67  ? 2649 C   A "C4'"  1 
ATOM   69   O "O4'"  . C   A 1 3  ? 13.840  -4.488  -1.319  1.00 6.70  ? 2649 C   A "O4'"  1 
ATOM   70   C "C3'"  . C   A 1 3  ? 11.764  -5.301  -0.661  1.00 6.22  ? 2649 C   A "C3'"  1 
ATOM   71   O "O3'"  . C   A 1 3  ? 10.952  -6.449  -0.500  1.00 6.33  ? 2649 C   A "O3'"  1 
ATOM   72   C "C2'"  . C   A 1 3  ? 12.505  -4.878  0.596   1.00 6.40  ? 2649 C   A "C2'"  1 
ATOM   73   O "O2'"  . C   A 1 3  ? 13.119  -6.015  1.195   1.00 7.33  ? 2649 C   A "O2'"  1 
ATOM   74   C "C1'"  . C   A 1 3  ? 13.577  -3.994  -0.015  1.00 6.39  ? 2649 C   A "C1'"  1 
ATOM   75   N N1     . C   A 1 3  ? 13.172  -2.569  -0.102  1.00 6.14  ? 2649 C   A N1     1 
ATOM   76   C C2     . C   A 1 3  ? 13.282  -1.797  1.054   1.00 5.78  ? 2649 C   A C2     1 
ATOM   77   O O2     . C   A 1 3  ? 13.628  -2.370  2.097   1.00 6.28  ? 2649 C   A O2     1 
ATOM   78   N N3     . C   A 1 3  ? 12.984  -0.484  1.004   1.00 5.84  ? 2649 C   A N3     1 
ATOM   79   C C4     . C   A 1 3  ? 12.577  0.061   -0.133  1.00 6.18  ? 2649 C   A C4     1 
ATOM   80   N N4     . C   A 1 3  ? 12.323  1.365   -0.135  1.00 6.95  ? 2649 C   A N4     1 
ATOM   81   C C5     . C   A 1 3  ? 12.431  -0.706  -1.322  1.00 6.80  ? 2649 C   A C5     1 
ATOM   82   C C6     . C   A 1 3  ? 12.743  -2.005  -1.276  1.00 6.51  ? 2649 C   A C6     1 
ATOM   83   H "H5'"  . C   A 1 3  ? 13.437  -5.801  -3.552  1.00 8.48  ? 2649 C   A "H5'"  1 
ATOM   84   H "H5''" . C   A 1 3  ? 12.006  -6.383  -3.222  1.00 8.48  ? 2649 C   A "H5''" 1 
ATOM   85   H "H4'"  . C   A 1 3  ? 13.340  -6.404  -1.338  1.00 8.00  ? 2649 C   A "H4'"  1 
ATOM   86   H "H3'"  . C   A 1 3  ? 11.232  -4.563  -0.996  1.00 7.46  ? 2649 C   A "H3'"  1 
ATOM   87   H "H2'"  . C   A 1 3  ? 11.936  -4.392  1.212   1.00 7.68  ? 2649 C   A "H2'"  1 
ATOM   88   H "HO2'" . C   A 1 3  ? 13.950  -5.964  1.089   1.00 8.79  ? 2649 C   A "HO2'" 1 
ATOM   89   H "H1'"  . C   A 1 3  ? 14.385  -4.062  0.518   1.00 7.67  ? 2649 C   A "H1'"  1 
ATOM   90   H H41    . C   A 1 3  ? 12.057  1.751   -0.855  1.00 8.35  ? 2649 C   A H41    1 
ATOM   91   H H42    . C   A 1 3  ? 12.425  1.824   0.586   1.00 8.35  ? 2649 C   A H42    1 
ATOM   92   H H5     . C   A 1 3  ? 12.180  -0.303  -2.122  1.00 8.16  ? 2649 C   A H5     1 
ATOM   93   H H6     . C   A 1 3  ? 12.698  -2.521  -2.049  1.00 7.81  ? 2649 C   A H6     1 
ATOM   94   P P      . U   A 1 4  ? 9.435   -6.325  0.004   1.00 6.79  ? 2650 U   A P      1 
ATOM   95   O OP1    . U   A 1 4  ? 8.877   -7.693  -0.097  1.00 8.46  ? 2650 U   A OP1    1 
ATOM   96   O OP2    . U   A 1 4  ? 8.762   -5.197  -0.676  1.00 7.79  ? 2650 U   A OP2    1 
ATOM   97   O "O5'"  . U   A 1 4  ? 9.555   -5.872  1.527   1.00 6.49  ? 2650 U   A "O5'"  1 
ATOM   98   C "C5'"  . U   A 1 4  ? 10.050  -6.762  2.515   1.00 6.37  ? 2650 U   A "C5'"  1 
ATOM   99   C "C4'"  . U   A 1 4  ? 10.065  -6.078  3.853   1.00 6.21  ? 2650 U   A "C4'"  1 
ATOM   100  O "O4'"  . U   A 1 4  ? 10.950  -4.936  3.823   1.00 5.95  ? 2650 U   A "O4'"  1 
ATOM   101  C "C3'"  . U   A 1 4  ? 8.752   -5.469  4.304   1.00 5.96  ? 2650 U   A "C3'"  1 
ATOM   102  O "O3'"  . U   A 1 4  ? 7.851   -6.444  4.770   1.00 6.78  ? 2650 U   A "O3'"  1 
ATOM   103  C "C2'"  . U   A 1 4  ? 9.212   -4.507  5.370   1.00 5.62  ? 2650 U   A "C2'"  1 
ATOM   104  O "O2'"  . U   A 1 4  ? 9.599   -5.261  6.512   1.00 6.69  ? 2650 U   A "O2'"  1 
ATOM   105  C "C1'"  . U   A 1 4  ? 10.440  -3.934  4.692   1.00 5.36  ? 2650 U   A "C1'"  1 
ATOM   106  N N1     . U   A 1 4  ? 10.166  -2.717  3.898   1.00 4.89  ? 2650 U   A N1     1 
ATOM   107  C C2     . U   A 1 4  ? 10.091  -1.533  4.602   1.00 4.80  ? 2650 U   A C2     1 
ATOM   108  O O2     . U   A 1 4  ? 10.107  -1.499  5.819   1.00 5.60  ? 2650 U   A O2     1 
ATOM   109  N N3     . U   A 1 4  ? 9.959   -0.410  3.827   1.00 4.92  ? 2650 U   A N3     1 
ATOM   110  C C4     . U   A 1 4  ? 9.906   -0.352  2.454   1.00 4.96  ? 2650 U   A C4     1 
ATOM   111  O O4     . U   A 1 4  ? 9.831   0.742   1.886   1.00 5.60  ? 2650 U   A O4     1 
ATOM   112  C C5     . U   A 1 4  ? 9.941   -1.626  1.796   1.00 5.15  ? 2650 U   A C5     1 
ATOM   113  C C6     . U   A 1 4  ? 10.086  -2.731  2.535   1.00 5.17  ? 2650 U   A C6     1 
ATOM   114  H "H5'"  . U   A 1 4  ? 10.951  -7.034  2.281   1.00 7.65  ? 2650 U   A "H5'"  1 
ATOM   115  H "H5''" . U   A 1 4  ? 9.479   -7.544  2.559   1.00 7.65  ? 2650 U   A "H5''" 1 
ATOM   116  H "H4'"  . U   A 1 4  ? 10.374  -6.703  4.527   1.00 7.45  ? 2650 U   A "H4'"  1 
ATOM   117  H "H3'"  . U   A 1 4  ? 8.352   -4.977  3.571   1.00 7.15  ? 2650 U   A "H3'"  1 
ATOM   118  H "H2'"  . U   A 1 4  ? 8.547   -3.831  5.572   1.00 6.74  ? 2650 U   A "H2'"  1 
ATOM   119  H "HO2'" . U   A 1 4  ? 8.911   -5.574  6.879   1.00 8.03  ? 2650 U   A "HO2'" 1 
ATOM   120  H "H1'"  . U   A 1 4  ? 11.108  -3.729  5.365   1.00 6.43  ? 2650 U   A "H1'"  1 
ATOM   121  H H3     . U   A 1 4  ? 9.907   0.341   4.245   1.00 5.90  ? 2650 U   A H3     1 
ATOM   122  H H5     . U   A 1 4  ? 9.954   -1.676  0.868   1.00 6.18  ? 2650 U   A H5     1 
ATOM   123  H H6     . U   A 1 4  ? 10.189  -3.544  2.096   1.00 6.20  ? 2650 U   A H6     1 
ATOM   124  P P      . C   A 1 5  ? 6.280   -6.246  4.567   1.00 6.98  ? 2651 C   A P      1 
ATOM   125  O OP1    . C   A 1 5  ? 5.698   -7.522  5.065   1.00 8.51  ? 2651 C   A OP1    1 
ATOM   126  O OP2    . C   A 1 5  ? 5.985   -5.790  3.187   1.00 8.42  ? 2651 C   A OP2    1 
ATOM   127  O "O5'"  . C   A 1 5  ? 5.895   -5.036  5.526   1.00 5.80  ? 2651 C   A "O5'"  1 
ATOM   128  C "C5'"  . C   A 1 5  ? 6.007   -5.185  6.927   1.00 5.37  ? 2651 C   A "C5'"  1 
ATOM   129  C "C4'"  . C   A 1 5  ? 6.017   -3.854  7.627   1.00 5.02  ? 2651 C   A "C4'"  1 
ATOM   130  O "O4'"  . C   A 1 5  ? 7.072   -3.023  7.106   1.00 4.69  ? 2651 C   A "O4'"  1 
ATOM   131  C "C3'"  . C   A 1 5  ? 4.788   -2.985  7.511   1.00 4.99  ? 2651 C   A "C3'"  1 
ATOM   132  O "O3'"  . C   A 1 5  ? 3.797   -3.430  8.407   1.00 6.36  ? 2651 C   A "O3'"  1 
ATOM   133  C "C2'"  . C   A 1 5  ? 5.344   -1.625  7.883   1.00 4.64  ? 2651 C   A "C2'"  1 
ATOM   134  O "O2'"  . C   A 1 5  ? 5.574   -1.592  9.283   1.00 4.95  ? 2651 C   A "O2'"  1 
ATOM   135  C "C1'"  . C   A 1 5  ? 6.680   -1.667  7.162   1.00 4.39  ? 2651 C   A "C1'"  1 
ATOM   136  N N1     . C   A 1 5  ? 6.614   -1.120  5.785   1.00 4.43  ? 2651 C   A N1     1 
ATOM   137  C C2     . C   A 1 5  ? 6.630   0.262   5.670   1.00 4.44  ? 2651 C   A C2     1 
ATOM   138  O O2     . C   A 1 5  ? 6.636   0.942   6.702   1.00 4.83  ? 2651 C   A O2     1 
ATOM   139  N N3     . C   A 1 5  ? 6.621   0.817   4.436   1.00 4.33  ? 2651 C   A N3     1 
ATOM   140  C C4     . C   A 1 5  ? 6.607   0.054   3.344   1.00 4.45  ? 2651 C   A C4     1 
ATOM   141  N N4     . C   A 1 5  ? 6.627   0.663   2.164   1.00 5.22  ? 2651 C   A N4     1 
ATOM   142  C C5     . C   A 1 5  ? 6.558   -1.361  3.446   1.00 5.04  ? 2651 C   A C5     1 
ATOM   143  C C6     . C   A 1 5  ? 6.568   -1.905  4.670   1.00 4.76  ? 2651 C   A C6     1 
ATOM   144  H "H5'"  . C   A 1 5  ? 6.831   -5.656  7.131   1.00 6.45  ? 2651 C   A "H5'"  1 
ATOM   145  H "H5''" . C   A 1 5  ? 5.257   -5.707  7.252   1.00 6.45  ? 2651 C   A "H5''" 1 
ATOM   146  H "H4'"  . C   A 1 5  ? 6.191   -4.009  8.568   1.00 6.02  ? 2651 C   A "H4'"  1 
ATOM   147  H "H3'"  . C   A 1 5  ? 4.454   -2.983  6.599   1.00 5.98  ? 2651 C   A "H3'"  1 
ATOM   148  H "H2'"  . C   A 1 5  ? 4.780   -0.898  7.577   1.00 5.57  ? 2651 C   A "H2'"  1 
ATOM   149  H "HO2'" . C   A 1 5  ? 4.834   -1.569  9.681   1.00 5.94  ? 2651 C   A "HO2'" 1 
ATOM   150  H "H1'"  . C   A 1 5  ? 7.335   -1.167  7.674   1.00 5.26  ? 2651 C   A "H1'"  1 
ATOM   151  H H41    . C   A 1 5  ? 6.619   0.198   1.441   1.00 6.26  ? 2651 C   A H41    1 
ATOM   152  H H42    . C   A 1 5  ? 6.649   1.521   2.123   1.00 6.26  ? 2651 C   A H42    1 
ATOM   153  H H5     . C   A 1 5  ? 6.565   -1.895  2.685   1.00 6.04  ? 2651 C   A H5     1 
ATOM   154  H H6     . C   A 1 5  ? 6.581   -2.830  4.760   1.00 5.71  ? 2651 C   A H6     1 
ATOM   155  P P      . C   A 1 6  ? 2.262   -3.068  8.232   1.00 8.92  ? 2652 C   A P      1 
ATOM   156  O OP1    . C   A 1 6  ? 1.659   -3.714  9.442   1.00 11.77 ? 2652 C   A OP1    1 
ATOM   157  O OP2    . C   A 1 6  ? 1.829   -3.366  6.854   1.00 11.56 ? 2652 C   A OP2    1 
ATOM   158  O "O5'"  . C   A 1 6  ? 2.161   -1.495  8.365   1.00 6.47  ? 2652 C   A "O5'"  1 
ATOM   159  C "C5'"  . C   A 1 6  ? 2.269   -0.914  9.650   1.00 6.02  ? 2652 C   A "C5'"  1 
ATOM   160  C "C4'"  . C   A 1 6  ? 2.087   0.574   9.598   1.00 4.92  ? 2652 C   A "C4'"  1 
ATOM   161  O "O4'"  . C   A 1 6  ? 3.155   1.173   8.827   1.00 4.68  ? 2652 C   A "O4'"  1 
ATOM   162  C "C3'"  . C   A 1 6  ? 0.822   1.092   8.942   1.00 4.55  ? 2652 C   A "C3'"  1 
ATOM   163  O "O3'"  . C   A 1 6  ? -0.279  0.998   9.829   1.00 5.33  ? 2652 C   A "O3'"  1 
ATOM   164  C "C2'"  . C   A 1 6  ? 1.211   2.518   8.622   1.00 4.83  ? 2652 C   A "C2'"  1 
ATOM   165  O "O2'"  . C   A 1 6  ? 1.211   3.257   9.834   1.00 5.54  ? 2652 C   A "O2'"  1 
ATOM   166  C "C1'"  . C   A 1 6  ? 2.649   2.323   8.166   1.00 4.34  ? 2652 C   A "C1'"  1 
ATOM   167  N N1     . C   A 1 6  ? 2.785   2.138   6.709   1.00 4.29  ? 2652 C   A N1     1 
ATOM   168  C C2     . C   A 1 6  ? 2.801   3.281   5.906   1.00 4.37  ? 2652 C   A C2     1 
ATOM   169  O O2     . C   A 1 6  ? 2.597   4.384   6.438   1.00 4.62  ? 2652 C   A O2     1 
ATOM   170  N N3     . C   A 1 6  ? 3.037   3.142   4.583   1.00 4.48  ? 2652 C   A N3     1 
ATOM   171  C C4     . C   A 1 6  ? 3.228   1.936   4.051   1.00 4.61  ? 2652 C   A C4     1 
ATOM   172  N N4     . C   A 1 6  ? 3.491   1.835   2.752   1.00 5.15  ? 2652 C   A N4     1 
ATOM   173  C C5     . C   A 1 6  ? 3.163   0.759   4.842   1.00 4.92  ? 2652 C   A C5     1 
ATOM   174  C C6     . C   A 1 6  ? 2.952   0.909   6.155   1.00 4.85  ? 2652 C   A C6     1 
ATOM   175  H "H5'"  . C   A 1 6  ? 3.143   -1.114  10.016  1.00 7.22  ? 2652 C   A "H5'"  1 
ATOM   176  H "H5''" . C   A 1 6  ? 1.588   -1.296  10.229  1.00 7.22  ? 2652 C   A "H5''" 1 
ATOM   177  H "H4'"  . C   A 1 6  ? 2.128   0.921   10.502  1.00 5.90  ? 2652 C   A "H4'"  1 
ATOM   178  H "H3'"  . C   A 1 6  ? 0.642   0.600   8.125   1.00 5.47  ? 2652 C   A "H3'"  1 
ATOM   179  H "H2'"  . C   A 1 6  ? 0.651   2.913   7.935   1.00 5.79  ? 2652 C   A "H2'"  1 
ATOM   180  H "HO2'" . C   A 1 6  ? 2.003   3.433   10.048  1.00 6.65  ? 2652 C   A "HO2'" 1 
ATOM   181  H "H1'"  . C   A 1 6  ? 3.170   3.096   8.434   1.00 5.20  ? 2652 C   A "H1'"  1 
ATOM   182  H H41    . C   A 1 6  ? 3.615   1.061   2.399   1.00 6.18  ? 2652 C   A H41    1 
ATOM   183  H H42    . C   A 1 6  ? 3.535   2.542   2.265   1.00 6.18  ? 2652 C   A H42    1 
ATOM   184  H H5     . C   A 1 6  ? 3.339   -0.077  4.474   1.00 5.91  ? 2652 C   A H5     1 
ATOM   185  H H6     . C   A 1 6  ? 2.977   0.161   6.708   1.00 5.82  ? 2652 C   A H6     1 
ATOM   186  P P      . U   A 1 7  ? -1.775  0.759   9.310   1.00 5.90  ? 2653 U   A P      1 
ATOM   187  O OP1    . U   A 1 7  ? -2.606  0.678   10.542  1.00 9.09  ? 2653 U   A OP1    1 
ATOM   188  O OP2    . U   A 1 7  ? -1.813  -0.348  8.312   1.00 8.07  ? 2653 U   A OP2    1 
ATOM   189  O "O5'"  . U   A 1 7  ? -2.150  2.049   8.465   1.00 4.88  ? 2653 U   A "O5'"  1 
ATOM   190  C "C5'"  . U   A 1 7  ? -2.185  3.365   9.002   1.00 5.07  ? 2653 U   A "C5'"  1 
ATOM   191  C "C4'"  . U   A 1 7  ? -2.250  4.348   7.861   1.00 4.56  ? 2653 U   A "C4'"  1 
ATOM   192  O "O4'"  . U   A 1 7  ? -1.026  4.240   7.098   1.00 4.27  ? 2653 U   A "O4'"  1 
ATOM   193  C "C3'"  . U   A 1 7  ? -3.355  4.102   6.841   1.00 4.34  ? 2653 U   A "C3'"  1 
ATOM   194  O "O3'"  . U   A 1 7  ? -4.557  4.754   7.220   1.00 4.43  ? 2653 U   A "O3'"  1 
ATOM   195  C "C2'"  . U   A 1 7  ? -2.775  4.689   5.563   1.00 4.45  ? 2653 U   A "C2'"  1 
ATOM   196  O "O2'"  . U   A 1 7  ? -2.986  6.084   5.524   1.00 5.16  ? 2653 U   A "O2'"  1 
ATOM   197  C "C1'"  . U   A 1 7  ? -1.280  4.413   5.722   1.00 4.22  ? 2653 U   A "C1'"  1 
ATOM   198  N N1     . U   A 1 7  ? -0.848  3.194   4.988   1.00 4.32  ? 2653 U   A N1     1 
ATOM   199  C C2     . U   A 1 7  ? -0.291  3.357   3.736   1.00 5.04  ? 2653 U   A C2     1 
ATOM   200  O O2     . U   A 1 7  ? -0.107  4.460   3.245   1.00 6.36  ? 2653 U   A O2     1 
ATOM   201  N N3     . U   A 1 7  ? 0.051   2.194   3.091   1.00 5.28  ? 2653 U   A N3     1 
ATOM   202  C C4     . U   A 1 7  ? -0.124  0.908   3.570   1.00 5.75  ? 2653 U   A C4     1 
ATOM   203  O O4     . U   A 1 7  ? 0.214   -0.048  2.875   1.00 7.33  ? 2653 U   A O4     1 
ATOM   204  C C5     . U   A 1 7  ? -0.737  0.836   4.857   1.00 5.32  ? 2653 U   A C5     1 
ATOM   205  C C6     . U   A 1 7  ? -1.067  1.952   5.503   1.00 4.85  ? 2653 U   A C6     1 
ATOM   206  H "H5'"  . U   A 1 7  ? -1.384  3.525   9.525   1.00 6.09  ? 2653 U   A "H5'"  1 
ATOM   207  H "H5''" . U   A 1 7  ? -2.968  3.466   9.564   1.00 6.09  ? 2653 U   A "H5''" 1 
ATOM   208  H "H4'"  . U   A 1 7  ? -2.331  5.247   8.214   1.00 5.47  ? 2653 U   A "H4'"  1 
ATOM   209  H "H3'"  . U   A 1 7  ? -3.507  3.150   6.734   1.00 5.20  ? 2653 U   A "H3'"  1 
ATOM   210  H "H2'"  . U   A 1 7  ? -3.134  4.250   4.776   1.00 5.34  ? 2653 U   A "H2'"  1 
ATOM   211  H "HO2'" . U   A 1 7  ? -3.808  6.233   5.437   1.00 6.20  ? 2653 U   A "HO2'" 1 
ATOM   212  H "H1'"  . U   A 1 7  ? -0.778  5.177   5.398   1.00 5.06  ? 2653 U   A "H1'"  1 
ATOM   213  H H3     . U   A 1 7  ? 0.408   2.272   2.313   1.00 6.34  ? 2653 U   A H3     1 
ATOM   214  H H5     . U   A 1 7  ? -0.887  0.009   5.255   1.00 6.38  ? 2653 U   A H5     1 
ATOM   215  H H6     . U   A 1 7  ? -1.460  1.881   6.343   1.00 5.82  ? 2653 U   A H6     1 
ATOM   216  P P      A A   A 1 8  ? -6.016  4.392   6.612   0.41 4.27  ? 2654 A   A P      1 
ATOM   217  P P      B A   A 1 8  ? -5.766  3.958   7.855   0.59 4.50  ? 2654 A   A P      1 
ATOM   218  O OP1    A A   A 1 8  ? -5.927  4.420   5.120   0.41 5.42  ? 2654 A   A OP1    1 
ATOM   219  O OP1    B A   A 1 8  ? -6.868  4.956   7.940   0.59 4.93  ? 2654 A   A OP1    1 
ATOM   220  O OP2    A A   A 1 8  ? -7.044  5.224   7.278   0.41 5.19  ? 2654 A   A OP2    1 
ATOM   221  O OP2    B A   A 1 8  ? -5.354  3.257   9.104   0.59 5.84  ? 2654 A   A OP2    1 
ATOM   222  O "O5'"  A A   A 1 8  ? -6.152  2.874   7.075   0.41 5.04  ? 2654 A   A "O5'"  1 
ATOM   223  O "O5'"  B A   A 1 8  ? -6.065  2.848   6.764   0.59 4.58  ? 2654 A   A "O5'"  1 
ATOM   224  C "C5'"  A A   A 1 8  ? -7.366  2.156   6.923   0.41 4.80  ? 2654 A   A "C5'"  1 
ATOM   225  C "C5'"  B A   A 1 8  ? -7.275  2.112   6.859   0.59 4.64  ? 2654 A   A "C5'"  1 
ATOM   226  C "C4'"  A A   A 1 8  ? -7.113  0.717   6.536   0.41 4.84  ? 2654 A   A "C4'"  1 
ATOM   227  C "C4'"  B A   A 1 8  ? -7.076  0.665   6.505   0.59 4.66  ? 2654 A   A "C4'"  1 
ATOM   228  O "O4'"  A A   A 1 8  ? -6.645  0.649   5.163   0.41 4.82  ? 2654 A   A "O4'"  1 
ATOM   229  O "O4'"  B A   A 1 8  ? -6.629  0.569   5.136   0.59 4.43  ? 2654 A   A "O4'"  1 
ATOM   230  C "C3'"  A A   A 1 8  ? -6.067  -0.024  7.367   0.41 5.15  ? 2654 A   A "C3'"  1 
ATOM   231  C "C3'"  B A   A 1 8  ? -6.045  -0.089  7.333   0.59 4.85  ? 2654 A   A "C3'"  1 
ATOM   232  O "O3'"  A A   A 1 8  ? -6.441  -1.393  7.461   0.41 5.68  ? 2654 A   A "O3'"  1 
ATOM   233  O "O3'"  B A   A 1 8  ? -6.456  -1.439  7.440   0.59 5.24  ? 2654 A   A "O3'"  1 
ATOM   234  C "C2'"  A A   A 1 8  ? -4.815  0.088   6.505   0.41 5.00  ? 2654 A   A "C2'"  1 
ATOM   235  C "C2'"  B A   A 1 8  ? -4.796  -0.026  6.467   0.59 4.57  ? 2654 A   A "C2'"  1 
ATOM   236  O "O2'"  A A   A 1 8  ? -3.838  -0.903  6.740   0.41 5.82  ? 2654 A   A "O2'"  1 
ATOM   237  O "O2'"  B A   A 1 8  ? -3.886  -1.087  6.670   0.59 5.38  ? 2654 A   A "O2'"  1 
ATOM   238  C "C1'"  A A   A 1 8  ? -5.409  -0.035  5.110   0.41 4.58  ? 2654 A   A "C1'"  1 
ATOM   239  C "C1'"  B A   A 1 8  ? -5.392  -0.098  5.072   0.59 4.30  ? 2654 A   A "C1'"  1 
ATOM   240  N N9     . A   A 1 8  ? -4.604  0.575   4.052   1.00 4.40  ? 2654 A   A N9     1 
ATOM   241  C C8     . A   A 1 8  ? -4.458  1.914   3.887   1.00 4.66  ? 2654 A   A C8     1 
ATOM   242  N N7     . A   A 1 8  ? -3.722  2.260   2.872   1.00 4.72  ? 2654 A   A N7     1 
ATOM   243  C C5     . A   A 1 8  ? -3.355  1.045   2.312   1.00 4.70  ? 2654 A   A C5     1 
ATOM   244  C C6     . A   A 1 8  ? -2.566  0.732   1.195   1.00 5.42  ? 2654 A   A C6     1 
ATOM   245  N N6     . A   A 1 8  ? -1.981  1.644   0.428   1.00 5.77  ? 2654 A   A N6     1 
ATOM   246  N N1     . A   A 1 8  ? -2.417  -0.564  0.891   1.00 6.35  ? 2654 A   A N1     1 
ATOM   247  C C2     . A   A 1 8  ? -3.004  -1.471  1.671   1.00 6.40  ? 2654 A   A C2     1 
ATOM   248  N N3     . A   A 1 8  ? -3.753  -1.307  2.758   1.00 5.56  ? 2654 A   A N3     1 
ATOM   249  C C4     . A   A 1 8  ? -3.903  -0.007  3.025   1.00 4.52  ? 2654 A   A C4     1 
ATOM   250  H "H5'"  A A   A 1 8  ? -7.901  2.579   6.233   0.41 5.76  ? 2654 A   A "H5'"  1 
ATOM   251  H "H5'"  B A   A 1 8  ? -7.928  2.498   6.255   0.59 5.56  ? 2654 A   A "H5'"  1 
ATOM   252  H "H5''" A A   A 1 8  ? -7.855  2.177   7.760   0.41 5.76  ? 2654 A   A "H5''" 1 
ATOM   253  H "H5''" B A   A 1 8  ? -7.610  2.171   7.768   0.59 5.56  ? 2654 A   A "H5''" 1 
ATOM   254  H "H4'"  A A   A 1 8  ? -7.952  0.233   6.599   0.41 5.80  ? 2654 A   A "H4'"  1 
ATOM   255  H "H4'"  B A   A 1 8  ? -7.928  0.210   6.585   0.59 5.59  ? 2654 A   A "H4'"  1 
ATOM   256  H "H3'"  A A   A 1 8  ? -5.944  0.382   8.239   0.41 6.18  ? 2654 A   A "H3'"  1 
ATOM   257  H "H3'"  B A   A 1 8  ? -5.905  0.321   8.201   0.59 5.82  ? 2654 A   A "H3'"  1 
ATOM   258  H "H2'"  A A   A 1 8  ? -4.421  0.968   6.615   0.41 6.00  ? 2654 A   A "H2'"  1 
ATOM   259  H "H2'"  B A   A 1 8  ? -4.348  0.825   6.593   0.59 5.49  ? 2654 A   A "H2'"  1 
ATOM   260  H "HO2'" A A   A 1 8  ? -3.532  -0.808  7.516   0.41 6.98  ? 2654 A   A "HO2'" 1 
ATOM   261  H "HO2'" B A   A 1 8  ? -3.568  -1.030  7.445   0.59 6.46  ? 2654 A   A "HO2'" 1 
ATOM   262  H "H1'"  A A   A 1 8  ? -5.563  -0.970  4.903   0.41 5.50  ? 2654 A   A "H1'"  1 
ATOM   263  H "H1'"  B A   A 1 8  ? -5.532  -1.025  4.822   0.59 5.16  ? 2654 A   A "H1'"  1 
ATOM   264  H H8     . A   A 1 8  ? -4.841  2.535   4.464   1.00 5.59  ? 2654 A   A H8     1 
ATOM   265  H H61    . A   A 1 8  ? -1.515  1.400   -0.252  1.00 6.93  ? 2654 A   A H61    1 
ATOM   266  H H62    . A   A 1 8  ? -2.069  2.481   0.611   1.00 6.93  ? 2654 A   A H62    1 
ATOM   267  H H2     . A   A 1 8  ? -2.853  -2.356  1.427   1.00 7.68  ? 2654 A   A H2     1 
ATOM   268  P P      . G   A 1 9  ? -7.221  -1.919  8.754   1.00 6.05  ? 2655 G   A P      1 
ATOM   269  O OP1    . G   A 1 9  ? -8.361  -1.000  9.042   1.00 7.45  ? 2655 G   A OP1    1 
ATOM   270  O OP2    . G   A 1 9  ? -6.225  -2.145  9.829   1.00 8.12  ? 2655 G   A OP2    1 
ATOM   271  O "O5'"  . G   A 1 9  ? -7.717  -3.350  8.284   1.00 5.63  ? 2655 G   A "O5'"  1 
ATOM   272  C "C5'"  . G   A 1 9  ? -8.991  -3.535  7.684   1.00 5.72  ? 2655 G   A "C5'"  1 
ATOM   273  C "C4'"  . G   A 1 9  ? -8.976  -3.241  6.206   1.00 5.27  ? 2655 G   A "C4'"  1 
ATOM   274  O "O4'"  . G   A 1 9  ? -8.070  -4.145  5.504   1.00 6.19  ? 2655 G   A "O4'"  1 
ATOM   275  C "C3'"  . G   A 1 9  ? -10.334 -3.419  5.538   1.00 5.37  ? 2655 G   A "C3'"  1 
ATOM   276  O "O3'"  . G   A 1 9  ? -10.414 -2.483  4.465   1.00 5.00  ? 2655 G   A "O3'"  1 
ATOM   277  C "C2'"  . G   A 1 9  ? -10.217 -4.820  4.975   1.00 5.81  ? 2655 G   A "C2'"  1 
ATOM   278  O "O2'"  . G   A 1 9  ? -11.166 -5.115  3.988   1.00 6.75  ? 2655 G   A "O2'"  1 
ATOM   279  C "C1'"  . G   A 1 9  ? -8.795  -4.772  4.465   1.00 6.00  ? 2655 G   A "C1'"  1 
ATOM   280  N N9     . G   A 1 9  ? -8.242  -6.073  4.158   1.00 6.59  ? 2655 G   A N9     1 
ATOM   281  C C8     . G   A 1 9  ? -8.588  -7.299  4.666   1.00 7.31  ? 2655 G   A C8     1 
ATOM   282  N N7     . G   A 1 9  ? -7.958  -8.294  4.104   1.00 8.05  ? 2655 G   A N7     1 
ATOM   283  C C5     . G   A 1 9  ? -7.168  -7.669  3.164   1.00 7.21  ? 2655 G   A C5     1 
ATOM   284  C C6     . G   A 1 9  ? -6.259  -8.205  2.235   1.00 7.71  ? 2655 G   A C6     1 
ATOM   285  O O6     . G   A 1 9  ? -5.950  -9.383  2.075   1.00 9.91  ? 2655 G   A O6     1 
ATOM   286  N N1     . G   A 1 9  ? -5.683  -7.218  1.462   1.00 7.33  ? 2655 G   A N1     1 
ATOM   287  C C2     . G   A 1 9  ? -5.971  -5.872  1.540   1.00 7.46  ? 2655 G   A C2     1 
ATOM   288  N N2     . G   A 1 9  ? -5.348  -5.041  0.703   1.00 7.87  ? 2655 G   A N2     1 
ATOM   289  N N3     . G   A 1 9  ? -6.799  -5.358  2.418   1.00 6.74  ? 2655 G   A N3     1 
ATOM   290  C C4     . G   A 1 9  ? -7.360  -6.307  3.167   1.00 6.75  ? 2655 G   A C4     1 
ATOM   291  H "H5'"  . G   A 1 9  ? -9.629  -2.944  8.115   1.00 6.87  ? 2655 G   A "H5'"  1 
ATOM   292  H "H5''" . G   A 1 9  ? -9.271  -4.453  7.820   1.00 6.87  ? 2655 G   A "H5''" 1 
ATOM   293  H "H4'"  . G   A 1 9  ? -8.678  -2.329  6.071   1.00 6.32  ? 2655 G   A "H4'"  1 
ATOM   294  H "H3'"  . G   A 1 9  ? -11.067 -3.333  6.166   1.00 6.44  ? 2655 G   A "H3'"  1 
ATOM   295  H "H2'"  . G   A 1 9  ? -10.283 -5.467  5.695   1.00 6.97  ? 2655 G   A "H2'"  1 
ATOM   296  H "HO2'" . G   A 1 9  ? -10.780 -5.478  3.336   1.00 8.10  ? 2655 G   A "HO2'" 1 
ATOM   297  H "H1'"  . G   A 1 9  ? -8.760  -4.215  3.672   1.00 7.20  ? 2655 G   A "H1'"  1 
ATOM   298  H H8     . G   A 1 9  ? -9.194  -7.410  5.362   1.00 8.77  ? 2655 G   A H8     1 
ATOM   299  H H1     . G   A 1 9  ? -5.122  -7.466  0.861   1.00 8.79  ? 2655 G   A H1     1 
ATOM   300  H H21    . G   A 1 9  ? -4.799  -5.354  0.118   1.00 9.44  ? 2655 G   A H21    1 
ATOM   301  H H22    . G   A 1 9  ? -5.493  -4.196  0.748   1.00 9.44  ? 2655 G   A H22    1 
ATOM   302  P P      . U   A 1 10 ? -11.794 -2.111  3.734   1.00 5.05  ? 2656 U   A P      1 
ATOM   303  O OP1    . U   A 1 10 ? -12.933 -2.435  4.631   1.00 5.90  ? 2656 U   A OP1    1 
ATOM   304  O OP2    . U   A 1 10 ? -11.795 -2.627  2.337   1.00 5.46  ? 2656 U   A OP2    1 
ATOM   305  O "O5'"  . U   A 1 10 ? -11.624 -0.546  3.547   1.00 5.30  ? 2656 U   A "O5'"  1 
ATOM   306  C "C5'"  . U   A 1 10 ? -11.632 0.361   4.644   1.00 4.99  ? 2656 U   A "C5'"  1 
ATOM   307  C "C4'"  . U   A 1 10 ? -10.766 1.540   4.322   1.00 4.85  ? 2656 U   A "C4'"  1 
ATOM   308  O "O4'"  . U   A 1 10 ? -9.382  1.136   4.363   1.00 5.48  ? 2656 U   A "O4'"  1 
ATOM   309  C "C3'"  . U   A 1 10 ? -10.959 2.114   2.937   1.00 4.95  ? 2656 U   A "C3'"  1 
ATOM   310  O "O3'"  . U   A 1 10 ? -12.022 3.048   2.941   1.00 5.29  ? 2656 U   A "O3'"  1 
ATOM   311  C "C2'"  . U   A 1 10 ? -9.608  2.733   2.629   1.00 5.36  ? 2656 U   A "C2'"  1 
ATOM   312  O "O2'"  . U   A 1 10 ? -9.521  3.999   3.257   1.00 6.44  ? 2656 U   A "O2'"  1 
ATOM   313  C "C1'"  . U   A 1 10 ? -8.659  1.761   3.332   1.00 5.77  ? 2656 U   A "C1'"  1 
ATOM   314  N N1     . U   A 1 10 ? -8.048  0.691   2.483   1.00 5.60  ? 2656 U   A N1     1 
ATOM   315  C C2     . U   A 1 10 ? -7.171  1.057   1.496   1.00 5.75  ? 2656 U   A C2     1 
ATOM   316  O O2     . U   A 1 10 ? -6.998  2.233   1.244   1.00 6.09  ? 2656 U   A O2     1 
ATOM   317  N N3     . U   A 1 10 ? -6.536  0.032   0.822   1.00 5.78  ? 2656 U   A N3     1 
ATOM   318  C C4     . U   A 1 10 ? -6.628  -1.315  1.070   1.00 5.56  ? 2656 U   A C4     1 
ATOM   319  O O4     . U   A 1 10 ? -6.000  -2.106  0.361   1.00 6.69  ? 2656 U   A O4     1 
ATOM   320  C C5     . U   A 1 10 ? -7.478  -1.630  2.164   1.00 5.80  ? 2656 U   A C5     1 
ATOM   321  C C6     . U   A 1 10 ? -8.129  -0.651  2.819   1.00 5.44  ? 2656 U   A C6     1 
ATOM   322  H "H5'"  . U   A 1 10 ? -11.290 -0.086  5.434   1.00 5.99  ? 2656 U   A "H5'"  1 
ATOM   323  H "H5''" . U   A 1 10 ? -12.539 0.661   4.809   1.00 5.99  ? 2656 U   A "H5''" 1 
ATOM   324  H "H4'"  . U   A 1 10 ? -10.916 2.236   4.981   1.00 5.82  ? 2656 U   A "H4'"  1 
ATOM   325  H "H3'"  . U   A 1 10 ? -11.147 1.401   2.308   1.00 5.94  ? 2656 U   A "H3'"  1 
ATOM   326  H "H2'"  . U   A 1 10 ? -9.438  2.782   1.676   1.00 6.44  ? 2656 U   A "H2'"  1 
ATOM   327  H "HO2'" . U   A 1 10 ? -10.042 4.532   2.870   1.00 7.73  ? 2656 U   A "HO2'" 1 
ATOM   328  H "H1'"  . U   A 1 10 ? -7.942  2.275   3.734   1.00 6.93  ? 2656 U   A "H1'"  1 
ATOM   329  H H3     . U   A 1 10 ? -6.015  0.266   0.179   1.00 6.94  ? 2656 U   A H3     1 
ATOM   330  H H5     . U   A 1 10 ? -7.637  -2.519  2.386   1.00 6.96  ? 2656 U   A H5     1 
ATOM   331  H H6     . U   A 1 10 ? -8.687  -0.892  3.523   1.00 6.53  ? 2656 U   A H6     1 
ATOM   332  P P      . A   A 1 11 ? -13.071 3.097   1.736   1.00 5.48  ? 2657 A   A P      1 
ATOM   333  O OP1    . A   A 1 11 ? -14.069 4.130   2.090   1.00 6.96  ? 2657 A   A OP1    1 
ATOM   334  O OP2    . A   A 1 11 ? -13.534 1.719   1.402   1.00 6.06  ? 2657 A   A OP2    1 
ATOM   335  O "O5'"  . A   A 1 11 ? -12.211 3.575   0.491   1.00 5.49  ? 2657 A   A "O5'"  1 
ATOM   336  C "C5'"  . A   A 1 11 ? -11.780 4.927   0.432   1.00 5.88  ? 2657 A   A "C5'"  1 
ATOM   337  C "C4'"  . A   A 1 11 ? -10.990 5.158   -0.814  1.00 5.02  ? 2657 A   A "C4'"  1 
ATOM   338  O "O4'"  . A   A 1 11 ? -9.778  4.388   -0.757  1.00 4.88  ? 2657 A   A "O4'"  1 
ATOM   339  C "C3'"  . A   A 1 11 ? -11.641 4.705   -2.110  1.00 4.64  ? 2657 A   A "C3'"  1 
ATOM   340  O "O3'"  . A   A 1 11 ? -12.585 5.633   -2.603  1.00 4.80  ? 2657 A   A "O3'"  1 
ATOM   341  C "C2'"  . A   A 1 11 ? -10.459 4.507   -3.032  1.00 4.57  ? 2657 A   A "C2'"  1 
ATOM   342  O "O2'"  . A   A 1 11 ? -10.030 5.723   -3.625  1.00 4.99  ? 2657 A   A "O2'"  1 
ATOM   343  C "C1'"  . A   A 1 11 ? -9.409  4.001   -2.063  1.00 4.21  ? 2657 A   A "C1'"  1 
ATOM   344  N N9     . A   A 1 11 ? -9.269  2.546   -2.095  1.00 4.29  ? 2657 A   A N9     1 
ATOM   345  C C8     . A   A 1 11 ? -9.574  1.618   -1.134  1.00 4.57  ? 2657 A   A C8     1 
ATOM   346  N N7     . A   A 1 11 ? -9.218  0.395   -1.437  1.00 4.57  ? 2657 A   A N7     1 
ATOM   347  C C5     . A   A 1 11 ? -8.612  0.536   -2.680  1.00 4.32  ? 2657 A   A C5     1 
ATOM   348  C C6     . A   A 1 11 ? -7.967  -0.382  -3.532  1.00 4.70  ? 2657 A   A C6     1 
ATOM   349  N N6     . A   A 1 11 ? -7.823  -1.671  -3.255  1.00 5.24  ? 2657 A   A N6     1 
ATOM   350  N N1     . A   A 1 11 ? -7.470  0.094   -4.696  1.00 4.81  ? 2657 A   A N1     1 
ATOM   351  C C2     . A   A 1 11 ? -7.600  1.392   -4.973  1.00 4.76  ? 2657 A   A C2     1 
ATOM   352  N N3     . A   A 1 11 ? -8.166  2.336   -4.242  1.00 4.64  ? 2657 A   A N3     1 
ATOM   353  C C4     . A   A 1 11 ? -8.646  1.848   -3.090  1.00 4.14  ? 2657 A   A C4     1 
ATOM   354  H "H5'"  . A   A 1 11 ? -11.226 5.122   1.205   1.00 7.05  ? 2657 A   A "H5'"  1 
ATOM   355  H "H5''" . A   A 1 11 ? -12.554 5.512   0.436   1.00 7.05  ? 2657 A   A "H5''" 1 
ATOM   356  H "H4'"  . A   A 1 11 ? -10.766 6.099   -0.882  1.00 6.03  ? 2657 A   A "H4'"  1 
ATOM   357  H "H3'"  . A   A 1 11 ? -12.079 3.850   -1.964  1.00 5.57  ? 2657 A   A "H3'"  1 
ATOM   358  H "H2'"  . A   A 1 11 ? -10.654 3.840   -3.708  1.00 5.48  ? 2657 A   A "H2'"  1 
ATOM   359  H "HO2'" . A   A 1 11 ? -9.273  5.924   -3.319  1.00 5.99  ? 2657 A   A "HO2'" 1 
ATOM   360  H "H1'"  . A   A 1 11 ? -8.555  4.406   -2.282  1.00 5.05  ? 2657 A   A "H1'"  1 
ATOM   361  H H8     . A   A 1 11 ? -9.997  1.838   -0.334  1.00 5.48  ? 2657 A   A H8     1 
ATOM   362  H H61    . A   A 1 11 ? -7.419  -2.187  -3.811  1.00 6.29  ? 2657 A   A H61    1 
ATOM   363  H H62    . A   A 1 11 ? -8.132  -1.991  -2.519  1.00 6.29  ? 2657 A   A H62    1 
ATOM   364  H H2     . A   A 1 11 ? -7.228  1.673   -5.778  1.00 5.72  ? 2657 A   A H2     1 
ATOM   365  P P      . C   A 1 12 ? -13.903 5.108   -3.341  1.00 4.83  ? 2658 C   A P      1 
ATOM   366  O OP1    . C   A 1 12 ? -14.583 6.312   -3.891  1.00 5.71  ? 2658 C   A OP1    1 
ATOM   367  O OP2    . C   A 1 12 ? -14.662 4.197   -2.449  1.00 5.68  ? 2658 C   A OP2    1 
ATOM   368  O "O5'"  . C   A 1 12 ? -13.368 4.170   -4.517  1.00 4.60  ? 2658 C   A "O5'"  1 
ATOM   369  C "C5'"  . C   A 1 12 ? -12.765 4.729   -5.681  1.00 4.53  ? 2658 C   A "C5'"  1 
ATOM   370  C "C4'"  . C   A 1 12 ? -12.197 3.637   -6.541  1.00 4.48  ? 2658 C   A "C4'"  1 
ATOM   371  O "O4'"  . C   A 1 12 ? -11.141 2.941   -5.830  1.00 4.48  ? 2658 C   A "O4'"  1 
ATOM   372  C "C3'"  . C   A 1 12 ? -13.140 2.524   -6.926  1.00 4.42  ? 2658 C   A "C3'"  1 
ATOM   373  O "O3'"  . C   A 1 12 ? -14.016 2.908   -7.960  1.00 5.19  ? 2658 C   A "O3'"  1 
ATOM   374  C "C2'"  . C   A 1 12 ? -12.175 1.417   -7.315  1.00 4.58  ? 2658 C   A "C2'"  1 
ATOM   375  O "O2'"  . C   A 1 12 ? -11.625 1.673   -8.603  1.00 5.46  ? 2658 C   A "O2'"  1 
ATOM   376  C "C1'"  . C   A 1 12 ? -11.119 1.576   -6.229  1.00 4.33  ? 2658 C   A "C1'"  1 
ATOM   377  N N1     . C   A 1 12 ? -11.424 0.726   -5.062  1.00 4.05  ? 2658 C   A N1     1 
ATOM   378  C C2     . C   A 1 12 ? -11.092 -0.622  -5.168  1.00 4.19  ? 2658 C   A C2     1 
ATOM   379  O O2     . C   A 1 12 ? -10.576 -1.024  -6.219  1.00 5.01  ? 2658 C   A O2     1 
ATOM   380  N N3     . C   A 1 12 ? -11.352 -1.452  -4.133  1.00 4.56  ? 2658 C   A N3     1 
ATOM   381  C C4     . C   A 1 12 ? -11.940 -0.972  -3.024  1.00 4.51  ? 2658 C   A C4     1 
ATOM   382  N N4     . C   A 1 12 ? -12.187 -1.814  -2.027  1.00 4.68  ? 2658 C   A N4     1 
ATOM   383  C C5     . C   A 1 12 ? -12.316 0.398   -2.897  1.00 4.48  ? 2658 C   A C5     1 
ATOM   384  C C6     . C   A 1 12 ? -12.042 1.193   -3.933  1.00 4.32  ? 2658 C   A C6     1 
ATOM   385  H "H5'"  . C   A 1 12 ? -12.054 5.333   -5.417  1.00 5.43  ? 2658 C   A "H5'"  1 
ATOM   386  H "H5''" . C   A 1 12 ? -13.434 5.220   -6.185  1.00 5.43  ? 2658 C   A "H5''" 1 
ATOM   387  H "H4'"  . C   A 1 12 ? -11.828 4.032   -7.347  1.00 5.37  ? 2658 C   A "H4'"  1 
ATOM   388  H "H3'"  . C   A 1 12 ? -13.652 2.250   -6.150  1.00 5.31  ? 2658 C   A "H3'"  1 
ATOM   389  H "H2'"  . C   A 1 12 ? -12.599 0.546   -7.273  1.00 5.49  ? 2658 C   A "H2'"  1 
ATOM   390  H "HO2'" . C   A 1 12 ? -10.812 1.867   -8.520  1.00 6.56  ? 2658 C   A "HO2'" 1 
ATOM   391  H "H1'"  . C   A 1 12 ? -10.245 1.350   -6.584  1.00 5.20  ? 2658 C   A "H1'"  1 
ATOM   392  H H41    . C   A 1 12 ? -12.563 -1.530  -1.308  1.00 5.62  ? 2658 C   A H41    1 
ATOM   393  H H42    . C   A 1 12 ? -11.973 -2.643  -2.102  1.00 5.62  ? 2658 C   A H42    1 
ATOM   394  H H5     . C   A 1 12 ? -12.709 0.725   -2.120  1.00 5.38  ? 2658 C   A H5     1 
ATOM   395  H H6     . C   A 1 12 ? -12.255 2.097   -3.876  1.00 5.18  ? 2658 C   A H6     1 
ATOM   396  P P      . G   A 1 13 ? -15.488 2.276   -8.018  1.00 5.54  ? 2659 G   A P      1 
ATOM   397  O OP1    . G   A 1 13 ? -16.100 2.866   -9.236  1.00 6.70  ? 2659 G   A OP1    1 
ATOM   398  O OP2    . G   A 1 13 ? -16.155 2.434   -6.693  1.00 6.03  ? 2659 G   A OP2    1 
ATOM   399  O "O5'"  . G   A 1 13 ? -15.218 0.714   -8.165  1.00 5.30  ? 2659 G   A "O5'"  1 
ATOM   400  C "C5'"  . G   A 1 13 ? -14.718 0.187   -9.384  1.00 5.67  ? 2659 G   A "C5'"  1 
ATOM   401  C "C4'"  . G   A 1 13 ? -14.560 -1.302  -9.288  1.00 5.40  ? 2659 G   A "C4'"  1 
ATOM   402  O "O4'"  . G   A 1 13 ? -13.536 -1.620  -8.314  1.00 5.25  ? 2659 G   A "O4'"  1 
ATOM   403  C "C3'"  . G   A 1 13 ? -15.764 -2.078  -8.793  1.00 5.37  ? 2659 G   A "C3'"  1 
ATOM   404  O "O3'"  . G   A 1 13 ? -16.737 -2.220  -9.805  1.00 6.19  ? 2659 G   A "O3'"  1 
ATOM   405  C "C2'"  . G   A 1 13 ? -15.128 -3.383  -8.329  1.00 5.36  ? 2659 G   A "C2'"  1 
ATOM   406  O "O2'"  . G   A 1 13 ? -14.851 -4.221  -9.439  1.00 6.00  ? 2659 G   A "O2'"  1 
ATOM   407  C "C1'"  . G   A 1 13 ? -13.808 -2.860  -7.705  1.00 4.96  ? 2659 G   A "C1'"  1 
ATOM   408  N N9     . G   A 1 13 ? -14.021 -2.673  -6.269  1.00 5.01  ? 2659 G   A N9     1 
ATOM   409  C C8     . G   A 1 13 ? -14.423 -1.549  -5.590  1.00 5.51  ? 2659 G   A C8     1 
ATOM   410  N N7     . G   A 1 13 ? -14.719 -1.799  -4.338  1.00 5.77  ? 2659 G   A N7     1 
ATOM   411  C C5     . G   A 1 13 ? -14.548 -3.177  -4.214  1.00 5.27  ? 2659 G   A C5     1 
ATOM   412  C C6     . G   A 1 13 ? -14.773 -4.059  -3.136  1.00 5.62  ? 2659 G   A C6     1 
ATOM   413  O O6     . G   A 1 13 ? -15.185 -3.800  -2.000  1.00 6.69  ? 2659 G   A O6     1 
ATOM   414  N N1     . G   A 1 13 ? -14.526 -5.379  -3.492  1.00 5.29  ? 2659 G   A N1     1 
ATOM   415  C C2     . G   A 1 13 ? -14.080 -5.816  -4.709  1.00 4.64  ? 2659 G   A C2     1 
ATOM   416  N N2     . G   A 1 13 ? -13.906 -7.134  -4.852  1.00 4.94  ? 2659 G   A N2     1 
ATOM   417  N N3     . G   A 1 13 ? -13.847 -5.008  -5.725  1.00 4.53  ? 2659 G   A N3     1 
ATOM   418  C C4     . G   A 1 13 ? -14.117 -3.726  -5.398  1.00 4.98  ? 2659 G   A C4     1 
ATOM   419  H "H5'"  . G   A 1 13 ? -13.855 0.589   -9.577  1.00 6.80  ? 2659 G   A "H5'"  1 
ATOM   420  H "H5''" . G   A 1 13 ? -15.336 0.397   -10.102 1.00 6.80  ? 2659 G   A "H5''" 1 
ATOM   421  H "H4'"  . G   A 1 13 ? -14.293 -1.649  -10.153 1.00 6.48  ? 2659 G   A "H4'"  1 
ATOM   422  H "H3'"  . G   A 1 13 ? -16.153 -1.620  -8.031  1.00 6.44  ? 2659 G   A "H3'"  1 
ATOM   423  H "H2'"  . G   A 1 13 ? -15.679 -3.833  -7.669  1.00 6.43  ? 2659 G   A "H2'"  1 
ATOM   424  H "HO2'" . G   A 1 13 ? -14.871 -5.022  -9.188  1.00 7.20  ? 2659 G   A "HO2'" 1 
ATOM   425  H "H1'"  . G   A 1 13 ? -13.084 -3.486  -7.865  1.00 5.95  ? 2659 G   A "H1'"  1 
ATOM   426  H H8     . G   A 1 13 ? -14.433 -0.697  -5.962  1.00 6.61  ? 2659 G   A H8     1 
ATOM   427  H H1     . G   A 1 13 ? -14.587 -5.968  -2.867  1.00 6.34  ? 2659 G   A H1     1 
ATOM   428  H H21    . G   A 1 13 ? -14.058 -7.662  -4.190  1.00 5.93  ? 2659 G   A H21    1 
ATOM   429  H H22    . G   A 1 13 ? -13.642 -7.454  -5.606  1.00 5.93  ? 2659 G   A H22    1 
ATOM   430  P P      . A   A 1 14 ? -18.252 -1.828  -9.487  1.00 6.92  ? 2660 A   A P      1 
ATOM   431  O OP1    . A   A 1 14 ? -19.003 -1.957  -10.765 1.00 8.65  ? 2660 A   A OP1    1 
ATOM   432  O OP2    . A   A 1 14 ? -18.322 -0.514  -8.795  1.00 8.03  ? 2660 A   A OP2    1 
ATOM   433  O "O5'"  . A   A 1 14 ? -18.651 -2.996  -8.489  1.00 7.45  ? 2660 A   A "O5'"  1 
ATOM   434  C "C5'"  . A   A 1 14 ? -19.845 -2.911  -7.728  1.00 8.03  ? 2660 A   A "C5'"  1 
ATOM   435  C "C4'"  . A   A 1 14 ? -20.482 -4.264  -7.606  1.00 7.63  ? 2660 A   A "C4'"  1 
ATOM   436  O "O4'"  . A   A 1 14 ? -20.829 -4.755  -8.926  1.00 7.52  ? 2660 A   A "O4'"  1 
ATOM   437  C "C3'"  . A   A 1 14 ? -19.622 -5.370  -7.012  1.00 7.59  ? 2660 A   A "C3'"  1 
ATOM   438  O "O3'"  . A   A 1 14 ? -19.639 -5.368  -5.601  1.00 7.91  ? 2660 A   A "O3'"  1 
ATOM   439  C "C2'"  . A   A 1 14 ? -20.271 -6.612  -7.590  1.00 7.91  ? 2660 A   A "C2'"  1 
ATOM   440  O "O2'"  . A   A 1 14 ? -21.508 -6.869  -6.944  1.00 8.47  ? 2660 A   A "O2'"  1 
ATOM   441  C "C1'"  . A   A 1 14 ? -20.584 -6.143  -8.987  1.00 7.69  ? 2660 A   A "C1'"  1 
ATOM   442  N N9     . A   A 1 14 ? -19.517 -6.394  -9.962  1.00 7.38  ? 2660 A   A N9     1 
ATOM   443  C C8     . A   A 1 14 ? -18.772 -5.469  -10.636 1.00 7.85  ? 2660 A   A C8     1 
ATOM   444  N N7     . A   A 1 14 ? -17.987 -5.991  -11.540 1.00 8.15  ? 2660 A   A N7     1 
ATOM   445  C C5     . A   A 1 14 ? -18.253 -7.349  -11.470 1.00 7.57  ? 2660 A   A C5     1 
ATOM   446  C C6     . A   A 1 14 ? -17.780 -8.450  -12.210 1.00 8.88  ? 2660 A   A C6     1 
ATOM   447  N N6     . A   A 1 14 ? -16.877 -8.343  -13.189 1.00 10.19 ? 2660 A   A N6     1 
ATOM   448  N N1     . A   A 1 14 ? -18.238 -9.675  -11.897 1.00 9.17  ? 2660 A   A N1     1 
ATOM   449  C C2     . A   A 1 14 ? -19.137 -9.774  -10.919 1.00 9.32  ? 2660 A   A C2     1 
ATOM   450  N N3     . A   A 1 14 ? -19.689 -8.821  -10.172 1.00 8.34  ? 2660 A   A N3     1 
ATOM   451  C C4     . A   A 1 14 ? -19.195 -7.614  -10.502 1.00 7.51  ? 2660 A   A C4     1 
ATOM   452  H "H5'"  . A   A 1 14 ? -20.461 -2.304  -8.167  1.00 9.63  ? 2660 A   A "H5'"  1 
ATOM   453  H "H5''" . A   A 1 14 ? -19.638 -2.573  -6.843  1.00 9.63  ? 2660 A   A "H5''" 1 
ATOM   454  H "H4'"  . A   A 1 14 ? -21.293 -4.181  -7.080  1.00 9.15  ? 2660 A   A "H4'"  1 
ATOM   455  H "H3'"  . A   A 1 14 ? -18.710 -5.292  -7.335  1.00 9.11  ? 2660 A   A "H3'"  1 
ATOM   456  H "H2'"  . A   A 1 14 ? -19.678 -7.379  -7.582  1.00 9.50  ? 2660 A   A "H2'"  1 
ATOM   457  H "HO2'" . A   A 1 14 ? -22.135 -6.704  -7.479  1.00 10.17 ? 2660 A   A "HO2'" 1 
ATOM   458  H "H1'"  . A   A 1 14 ? -21.391 -6.588  -9.290  1.00 9.23  ? 2660 A   A "H1'"  1 
ATOM   459  H H8     . A   A 1 14 ? -18.821 -4.555  -10.469 1.00 9.41  ? 2660 A   A H8     1 
ATOM   460  H H61    . A   A 1 14 ? -16.602 -9.047  -13.600 1.00 12.23 ? 2660 A   A H61    1 
ATOM   461  H H62    . A   A 1 14 ? -16.570 -7.570  -13.407 1.00 12.23 ? 2660 A   A H62    1 
ATOM   462  H H2     . A   A 1 14 ? -19.445 -10.635 -10.752 1.00 11.19 ? 2660 A   A H2     1 
ATOM   463  P P      . G   A 1 15 ? -18.308 -5.167  -4.725  1.00 6.70  ? 2661 G   A P      1 
ATOM   464  O OP1    . G   A 1 15 ? -18.801 -4.912  -3.334  1.00 8.62  ? 2661 G   A OP1    1 
ATOM   465  O OP2    . G   A 1 15 ? -17.353 -4.261  -5.370  1.00 8.47  ? 2661 G   A OP2    1 
ATOM   466  O "O5'"  . G   A 1 15 ? -17.591 -6.600  -4.709  1.00 7.09  ? 2661 G   A "O5'"  1 
ATOM   467  C "C5'"  . G   A 1 15 ? -18.210 -7.700  -4.072  1.00 7.30  ? 2661 G   A "C5'"  1 
ATOM   468  C "C4'"  . G   A 1 15 ? -18.037 -8.953  -4.878  1.00 5.98  ? 2661 G   A "C4'"  1 
ATOM   469  O "O4'"  . G   A 1 15 ? -18.339 -8.689  -6.263  1.00 5.68  ? 2661 G   A "O4'"  1 
ATOM   470  C "C3'"  . G   A 1 15 ? -16.662 -9.603  -4.915  1.00 5.03  ? 2661 G   A "C3'"  1 
ATOM   471  O "O3'"  . G   A 1 15 ? -16.477 -10.388 -3.757  1.00 5.53  ? 2661 G   A "O3'"  1 
ATOM   472  C "C2'"  . G   A 1 15 ? -16.754 -10.433 -6.177  1.00 4.97  ? 2661 G   A "C2'"  1 
ATOM   473  O "O2'"  . G   A 1 15 ? -17.571 -11.566 -5.920  1.00 5.50  ? 2661 G   A "O2'"  1 
ATOM   474  C "C1'"  . G   A 1 15 ? -17.504 -9.481  -7.081  1.00 5.21  ? 2661 G   A "C1'"  1 
ATOM   475  N N9     . G   A 1 15 ? -16.638 -8.588  -7.874  1.00 5.06  ? 2661 G   A N9     1 
ATOM   476  C C8     . G   A 1 15 ? -16.461 -7.230  -7.754  1.00 5.49  ? 2661 G   A C8     1 
ATOM   477  N N7     . G   A 1 15 ? -15.725 -6.732  -8.703  1.00 5.55  ? 2661 G   A N7     1 
ATOM   478  C C5     . G   A 1 15 ? -15.414 -7.802  -9.509  1.00 5.07  ? 2661 G   A C5     1 
ATOM   479  C C6     . G   A 1 15 ? -14.668 -7.869  -10.713 1.00 5.37  ? 2661 G   A C6     1 
ATOM   480  O O6     . G   A 1 15 ? -14.149 -6.939  -11.341 1.00 6.74  ? 2661 G   A O6     1 
ATOM   481  N N1     . G   A 1 15 ? -14.575 -9.184  -11.175 1.00 4.84  ? 2661 G   A N1     1 
ATOM   482  C C2     . G   A 1 15 ? -15.159 -10.267 -10.593 1.00 5.21  ? 2661 G   A C2     1 
ATOM   483  N N2     . G   A 1 15 ? -14.940 -11.446 -11.211 1.00 5.88  ? 2661 G   A N2     1 
ATOM   484  N N3     . G   A 1 15 ? -15.889 -10.211 -9.496  1.00 4.62  ? 2661 G   A N3     1 
ATOM   485  C C4     . G   A 1 15 ? -15.973 -8.953  -9.004  1.00 4.68  ? 2661 G   A C4     1 
ATOM   486  H "H5'"  . G   A 1 15 ? -19.157 -7.518  -3.966  1.00 8.77  ? 2661 G   A "H5'"  1 
ATOM   487  H "H5''" . G   A 1 15 ? -17.811 -7.828  -3.196  1.00 8.77  ? 2661 G   A "H5''" 1 
ATOM   488  H "H4'"  . G   A 1 15 ? -18.671 -9.610  -4.551  1.00 7.18  ? 2661 G   A "H4'"  1 
ATOM   489  H "H3'"  . G   A 1 15 ? -15.967 -8.931  -4.994  1.00 6.03  ? 2661 G   A "H3'"  1 
ATOM   490  H "H2'"  . G   A 1 15 ? -15.881 -10.669 -6.530  1.00 5.96  ? 2661 G   A "H2'"  1 
ATOM   491  H "HO2'" . G   A 1 15 ? -17.834 -11.538 -5.124  1.00 6.60  ? 2661 G   A "HO2'" 1 
ATOM   492  H "H1'"  . G   A 1 15 ? -18.059 -9.996  -7.686  1.00 6.25  ? 2661 G   A "H1'"  1 
ATOM   493  H H8     . G   A 1 15 ? -16.858 -6.717  -7.089  1.00 6.58  ? 2661 G   A H8     1 
ATOM   494  H H1     . G   A 1 15 ? -14.123 -9.318  -11.894 1.00 5.80  ? 2661 G   A H1     1 
ATOM   495  H H21    . G   A 1 15 ? -14.463 -11.474 -11.926 1.00 7.05  ? 2661 G   A H21    1 
ATOM   496  H H22    . G   A 1 15 ? -15.276 -12.169 -10.890 1.00 7.05  ? 2661 G   A H22    1 
ATOM   497  P P      . A   A 1 16 ? -15.017 -10.707 -3.197  1.00 5.45  ? 2662 A   A P      1 
ATOM   498  O OP1    . A   A 1 16 ? -15.215 -11.593 -2.020  1.00 6.79  ? 2662 A   A OP1    1 
ATOM   499  O OP2    . A   A 1 16 ? -14.247 -9.451  -3.028  1.00 6.15  ? 2662 A   A OP2    1 
ATOM   500  O "O5'"  . A   A 1 16 ? -14.303 -11.493 -4.383  1.00 5.29  ? 2662 A   A "O5'"  1 
ATOM   501  C "C5'"  . A   A 1 16 ? -14.672 -12.823 -4.745  1.00 5.22  ? 2662 A   A "C5'"  1 
ATOM   502  C "C4'"  . A   A 1 16 ? -13.843 -13.272 -5.920  1.00 4.83  ? 2662 A   A "C4'"  1 
ATOM   503  O "O4'"  . A   A 1 16 ? -14.173 -12.475 -7.080  1.00 4.98  ? 2662 A   A "O4'"  1 
ATOM   504  C "C3'"  . A   A 1 16 ? -12.348 -13.099 -5.758  1.00 4.52  ? 2662 A   A "C3'"  1 
ATOM   505  O "O3'"  . A   A 1 16 ? -11.798 -14.213 -5.086  1.00 5.11  ? 2662 A   A "O3'"  1 
ATOM   506  C "C2'"  . A   A 1 16 ? -11.860 -12.968 -7.181  1.00 4.65  ? 2662 A   A "C2'"  1 
ATOM   507  O "O2'"  . A   A 1 16 ? -11.759 -14.248 -7.764  1.00 5.58  ? 2662 A   A "O2'"  1 
ATOM   508  C "C1'"  . A   A 1 16 ? -13.016 -12.211 -7.837  1.00 4.85  ? 2662 A   A "C1'"  1 
ATOM   509  N N9     . A   A 1 16 ? -12.803 -10.754 -7.857  1.00 4.58  ? 2662 A   A N9     1 
ATOM   510  C C8     . A   A 1 16 ? -13.096 -9.878  -6.847  1.00 4.98  ? 2662 A   A C8     1 
ATOM   511  N N7     . A   A 1 16 ? -12.796 -8.640  -7.123  1.00 5.08  ? 2662 A   A N7     1 
ATOM   512  C C5     . A   A 1 16 ? -12.243 -8.719  -8.390  1.00 4.81  ? 2662 A   A C5     1 
ATOM   513  C C6     . A   A 1 16 ? -11.731 -7.721  -9.228  1.00 5.80  ? 2662 A   A C6     1 
ATOM   514  N N6     . A   A 1 16 ? -11.696 -6.432  -8.877  1.00 7.23  ? 2662 A   A N6     1 
ATOM   515  N N1     . A   A 1 16 ? -11.261 -8.117  -10.430 1.00 6.15  ? 2662 A   A N1     1 
ATOM   516  C C2     . A   A 1 16 ? -11.312 -9.410  -10.760 1.00 5.69  ? 2662 A   A C2     1 
ATOM   517  N N3     . A   A 1 16 ? -11.758 -10.439 -10.050 1.00 5.05  ? 2662 A   A N3     1 
ATOM   518  C C4     . A   A 1 16 ? -12.235 -10.014 -8.862  1.00 4.71  ? 2662 A   A C4     1 
ATOM   519  H "H5'"  . A   A 1 16 ? -15.612 -12.844 -4.985  1.00 6.27  ? 2662 A   A "H5'"  1 
ATOM   520  H "H5''" . A   A 1 16 ? -14.517 -13.417 -3.994  1.00 6.27  ? 2662 A   A "H5''" 1 
ATOM   521  H "H4'"  . A   A 1 16 ? -14.037 -14.203 -6.108  1.00 5.80  ? 2662 A   A "H4'"  1 
ATOM   522  H "H3'"  . A   A 1 16 ? -12.158 -12.285 -5.266  1.00 5.43  ? 2662 A   A "H3'"  1 
ATOM   523  H "H2'"  . A   A 1 16 ? -11.027 -12.474 -7.235  1.00 5.59  ? 2662 A   A "H2'"  1 
ATOM   524  H "HO2'" . A   A 1 16 ? -11.125 -14.663 -7.404  1.00 6.70  ? 2662 A   A "HO2'" 1 
ATOM   525  H "H1'"  . A   A 1 16 ? -13.140 -12.534 -8.743  1.00 5.82  ? 2662 A   A "H1'"  1 
ATOM   526  H H8     . A   A 1 16 ? -13.495 -10.139 -6.049  1.00 5.97  ? 2662 A   A H8     1 
ATOM   527  H H61    . A   A 1 16 ? -11.373 -5.847  -9.418  1.00 8.67  ? 2662 A   A H61    1 
ATOM   528  H H62    . A   A 1 16 ? -11.998 -6.187  -8.109  1.00 8.67  ? 2662 A   A H62    1 
ATOM   529  H H2     . A   A 1 16 ? -10.967 -9.622  -11.597 1.00 6.83  ? 2662 A   A H2     1 
ATOM   530  P P      . G   A 1 17 ? -10.583 -14.032 -4.082  1.00 5.74  ? 2663 G   A P      1 
ATOM   531  O OP1    . G   A 1 17 ? -10.016 -15.396 -3.880  1.00 7.44  ? 2663 G   A OP1    1 
ATOM   532  O OP2    . G   A 1 17 ? -11.018 -13.276 -2.887  1.00 7.55  ? 2663 G   A OP2    1 
ATOM   533  O "O5'"  . G   A 1 17 ? -9.602  -13.148 -4.956  1.00 5.47  ? 2663 G   A "O5'"  1 
ATOM   534  C "C5'"  . G   A 1 17 ? -8.867  -12.088 -4.387  1.00 5.68  ? 2663 G   A "C5'"  1 
ATOM   535  C "C4'"  . G   A 1 17 ? -8.621  -11.022 -5.410  1.00 5.25  ? 2663 G   A "C4'"  1 
ATOM   536  O "O4'"  . G   A 1 17 ? -9.864  -10.340 -5.734  1.00 5.19  ? 2663 G   A "O4'"  1 
ATOM   537  C "C3'"  . G   A 1 17 ? -7.705  -9.922  -4.942  1.00 4.90  ? 2663 G   A "C3'"  1 
ATOM   538  O "O3'"  . G   A 1 17 ? -6.346  -10.302 -4.994  1.00 4.73  ? 2663 G   A "O3'"  1 
ATOM   539  C "C2'"  . G   A 1 17 ? -8.091  -8.773  -5.860  1.00 4.74  ? 2663 G   A "C2'"  1 
ATOM   540  O "O2'"  . G   A 1 17 ? -7.500  -8.951  -7.139  1.00 5.23  ? 2663 G   A "O2'"  1 
ATOM   541  C "C1'"  . G   A 1 17 ? -9.615  -8.964  -5.942  1.00 4.96  ? 2663 G   A "C1'"  1 
ATOM   542  N N9     . G   A 1 17 ? -10.249 -8.184  -4.867  1.00 4.90  ? 2663 G   A N9     1 
ATOM   543  C C8     . G   A 1 17 ? -10.700 -8.598  -3.642  1.00 5.31  ? 2663 G   A C8     1 
ATOM   544  N N7     . G   A 1 17 ? -11.102 -7.629  -2.875  1.00 5.36  ? 2663 G   A N7     1 
ATOM   545  C C5     . G   A 1 17 ? -10.897 -6.483  -3.628  1.00 4.65  ? 2663 G   A C5     1 
ATOM   546  C C6     . G   A 1 17 ? -11.140 -5.118  -3.344  1.00 4.56  ? 2663 G   A C6     1 
ATOM   547  O O6     . G   A 1 17 ? -11.605 -4.628  -2.317  1.00 4.84  ? 2663 G   A O6     1 
ATOM   548  N N1     . G   A 1 17 ? -10.784 -4.297  -4.399  1.00 4.60  ? 2663 G   A N1     1 
ATOM   549  C C2     . G   A 1 17 ? -10.298 -4.727  -5.602  1.00 5.06  ? 2663 G   A C2     1 
ATOM   550  N N2     . G   A 1 17 ? -10.047 -3.785  -6.516  1.00 6.25  ? 2663 G   A N2     1 
ATOM   551  N N3     . G   A 1 17 ? -10.055 -5.998  -5.887  1.00 4.98  ? 2663 G   A N3     1 
ATOM   552  C C4     . G   A 1 17 ? -10.371 -6.818  -4.857  1.00 4.48  ? 2663 G   A C4     1 
ATOM   553  H "H5'"  . G   A 1 17 ? -8.016  -12.425 -4.063  1.00 6.82  ? 2663 G   A "H5'"  1 
ATOM   554  H "H5''" . G   A 1 17 ? -9.366  -11.713 -3.645  1.00 6.82  ? 2663 G   A "H5''" 1 
ATOM   555  H "H4'"  . G   A 1 17 ? -8.257  -11.424 -6.213  1.00 6.30  ? 2663 G   A "H4'"  1 
ATOM   556  H "H3'"  . G   A 1 17 ? -7.935  -9.688  -4.029  1.00 5.88  ? 2663 G   A "H3'"  1 
ATOM   557  H "H2'"  . G   A 1 17 ? -7.859  -7.914  -5.473  1.00 5.68  ? 2663 G   A "H2'"  1 
ATOM   558  H "HO2'" . G   A 1 17 ? -7.508  -8.219  -7.549  1.00 6.28  ? 2663 G   A "HO2'" 1 
ATOM   559  H "H1'"  . G   A 1 17 ? -9.948  -8.684  -6.809  1.00 5.95  ? 2663 G   A "H1'"  1 
ATOM   560  H H8     . G   A 1 17 ? -10.680 -9.486  -3.369  1.00 6.38  ? 2663 G   A H8     1 
ATOM   561  H H1     . G   A 1 17 ? -10.944 -3.457  -4.315  1.00 5.52  ? 2663 G   A H1     1 
ATOM   562  H H21    . G   A 1 17 ? -10.203 -2.959  -6.336  1.00 7.50  ? 2663 G   A H21    1 
ATOM   563  H H22    . G   A 1 17 ? -9.728  -4.005  -7.284  1.00 7.50  ? 2663 G   A H22    1 
ATOM   564  P P      . G   A 1 18 ? -5.407  -9.978  -3.739  1.00 5.44  ? 2664 G   A P      1 
ATOM   565  O OP1    . G   A 1 18 ? -4.033  -10.403 -4.137  1.00 6.27  ? 2664 G   A OP1    1 
ATOM   566  O OP2    . G   A 1 18 ? -6.027  -10.504 -2.496  1.00 7.11  ? 2664 G   A OP2    1 
ATOM   567  O "O5'"  . G   A 1 18 ? -5.485  -8.400  -3.621  1.00 5.54  ? 2664 G   A "O5'"  1 
ATOM   568  C "C5'"  . G   A 1 18 ? -5.043  -7.586  -4.693  1.00 5.88  ? 2664 G   A "C5'"  1 
ATOM   569  C "C4'"  . G   A 1 18 ? -5.424  -6.157  -4.429  1.00 5.46  ? 2664 G   A "C4'"  1 
ATOM   570  O "O4'"  . G   A 1 18 ? -6.860  -6.041  -4.255  1.00 5.30  ? 2664 G   A "O4'"  1 
ATOM   571  C "C3'"  . G   A 1 18 ? -4.863  -5.548  -3.161  1.00 5.17  ? 2664 G   A "C3'"  1 
ATOM   572  O "O3'"  . G   A 1 18 ? -3.502  -5.195  -3.325  1.00 5.57  ? 2664 G   A "O3'"  1 
ATOM   573  C "C2'"  . G   A 1 18 ? -5.816  -4.383  -2.945  1.00 5.08  ? 2664 G   A "C2'"  1 
ATOM   574  O "O2'"  . G   A 1 18 ? -5.580  -3.374  -3.917  1.00 5.54  ? 2664 G   A "O2'"  1 
ATOM   575  C "C1'"  . G   A 1 18 ? -7.141  -5.038  -3.297  1.00 5.03  ? 2664 G   A "C1'"  1 
ATOM   576  N N9     . G   A 1 18 ? -7.779  -5.661  -2.129  1.00 5.21  ? 2664 G   A N9     1 
ATOM   577  C C8     . G   A 1 18 ? -7.774  -6.980  -1.768  1.00 5.96  ? 2664 G   A C8     1 
ATOM   578  N N7     . G   A 1 18 ? -8.427  -7.214  -0.661  1.00 5.95  ? 2664 G   A N7     1 
ATOM   579  C C5     . G   A 1 18 ? -8.906  -5.967  -0.277  1.00 5.33  ? 2664 G   A C5     1 
ATOM   580  C C6     . G   A 1 18 ? -9.702  -5.585  0.835   1.00 5.47  ? 2664 G   A C6     1 
ATOM   581  O O6     . G   A 1 18 ? -10.162 -6.292  1.745   1.00 6.71  ? 2664 G   A O6     1 
ATOM   582  N N1     . G   A 1 18 ? -9.961  -4.226  0.835   1.00 4.97  ? 2664 G   A N1     1 
ATOM   583  C C2     . G   A 1 18 ? -9.509  -3.336  -0.096  1.00 4.75  ? 2664 G   A C2     1 
ATOM   584  N N2     . G   A 1 18 ? -9.876  -2.059  0.105   1.00 5.19  ? 2664 G   A N2     1 
ATOM   585  N N3     . G   A 1 18 ? -8.767  -3.669  -1.132  1.00 4.73  ? 2664 G   A N3     1 
ATOM   586  C C4     . G   A 1 18 ? -8.511  -4.996  -1.170  1.00 5.15  ? 2664 G   A C4     1 
ATOM   587  H "H5'"  . G   A 1 18 ? -5.457  -7.883  -5.517  1.00 7.06  ? 2664 G   A "H5'"  1 
ATOM   588  H "H5''" . G   A 1 18 ? -4.079  -7.653  -4.773  1.00 7.06  ? 2664 G   A "H5''" 1 
ATOM   589  H "H4'"  . G   A 1 18 ? -5.154  -5.614  -5.185  1.00 6.56  ? 2664 G   A "H4'"  1 
ATOM   590  H "H3'"  . G   A 1 18 ? -4.951  -6.180  -2.431  1.00 6.20  ? 2664 G   A "H3'"  1 
ATOM   591  H "H2'"  . G   A 1 18 ? -5.797  -4.047  -2.035  1.00 6.10  ? 2664 G   A "H2'"  1 
ATOM   592  H "HO2'" . G   A 1 18 ? -4.780  -3.124  -3.864  1.00 6.65  ? 2664 G   A "HO2'" 1 
ATOM   593  H "H1'"  . G   A 1 18 ? -7.738  -4.378  -3.683  1.00 6.04  ? 2664 G   A "H1'"  1 
ATOM   594  H H8     . G   A 1 18 ? -7.333  -7.640  -2.251  1.00 7.15  ? 2664 G   A H8     1 
ATOM   595  H H1     . G   A 1 18 ? -10.427 -3.914  1.487   1.00 5.96  ? 2664 G   A H1     1 
ATOM   596  H H21    . G   A 1 18 ? -10.361 -1.852  0.784   1.00 6.23  ? 2664 G   A H21    1 
ATOM   597  H H22    . G   A 1 18 ? -9.626  -1.449  -0.448  1.00 6.23  ? 2664 G   A H22    1 
ATOM   598  P P      . A   A 1 19 ? -2.546  -5.034  -2.055  1.00 5.72  ? 2665 A   A P      1 
ATOM   599  O OP1    . A   A 1 19 ? -1.153  -5.143  -2.575  1.00 7.69  ? 2665 A   A OP1    1 
ATOM   600  O OP2    . A   A 1 19 ? -3.025  -5.899  -0.960  1.00 6.98  ? 2665 A   A OP2    1 
ATOM   601  O "O5'"  . A   A 1 19 ? -2.861  -3.534  -1.612  1.00 6.09  ? 2665 A   A "O5'"  1 
ATOM   602  C "C5'"  . A   A 1 19 ? -1.953  -2.462  -1.843  1.00 6.46  ? 2665 A   A "C5'"  1 
ATOM   603  C "C4'"  . A   A 1 19 ? -1.953  -1.962  -3.267  1.00 6.25  ? 2665 A   A "C4'"  1 
ATOM   604  O "O4'"  . A   A 1 19 ? -3.311  -1.864  -3.780  1.00 6.42  ? 2665 A   A "O4'"  1 
ATOM   605  C "C3'"  . A   A 1 19 ? -1.394  -0.557  -3.417  1.00 5.94  ? 2665 A   A "C3'"  1 
ATOM   606  O "O3'"  . A   A 1 19 ? 0.019   -0.544  -3.481  1.00 6.34  ? 2665 A   A "O3'"  1 
ATOM   607  C "C2'"  . A   A 1 19 ? -2.106  -0.051  -4.660  1.00 6.36  ? 2665 A   A "C2'"  1 
ATOM   608  O "O2'"  . A   A 1 19 ? -1.553  -0.665  -5.807  1.00 7.52  ? 2665 A   A "O2'"  1 
ATOM   609  C "C1'"  . A   A 1 19 ? -3.503  -0.614  -4.405  1.00 6.01  ? 2665 A   A "C1'"  1 
ATOM   610  N N9     . A   A 1 19 ? -4.225  0.247   -3.451  1.00 5.92  ? 2665 A   A N9     1 
ATOM   611  C C8     . A   A 1 19 ? -4.632  -0.105  -2.189  1.00 6.11  ? 2665 A   A C8     1 
ATOM   612  N N7     . A   A 1 19 ? -5.194  0.860   -1.533  1.00 5.97  ? 2665 A   A N7     1 
ATOM   613  C C5     . A   A 1 19 ? -5.153  1.940   -2.403  1.00 5.80  ? 2665 A   A C5     1 
ATOM   614  C C6     . A   A 1 19 ? -5.569  3.266   -2.273  1.00 6.20  ? 2665 A   A C6     1 
ATOM   615  N N6     . A   A 1 19 ? -6.115  3.732   -1.149  1.00 6.72  ? 2665 A   A N6     1 
ATOM   616  N N1     . A   A 1 19 ? -5.411  4.086   -3.325  1.00 6.73  ? 2665 A   A N1     1 
ATOM   617  C C2     . A   A 1 19 ? -4.846  3.585   -4.431  1.00 7.01  ? 2665 A   A C2     1 
ATOM   618  N N3     . A   A 1 19 ? -4.392  2.354   -4.669  1.00 6.40  ? 2665 A   A N3     1 
ATOM   619  C C4     . A   A 1 19 ? -4.568  1.572   -3.590  1.00 5.75  ? 2665 A   A C4     1 
ATOM   620  H "H5'"  . A   A 1 19 ? -1.058  -2.761  -1.620  1.00 7.75  ? 2665 A   A "H5'"  1 
ATOM   621  H "H5''" . A   A 1 19 ? -2.188  -1.726  -1.257  1.00 7.75  ? 2665 A   A "H5''" 1 
ATOM   622  H "H4'"  . A   A 1 19 ? -1.443  -2.572  -3.822  1.00 7.49  ? 2665 A   A "H4'"  1 
ATOM   623  H "H3'"  . A   A 1 19 ? -1.676  -0.026  -2.656  1.00 7.13  ? 2665 A   A "H3'"  1 
ATOM   624  H "H2'"  . A   A 1 19 ? -2.104  0.918   -4.716  1.00 7.63  ? 2665 A   A "H2'"  1 
ATOM   625  H "HO2'" . A   A 1 19 ? -2.107  -1.216  -6.115  1.00 9.03  ? 2665 A   A "HO2'" 1 
ATOM   626  H "H1'"  . A   A 1 19 ? -3.998  -0.710  -5.232  1.00 7.21  ? 2665 A   A "H1'"  1 
ATOM   627  H H8     . A   A 1 19 ? -4.495  -0.952  -1.830  1.00 7.33  ? 2665 A   A H8     1 
ATOM   628  H H61    . A   A 1 19 ? -6.364  4.553   -1.100  1.00 8.06  ? 2665 A   A H61    1 
ATOM   629  H H62    . A   A 1 19 ? -6.217  3.210   -0.473  1.00 8.06  ? 2665 A   A H62    1 
ATOM   630  H H2     . A   A 1 19 ? -4.733  4.190   -5.128  1.00 8.42  ? 2665 A   A H2     1 
ATOM   631  P P      . C   A 1 20 ? 0.825   0.692   -2.846  1.00 5.86  ? 2666 C   A P      1 
ATOM   632  O OP1    . C   A 1 20 ? 2.253   0.301   -2.834  1.00 7.52  ? 2666 C   A OP1    1 
ATOM   633  O OP2    . C   A 1 20 ? 0.214   1.103   -1.566  1.00 6.04  ? 2666 C   A OP2    1 
ATOM   634  O "O5'"  . C   A 1 20 ? 0.586   1.870   -3.874  1.00 5.91  ? 2666 C   A "O5'"  1 
ATOM   635  C "C5'"  . C   A 1 20 ? 0.884   1.719   -5.259  1.00 6.36  ? 2666 C   A "C5'"  1 
ATOM   636  C "C4'"  . C   A 1 20 ? 0.310   2.864   -6.038  1.00 6.57  ? 2666 C   A "C4'"  1 
ATOM   637  O "O4'"  . C   A 1 20 ? -1.099  3.006   -5.727  1.00 6.41  ? 2666 C   A "O4'"  1 
ATOM   638  C "C3'"  . C   A 1 20 ? 0.877   4.234   -5.734  1.00 6.73  ? 2666 C   A "C3'"  1 
ATOM   639  O "O3'"  . C   A 1 20 ? 2.106   4.468   -6.380  1.00 6.96  ? 2666 C   A "O3'"  1 
ATOM   640  C "C2'"  . C   A 1 20 ? -0.233  5.151   -6.203  1.00 7.06  ? 2666 C   A "C2'"  1 
ATOM   641  O "O2'"  . C   A 1 20 ? -0.255  5.222   -7.620  1.00 8.75  ? 2666 C   A "O2'"  1 
ATOM   642  C "C1'"  . C   A 1 20 ? -1.448  4.378   -5.730  1.00 6.53  ? 2666 C   A "C1'"  1 
ATOM   643  N N1     . C   A 1 20 ? -1.883  4.785   -4.374  1.00 5.88  ? 2666 C   A N1     1 
ATOM   644  C C2     . C   A 1 20 ? -2.478  6.044   -4.256  1.00 6.51  ? 2666 C   A C2     1 
ATOM   645  O O2     . C   A 1 20 ? -2.561  6.768   -5.266  1.00 7.88  ? 2666 C   A O2     1 
ATOM   646  N N3     . C   A 1 20 ? -2.926  6.457   -3.058  1.00 6.53  ? 2666 C   A N3     1 
ATOM   647  C C4     . C   A 1 20 ? -2.851  5.652   -2.004  1.00 5.86  ? 2666 C   A C4     1 
ATOM   648  N N4     . C   A 1 20 ? -3.339  6.075   -0.844  1.00 7.02  ? 2666 C   A N4     1 
ATOM   649  C C5     . C   A 1 20 ? -2.256  4.364   -2.110  1.00 5.77  ? 2666 C   A C5     1 
ATOM   650  C C6     . C   A 1 20 ? -1.794  3.956   -3.294  1.00 5.59  ? 2666 C   A C6     1 
ATOM   651  H "H5'"  . C   A 1 20 ? 0.501   0.889   -5.581  1.00 7.63  ? 2666 C   A "H5'"  1 
ATOM   652  H "H5''" . C   A 1 20 ? 1.846   1.699   -5.380  1.00 7.63  ? 2666 C   A "H5''" 1 
ATOM   653  H "H4'"  . C   A 1 20 ? 0.409   2.683   -6.985  1.00 7.88  ? 2666 C   A "H4'"  1 
ATOM   654  H "H3'"  . C   A 1 20 ? 0.992   4.330   -4.775  1.00 8.07  ? 2666 C   A "H3'"  1 
ATOM   655  H "H2'"  . C   A 1 20 ? -0.178  6.026   -5.791  1.00 8.48  ? 2666 C   A "H2'"  1 
ATOM   656  H "HO2'" . C   A 1 20 ? 0.419   5.650   -7.883  1.00 10.51 ? 2666 C   A "HO2'" 1 
ATOM   657  H "H1'"  . C   A 1 20 ? -2.177  4.519   -6.354  1.00 7.84  ? 2666 C   A "H1'"  1 
ATOM   658  H H41    . C   A 1 20 ? -3.300  5.568   -0.151  1.00 8.42  ? 2666 C   A H41    1 
ATOM   659  H H42    . C   A 1 20 ? -3.694  6.856   -0.787  1.00 8.42  ? 2666 C   A H42    1 
ATOM   660  H H5     . C   A 1 20 ? -2.201  3.809   -1.366  1.00 6.93  ? 2666 C   A H5     1 
ATOM   661  H H6     . C   A 1 20 ? -1.418  3.110   -3.383  1.00 6.71  ? 2666 C   A H6     1 
HETATM 662  P P      . 6FC A 1 21 ? 3.321   5.127   -5.570  1.00 7.50  ? 2667 6FC A P      1 
HETATM 663  O OP1    . 6FC A 1 21 ? 4.464   5.237   -6.542  1.00 9.32  ? 2667 6FC A OP1    1 
HETATM 664  O "O5'"  . 6FC A 1 21 ? 2.778   6.562   -5.127  1.00 7.09  ? 2667 6FC A "O5'"  1 
HETATM 665  C "C5'"  . 6FC A 1 21 ? 2.455   7.583   -6.064  1.00 7.47  ? 2667 6FC A "C5'"  1 
HETATM 666  C "C4'"  . 6FC A 1 21 ? 1.692   8.689   -5.420  1.00 7.16  ? 2667 6FC A "C4'"  1 
HETATM 667  C "C3'"  . 6FC A 1 21 ? 2.343   9.372   -4.235  1.00 7.27  ? 2667 6FC A "C3'"  1 
HETATM 668  O "O3'"  . 6FC A 1 21 ? 3.301   10.336  -4.672  1.00 7.11  ? 2667 6FC A "O3'"  1 
HETATM 669  C "C7'"  . 6FC A 1 21 ? -0.577  12.195  -3.375  1.00 10.70 ? 2667 6FC A "C7'"  1 
HETATM 670  F "F1'"  . 6FC A 1 21 ? -0.964  13.347  -3.897  0.67 10.93 ? 2667 6FC A "F1'"  1 
HETATM 671  F "F2'"  . 6FC A 1 21 ? -0.092  12.410  -2.157  0.79 11.02 ? 2667 6FC A "F2'"  1 
HETATM 672  F "F3'"  . 6FC A 1 21 ? -1.671  11.445  -3.259  0.74 11.19 ? 2667 6FC A "F3'"  1 
HETATM 673  C "C2'"  . 6FC A 1 21 ? 1.171   9.955   -3.556  1.00 7.58  ? 2667 6FC A "C2'"  1 
HETATM 674  S "S2'"  . 6FC A 1 21 ? 0.649   11.483  -4.431  1.00 9.18  ? 2667 6FC A "S2'"  1 
HETATM 675  C "C1'"  . 6FC A 1 21 ? 0.175   8.848   -3.645  1.00 7.54  ? 2667 6FC A "C1'"  1 
HETATM 676  O "O4'"  . 6FC A 1 21 ? 0.451   8.169   -4.901  1.00 7.62  ? 2667 6FC A "O4'"  1 
HETATM 677  N N1     . 6FC A 1 21 ? 0.242   7.897   -2.551  1.00 7.37  ? 2667 6FC A N1     1 
HETATM 678  C C6     . 6FC A 1 21 ? 0.819   6.685   -2.715  1.00 7.43  ? 2667 6FC A C6     1 
HETATM 679  C C5     . 6FC A 1 21 ? 0.863   5.781   -1.661  1.00 7.61  ? 2667 6FC A C5     1 
HETATM 680  C C4     . 6FC A 1 21 ? 0.292   6.210   -0.463  1.00 8.22  ? 2667 6FC A C4     1 
HETATM 681  N N4     . 6FC A 1 21 ? 0.310   5.330   0.614   1.00 9.01  ? 2667 6FC A N4     1 
HETATM 682  N N3     . 6FC A 1 21 ? -0.272  7.415   -0.329  1.00 8.21  ? 2667 6FC A N3     1 
HETATM 683  C C2     . 6FC A 1 21 ? -0.291  8.231   -1.369  1.00 8.06  ? 2667 6FC A C2     1 
HETATM 684  O O2     . 6FC A 1 21 ? -0.812  9.331   -1.261  1.00 10.24 ? 2667 6FC A O2     1 
HETATM 685  O OP2    . 6FC A 1 21 ? 3.569   4.368   -4.296  1.00 7.44  ? 2667 6FC A OP2    1 
HETATM 686  H "H5'1" . 6FC A 1 21 ? 1.917   7.198   -6.788  1.00 8.97  ? 2667 6FC A "H5'1" 1 
HETATM 687  H "H5'2" . 6FC A 1 21 ? 3.283   7.945   -6.438  1.00 8.97  ? 2667 6FC A "H5'2" 1 
HETATM 688  H "H4'1" . 6FC A 1 21 ? 1.491   9.363   -6.096  1.00 8.59  ? 2667 6FC A "H4'1" 1 
HETATM 689  H "H3'1" . 6FC A 1 21 ? 2.772   8.709   -3.657  1.00 8.72  ? 2667 6FC A "H3'1" 1 
HETATM 690  H "H2'1" . 6FC A 1 21 ? 1.380   10.150  -2.623  1.00 9.10  ? 2667 6FC A "H2'1" 1 
HETATM 691  H "H1'1" . 6FC A 1 21 ? -0.725  9.230   -3.680  1.00 9.04  ? 2667 6FC A "H1'1" 1 
HETATM 692  H H61    . 6FC A 1 21 ? 1.204   6.444   -3.579  1.00 8.92  ? 2667 6FC A H61    1 
HETATM 693  H H51    . 6FC A 1 21 ? 1.277   4.902   -1.752  1.00 9.13  ? 2667 6FC A H51    1 
HETATM 694  H H41    . 6FC A 1 21 ? -0.025  5.591   1.423   1.00 10.81 ? 2667 6FC A H41    1 
HETATM 695  H H42    . 6FC A 1 21 ? 0.657   4.491   0.514   1.00 10.81 ? 2667 6FC A H42    1 
ATOM   696  P P      . G   A 1 22 ? 4.773   10.369  -4.025  1.00 6.98  ? 2668 G   A P      1 
ATOM   697  O OP1    . G   A 1 22 ? 5.418   11.542  -4.652  1.00 7.84  ? 2668 G   A OP1    1 
ATOM   698  O OP2    . G   A 1 22 ? 5.390   9.036   -4.124  1.00 8.27  ? 2668 G   A OP2    1 
ATOM   699  O "O5'"  . G   A 1 22 ? 4.520   10.598  -2.478  1.00 6.77  ? 2668 G   A "O5'"  1 
ATOM   700  C "C5'"  . G   A 1 22 ? 3.999   11.834  -2.037  1.00 6.79  ? 2668 G   A "C5'"  1 
ATOM   701  C "C4'"  . G   A 1 22 ? 3.497   11.740  -0.625  1.00 6.54  ? 2668 G   A "C4'"  1 
ATOM   702  O "O4'"  . G   A 1 22 ? 2.457   10.729  -0.536  1.00 5.87  ? 2668 G   A "O4'"  1 
ATOM   703  C "C3'"  . G   A 1 22 ? 4.486   11.303  0.446   1.00 7.28  ? 2668 G   A "C3'"  1 
ATOM   704  O "O3'"  . G   A 1 22 ? 5.427   12.280  0.821   1.00 9.01  ? 2668 G   A "O3'"  1 
ATOM   705  C "C2'"  . G   A 1 22 ? 3.539   10.886  1.555   1.00 6.28  ? 2668 G   A "C2'"  1 
ATOM   706  O "O2'"  . G   A 1 22 ? 2.911   12.004  2.157   1.00 8.18  ? 2668 G   A "O2'"  1 
ATOM   707  C "C1'"  . G   A 1 22 ? 2.500   10.126  0.741   1.00 5.57  ? 2668 G   A "C1'"  1 
ATOM   708  N N9     . G   A 1 22 ? 2.903   8.718   0.583   1.00 5.21  ? 2668 G   A N9     1 
ATOM   709  C C8     . G   A 1 22 ? 3.463   8.135   -0.529  1.00 5.80  ? 2668 G   A C8     1 
ATOM   710  N N7     . G   A 1 22 ? 3.736   6.874   -0.359  1.00 5.66  ? 2668 G   A N7     1 
ATOM   711  C C5     . G   A 1 22 ? 3.356   6.614   0.952   1.00 5.01  ? 2668 G   A C5     1 
ATOM   712  C C6     . G   A 1 22 ? 3.396   5.418   1.701   1.00 4.99  ? 2668 G   A C6     1 
ATOM   713  O O6     . G   A 1 22 ? 3.794   4.319   1.324   1.00 5.87  ? 2668 G   A O6     1 
ATOM   714  N N1     . G   A 1 22 ? 2.921   5.590   2.999   1.00 4.63  ? 2668 G   A N1     1 
ATOM   715  C C2     . G   A 1 22 ? 2.446   6.775   3.514   1.00 4.35  ? 2668 G   A C2     1 
ATOM   716  N N2     . G   A 1 22 ? 2.058   6.754   4.792   1.00 4.72  ? 2668 G   A N2     1 
ATOM   717  N N3     . G   A 1 22 ? 2.370   7.900   2.810   1.00 4.43  ? 2668 G   A N3     1 
ATOM   718  C C4     . G   A 1 22 ? 2.834   7.740   1.540   1.00 4.81  ? 2668 G   A C4     1 
ATOM   719  H "H5'"  . G   A 1 22 ? 3.267   12.094  -2.617  1.00 8.14  ? 2668 G   A "H5'"  1 
ATOM   720  H "H5''" . G   A 1 22 ? 4.697   12.506  -2.083  1.00 8.14  ? 2668 G   A "H5''" 1 
ATOM   721  H "H4'"  . G   A 1 22 ? 3.121   12.598  -0.371  1.00 7.85  ? 2668 G   A "H4'"  1 
ATOM   722  H "H3'"  . G   A 1 22 ? 4.960   10.518  0.129   1.00 8.74  ? 2668 G   A "H3'"  1 
ATOM   723  H "H2'"  . G   A 1 22 ? 3.973   10.314  2.208   1.00 7.54  ? 2668 G   A "H2'"  1 
ATOM   724  H "HO2'" . G   A 1 22 ? 2.176   12.145  1.774   1.00 9.81  ? 2668 G   A "HO2'" 1 
ATOM   725  H "H1'"  . G   A 1 22 ? 1.631   10.182  1.168   1.00 6.69  ? 2668 G   A "H1'"  1 
ATOM   726  H H8     . G   A 1 22 ? 3.594   8.584   -1.333  1.00 6.95  ? 2668 G   A H8     1 
ATOM   727  H H1     . G   A 1 22 ? 2.929   4.905   3.520   1.00 5.56  ? 2668 G   A H1     1 
ATOM   728  H H21    . G   A 1 22 ? 2.107   6.026   5.245   1.00 5.66  ? 2668 G   A H21    1 
ATOM   729  H H22    . G   A 1 22 ? 1.757   7.471   5.161   1.00 5.66  ? 2668 G   A H22    1 
ATOM   730  P P      . G   A 1 23 ? 6.910   11.860  1.372   1.00 9.35  ? 2669 G   A P      1 
ATOM   731  O OP1    . G   A 1 23 ? 7.648   13.139  1.593   1.00 11.50 ? 2669 G   A OP1    1 
ATOM   732  O OP2    . G   A 1 23 ? 7.501   10.815  0.502   1.00 10.64 ? 2669 G   A OP2    1 
ATOM   733  O "O5'"  . G   A 1 23 ? 6.684   11.124  2.762   1.00 8.46  ? 2669 G   A "O5'"  1 
ATOM   734  C "C5'"  . G   A 1 23 ? 6.179   11.829  3.868   1.00 8.05  ? 2669 G   A "C5'"  1 
ATOM   735  C "C4'"  . G   A 1 23 ? 5.782   10.863  4.935   1.00 6.90  ? 2669 G   A "C4'"  1 
ATOM   736  O "O4'"  . G   A 1 23 ? 4.981   9.813   4.355   1.00 6.52  ? 2669 G   A "O4'"  1 
ATOM   737  C "C3'"  . G   A 1 23 ? 6.896   10.112  5.638   1.00 5.83  ? 2669 G   A "C3'"  1 
ATOM   738  O "O3'"  . G   A 1 23 ? 7.529   10.915  6.609   1.00 6.12  ? 2669 G   A "O3'"  1 
ATOM   739  C "C2'"  . G   A 1 23 ? 6.143   8.916   6.201   1.00 5.46  ? 2669 G   A "C2'"  1 
ATOM   740  O "O2'"  . G   A 1 23 ? 5.300   9.298   7.281   1.00 5.39  ? 2669 G   A "O2'"  1 
ATOM   741  C "C1'"  . G   A 1 23 ? 5.223   8.607   5.047   1.00 5.48  ? 2669 G   A "C1'"  1 
ATOM   742  N N9     . G   A 1 23 ? 5.754   7.611   4.107   1.00 5.37  ? 2669 G   A N9     1 
ATOM   743  C C8     . G   A 1 23 ? 6.054   7.787   2.787   1.00 5.89  ? 2669 G   A C8     1 
ATOM   744  N N7     . G   A 1 23 ? 6.418   6.685   2.196   1.00 5.58  ? 2669 G   A N7     1 
ATOM   745  C C5     . G   A 1 23 ? 6.323   5.710   3.179   1.00 4.95  ? 2669 G   A C5     1 
ATOM   746  C C6     . G   A 1 23 ? 6.552   4.314   3.139   1.00 4.86  ? 2669 G   A C6     1 
ATOM   747  O O6     . G   A 1 23 ? 6.867   3.615   2.173   1.00 5.64  ? 2669 G   A O6     1 
ATOM   748  N N1     . G   A 1 23 ? 6.353   3.717   4.371   1.00 4.56  ? 2669 G   A N1     1 
ATOM   749  C C2     . G   A 1 23 ? 5.971   4.380   5.512   1.00 4.49  ? 2669 G   A C2     1 
ATOM   750  N N2     . G   A 1 23 ? 5.878   3.646   6.616   1.00 4.79  ? 2669 G   A N2     1 
ATOM   751  N N3     . G   A 1 23 ? 5.720   5.681   5.557   1.00 4.89  ? 2669 G   A N3     1 
ATOM   752  C C4     . G   A 1 23 ? 5.919   6.269   4.368   1.00 4.84  ? 2669 G   A C4     1 
ATOM   753  H "H5'"  . G   A 1 23 ? 5.405   12.345  3.596   1.00 9.66  ? 2669 G   A "H5'"  1 
ATOM   754  H "H5''" . G   A 1 23 ? 6.862   12.425  4.211   1.00 9.66  ? 2669 G   A "H5''" 1 
ATOM   755  H "H4'"  . G   A 1 23 ? 5.252   11.330  5.600   1.00 8.28  ? 2669 G   A "H4'"  1 
ATOM   756  H "H3'"  . G   A 1 23 ? 7.547   9.809   4.986   1.00 6.99  ? 2669 G   A "H3'"  1 
ATOM   757  H "H2'"  . G   A 1 23 ? 6.727   8.174   6.420   1.00 6.56  ? 2669 G   A "H2'"  1 
ATOM   758  H "HO2'" . G   A 1 23 ? 5.691   9.883   7.740   1.00 6.47  ? 2669 G   A "HO2'" 1 
ATOM   759  H "H1'"  . G   A 1 23 ? 4.381   8.280   5.401   1.00 6.57  ? 2669 G   A "H1'"  1 
ATOM   760  H H8     . G   A 1 23 ? 5.979   8.604   2.348   1.00 7.07  ? 2669 G   A H8     1 
ATOM   761  H H1     . G   A 1 23 ? 6.509   2.874   4.434   1.00 5.47  ? 2669 G   A H1     1 
ATOM   762  H H21    . G   A 1 23 ? 6.040   2.802   6.587   1.00 5.75  ? 2669 G   A H21    1 
ATOM   763  H H22    . G   A 1 23 ? 5.654   4.015   7.359   1.00 5.75  ? 2669 G   A H22    1 
ATOM   764  P P      . A   A 1 24 ? 9.116   10.848  6.810   1.00 7.42  ? 2670 A   A P      1 
ATOM   765  O OP1    . A   A 1 24 ? 9.413   11.992  7.713   1.00 9.41  ? 2670 A   A OP1    1 
ATOM   766  O OP2    . A   A 1 24 ? 9.795   10.732  5.493   1.00 10.15 ? 2670 A   A OP2    1 
ATOM   767  O "O5'"  . A   A 1 24 ? 9.353   9.478   7.574   1.00 6.82  ? 2670 A   A "O5'"  1 
ATOM   768  C "C5'"  . A   A 1 24 ? 8.968   9.372   8.933   1.00 6.52  ? 2670 A   A "C5'"  1 
ATOM   769  C "C4'"  . A   A 1 24 ? 9.146   7.970   9.438   1.00 6.22  ? 2670 A   A "C4'"  1 
ATOM   770  O "O4'"  . A   A 1 24 ? 8.276   7.064   8.734   1.00 6.14  ? 2670 A   A "O4'"  1 
ATOM   771  C "C3'"  . A   A 1 24 ? 10.510  7.352   9.252   1.00 6.91  ? 2670 A   A "C3'"  1 
ATOM   772  O "O3'"  . A   A 1 24 ? 11.438  7.864   10.166  1.00 8.92  ? 2670 A   A "O3'"  1 
ATOM   773  C "C2'"  . A   A 1 24 ? 10.201  5.881   9.441   1.00 6.47  ? 2670 A   A "C2'"  1 
ATOM   774  O "O2'"  . A   A 1 24 ? 9.958   5.600   10.808  1.00 6.95  ? 2670 A   A "O2'"  1 
ATOM   775  C "C1'"  . A   A 1 24 ? 8.895   5.789   8.666   1.00 6.49  ? 2670 A   A "C1'"  1 
ATOM   776  N N9     . A   A 1 24 ? 9.111   5.468   7.249   1.00 5.96  ? 2670 A   A N9     1 
ATOM   777  C C8     . A   A 1 24 ? 9.142   6.329   6.185   1.00 6.61  ? 2670 A   A C8     1 
ATOM   778  N N7     . A   A 1 24 ? 9.349   5.734   5.035   1.00 6.33  ? 2670 A   A N7     1 
ATOM   779  C C5     . A   A 1 24 ? 9.473   4.396   5.377   1.00 5.70  ? 2670 A   A C5     1 
ATOM   780  C C6     . A   A 1 24 ? 9.694   3.249   4.597   1.00 5.40  ? 2670 A   A C6     1 
ATOM   781  N N6     . A   A 1 24 ? 9.833   3.281   3.275   1.00 5.81  ? 2670 A   A N6     1 
ATOM   782  N N1     . A   A 1 24 ? 9.766   2.061   5.247   1.00 5.28  ? 2670 A   A N1     1 
ATOM   783  C C2     . A   A 1 24 ? 9.622   2.040   6.576   1.00 5.54  ? 2670 A   A C2     1 
ATOM   784  N N3     . A   A 1 24 ? 9.415   3.055   7.408   1.00 5.53  ? 2670 A   A N3     1 
ATOM   785  C C4     . A   A 1 24 ? 9.333   4.216   6.741   1.00 5.62  ? 2670 A   A C4     1 
ATOM   786  H "H5'"  . A   A 1 24 ? 8.036   9.627   9.021   1.00 7.82  ? 2670 A   A "H5'"  1 
ATOM   787  H "H5''" . A   A 1 24 ? 9.514   9.973   9.464   1.00 7.82  ? 2670 A   A "H5''" 1 
ATOM   788  H "H4'"  . A   A 1 24 ? 8.919   7.949   10.382  1.00 7.47  ? 2670 A   A "H4'"  1 
ATOM   789  H "H3'"  . A   A 1 24 ? 10.820  7.508   8.345   1.00 8.29  ? 2670 A   A "H3'"  1 
ATOM   790  H "H2'"  . A   A 1 24 ? 10.889  5.312   9.063   1.00 7.77  ? 2670 A   A "H2'"  1 
ATOM   791  H "HO2'" . A   A 1 24 ? 10.683  5.652   11.230  1.00 8.34  ? 2670 A   A "HO2'" 1 
ATOM   792  H "H1'"  . A   A 1 24 ? 8.318   5.123   9.070   1.00 7.79  ? 2670 A   A "H1'"  1 
ATOM   793  H H8     . A   A 1 24 ? 9.009   7.246   6.268   1.00 7.93  ? 2670 A   A H8     1 
ATOM   794  H H61    . A   A 1 24 ? 9.969   2.552   2.839   1.00 6.97  ? 2670 A   A H61    1 
ATOM   795  H H62    . A   A 1 24 ? 9.789   4.031   2.856   1.00 6.97  ? 2670 A   A H62    1 
ATOM   796  H H2     . A   A 1 24 ? 9.679   1.200   6.972   1.00 6.64  ? 2670 A   A H2     1 
ATOM   797  P P      . G   A 1 25 ? 12.993  7.918   9.799   1.00 12.70 ? 2671 G   A P      1 
ATOM   798  O OP1    . G   A 1 25 ? 13.645  8.611   10.951  1.00 14.46 ? 2671 G   A OP1    1 
ATOM   799  O OP2    . G   A 1 25 ? 13.174  8.451   8.433   1.00 14.16 ? 2671 G   A OP2    1 
ATOM   800  O "O5'"  . G   A 1 25 ? 13.383  6.422   9.457   1.00 14.59 ? 2671 G   A "O5'"  1 
ATOM   801  C "C5'"  . G   A 1 25 ? 13.911  5.563   10.409  1.00 14.36 ? 2671 G   A "C5'"  1 
ATOM   802  C "C4'"  . G   A 1 25 ? 13.842  4.138   9.945   1.00 10.85 ? 2671 G   A "C4'"  1 
ATOM   803  O "O4'"  . G   A 1 25 ? 12.735  3.884   9.044   1.00 9.80  ? 2671 G   A "O4'"  1 
ATOM   804  C "C3'"  . G   A 1 25 ? 15.018  3.550   9.193   1.00 8.47  ? 2671 G   A "C3'"  1 
ATOM   805  O "O3'"  . G   A 1 25 ? 16.142  3.397   10.037  1.00 8.96  ? 2671 G   A "O3'"  1 
ATOM   806  C "C2'"  . G   A 1 25 ? 14.406  2.240   8.744   1.00 7.03  ? 2671 G   A "C2'"  1 
ATOM   807  O "O2'"  . G   A 1 25 ? 14.254  1.410   9.886   1.00 7.13  ? 2671 G   A "O2'"  1 
ATOM   808  C "C1'"  . G   A 1 25 ? 13.028  2.726   8.291   1.00 7.40  ? 2671 G   A "C1'"  1 
ATOM   809  N N9     . G   A 1 25 ? 13.007  3.079   6.858   1.00 7.42  ? 2671 G   A N9     1 
ATOM   810  C C8     . G   A 1 25 ? 12.944  4.336   6.312   1.00 8.25  ? 2671 G   A C8     1 
ATOM   811  N N7     . G   A 1 25 ? 12.934  4.329   5.007   1.00 8.14  ? 2671 G   A N7     1 
ATOM   812  C C5     . G   A 1 25 ? 12.998  2.982   4.666   1.00 7.13  ? 2671 G   A C5     1 
ATOM   813  C C6     . G   A 1 25 ? 13.004  2.354   3.395   1.00 6.23  ? 2671 G   A C6     1 
ATOM   814  O O6     . G   A 1 25 ? 12.963  2.871   2.280   1.00 7.17  ? 2671 G   A O6     1 
ATOM   815  N N1     . G   A 1 25 ? 13.075  0.969   3.525   1.00 6.24  ? 2671 G   A N1     1 
ATOM   816  C C2     . G   A 1 25 ? 13.124  0.275   4.708   1.00 5.70  ? 2671 G   A C2     1 
ATOM   817  N N2     . G   A 1 25 ? 13.194  -1.063  4.619   1.00 5.79  ? 2671 G   A N2     1 
ATOM   818  N N3     . G   A 1 25 ? 13.115  0.859   5.892   1.00 6.16  ? 2671 G   A N3     1 
ATOM   819  C C4     . G   A 1 25 ? 13.037  2.203   5.794   1.00 6.45  ? 2671 G   A C4     1 
ATOM   820  H "H5'"  . G   A 1 25 ? 13.409  5.655   11.233  1.00 17.24 ? 2671 G   A "H5'"  1 
ATOM   821  H "H5''" . G   A 1 25 ? 14.838  5.800   10.573  1.00 17.24 ? 2671 G   A "H5''" 1 
ATOM   822  H "H4'"  . G   A 1 25 ? 13.704  3.591   10.733  1.00 13.02 ? 2671 G   A "H4'"  1 
ATOM   823  H "H3'"  . G   A 1 25 ? 15.238  4.102   8.426   1.00 10.17 ? 2671 G   A "H3'"  1 
ATOM   824  H "H2'"  . G   A 1 25 ? 14.909  1.817   8.029   1.00 8.43  ? 2671 G   A "H2'"  1 
ATOM   825  H "HO2'" . G   A 1 25 ? 14.813  1.641   10.468  1.00 8.56  ? 2671 G   A "HO2'" 1 
ATOM   826  H "H1'"  . G   A 1 25 ? 12.363  2.042   8.470   1.00 8.88  ? 2671 G   A "H1'"  1 
ATOM   827  H H8     . G   A 1 25 ? 12.906  5.113   6.821   1.00 9.89  ? 2671 G   A H8     1 
ATOM   828  H H1     . G   A 1 25 ? 13.094  0.508   2.800   1.00 7.49  ? 2671 G   A H1     1 
ATOM   829  H H21    . G   A 1 25 ? 13.201  -1.442  3.847   1.00 6.94  ? 2671 G   A H21    1 
ATOM   830  H H22    . G   A 1 25 ? 13.234  -1.542  5.333   1.00 6.94  ? 2671 G   A H22    1 
ATOM   831  P P      . U   A 1 26 ? 17.655  3.511   9.502   1.00 10.13 ? 2672 U   A P      1 
ATOM   832  O OP1    . U   A 1 26 ? 18.491  3.467   10.716  1.00 11.58 ? 2672 U   A OP1    1 
ATOM   833  O OP2    . U   A 1 26 ? 17.802  4.625   8.530   1.00 11.32 ? 2672 U   A OP2    1 
ATOM   834  O "O5'"  . U   A 1 26 ? 17.872  2.207   8.635   1.00 9.60  ? 2672 U   A "O5'"  1 
ATOM   835  C "C5'"  . U   A 1 26 ? 17.770  0.920   9.195   1.00 9.54  ? 2672 U   A "C5'"  1 
ATOM   836  C "C4'"  . U   A 1 26 ? 17.683  -0.077  8.081   1.00 9.23  ? 2672 U   A "C4'"  1 
ATOM   837  O "O4'"  . U   A 1 26 ? 16.484  0.168   7.310   1.00 7.85  ? 2672 U   A "O4'"  1 
ATOM   838  C "C3'"  . U   A 1 26 ? 18.791  -0.002  7.050   1.00 10.30 ? 2672 U   A "C3'"  1 
ATOM   839  O "O3'"  . U   A 1 26 ? 19.966  -0.653  7.479   1.00 13.52 ? 2672 U   A "O3'"  1 
ATOM   840  C "C2'"  . U   A 1 26 ? 18.151  -0.652  5.848   1.00 9.02  ? 2672 U   A "C2'"  1 
ATOM   841  O "O2'"  . U   A 1 26 ? 18.105  -2.065  6.009   1.00 9.74  ? 2672 U   A "O2'"  1 
ATOM   842  C "C1'"  . U   A 1 26 ? 16.740  -0.086  5.945   1.00 7.52  ? 2672 U   A "C1'"  1 
ATOM   843  N N1     . U   A 1 26 ? 16.580  1.173   5.173   1.00 6.80  ? 2672 U   A N1     1 
ATOM   844  C C2     . U   A 1 26 ? 16.372  1.016   3.831   1.00 6.41  ? 2672 U   A C2     1 
ATOM   845  O O2     . U   A 1 26 ? 16.374  -0.087  3.311   1.00 7.12  ? 2672 U   A O2     1 
ATOM   846  N N3     . U   A 1 26 ? 16.181  2.173   3.124   1.00 6.32  ? 2672 U   A N3     1 
ATOM   847  C C4     . U   A 1 26 ? 16.208  3.459   3.616   1.00 6.68  ? 2672 U   A C4     1 
ATOM   848  O O4     . U   A 1 26 ? 16.015  4.403   2.855   1.00 7.47  ? 2672 U   A O4     1 
ATOM   849  C C5     . U   A 1 26 ? 16.430  3.541   5.028   1.00 7.11  ? 2672 U   A C5     1 
ATOM   850  C C6     . U   A 1 26 ? 16.604  2.424   5.740   1.00 7.30  ? 2672 U   A C6     1 
ATOM   851  H "H5'"  . U   A 1 26 ? 16.972  0.865   9.746   1.00 11.45 ? 2672 U   A "H5'"  1 
ATOM   852  H "H5''" . U   A 1 26 ? 18.553  0.737   9.738   1.00 11.45 ? 2672 U   A "H5''" 1 
ATOM   853  H "H4'"  . U   A 1 26 ? 17.648  -0.972  8.453   1.00 11.07 ? 2672 U   A "H4'"  1 
ATOM   854  H "H3'"  . U   A 1 26 ? 18.987  0.926   6.852   1.00 12.35 ? 2672 U   A "H3'"  1 
ATOM   855  H "H2'"  . U   A 1 26 ? 18.588  -0.392  5.022   1.00 10.82 ? 2672 U   A "H2'"  1 
ATOM   856  H "HO2'" . U   A 1 26 ? 17.308  -2.301  6.124   1.00 11.69 ? 2672 U   A "HO2'" 1 
ATOM   857  H "H1'"  . U   A 1 26 ? 16.108  -0.746  5.618   1.00 9.02  ? 2672 U   A "H1'"  1 
ATOM   858  H H3     . U   A 1 26 ? 16.069  2.090   2.276   1.00 7.58  ? 2672 U   A H3     1 
ATOM   859  H H5     . U   A 1 26 ? 16.438  4.370   5.450   1.00 8.53  ? 2672 U   A H5     1 
ATOM   860  H H6     . U   A 1 26 ? 16.733  2.495   6.658   1.00 8.76  ? 2672 U   A H6     1 
ATOM   861  P P      . G   A 1 27 ? 21.395  -0.144  6.960   1.00 17.35 ? 2673 G   A P      1 
ATOM   862  O OP1    . G   A 1 27 ? 22.403  -0.950  7.680   1.00 18.64 ? 2673 G   A OP1    1 
ATOM   863  O OP2    . G   A 1 27 ? 21.475  1.330   6.983   1.00 18.84 ? 2673 G   A OP2    1 
ATOM   864  O "O5'"  . G   A 1 27 ? 21.421  -0.576  5.440   1.00 16.56 ? 2673 G   A "O5'"  1 
ATOM   865  C "C5'"  . G   A 1 27 ? 21.473  -1.950  5.128   1.00 15.40 ? 2673 G   A "C5'"  1 
ATOM   866  C "C4'"  . G   A 1 27 ? 21.471  -2.135  3.646   1.00 14.39 ? 2673 G   A "C4'"  1 
ATOM   867  O "O4'"  . G   A 1 27 ? 20.182  -1.738  3.115   1.00 13.29 ? 2673 G   A "O4'"  1 
ATOM   868  C "C3'"  . G   A 1 27 ? 22.445  -1.281  2.856   1.00 15.02 ? 2673 G   A "C3'"  1 
ATOM   869  O "O3'"  . G   A 1 27 ? 23.782  -1.723  2.946   1.00 16.51 ? 2673 G   A "O3'"  1 
ATOM   870  C "C2'"  . G   A 1 27 ? 21.844  -1.351  1.459   1.00 14.33 ? 2673 G   A "C2'"  1 
ATOM   871  O "O2'"  . G   A 1 27 ? 22.170  -2.582  0.823   1.00 16.69 ? 2673 G   A "O2'"  1 
ATOM   872  C "C1'"  . G   A 1 27 ? 20.337  -1.314  1.781   1.00 12.44 ? 2673 G   A "C1'"  1 
ATOM   873  N N9     . G   A 1 27 ? 19.823  0.053   1.659   1.00 9.20  ? 2673 G   A N9     1 
ATOM   874  C C8     . G   A 1 27 ? 19.750  1.056   2.597   1.00 8.78  ? 2673 G   A C8     1 
ATOM   875  N N7     . G   A 1 27 ? 19.293  2.175   2.115   1.00 7.83  ? 2673 G   A N7     1 
ATOM   876  C C5     . G   A 1 27 ? 19.069  1.894   0.773   1.00 6.72  ? 2673 G   A C5     1 
ATOM   877  C C6     . G   A 1 27 ? 18.627  2.724   -0.288  1.00 6.26  ? 2673 G   A C6     1 
ATOM   878  O O6     . G   A 1 27 ? 18.318  3.915   -0.242  1.00 6.94  ? 2673 G   A O6     1 
ATOM   879  N N1     . G   A 1 27 ? 18.592  2.040   -1.492  1.00 6.95  ? 2673 G   A N1     1 
ATOM   880  C C2     . G   A 1 27 ? 18.950  0.728   -1.669  1.00 7.35  ? 2673 G   A C2     1 
ATOM   881  N N2     . G   A 1 27 ? 18.849  0.258   -2.907  1.00 8.14  ? 2673 G   A N2     1 
ATOM   882  N N3     . G   A 1 27 ? 19.364  -0.056  -0.693  1.00 7.59  ? 2673 G   A N3     1 
ATOM   883  C C4     . G   A 1 27 ? 19.406  0.594   0.484   1.00 7.54  ? 2673 G   A C4     1 
ATOM   884  H "H5'"  . G   A 1 27 ? 20.702  -2.396  5.509   1.00 18.48 ? 2673 G   A "H5'"  1 
ATOM   885  H "H5''" . G   A 1 27 ? 22.284  -2.334  5.498   1.00 18.48 ? 2673 G   A "H5''" 1 
ATOM   886  H "H4'"  . G   A 1 27 ? 21.626  -3.070  3.440   1.00 17.27 ? 2673 G   A "H4'"  1 
ATOM   887  H "H3'"  . G   A 1 27 ? 22.393  -0.366  3.176   1.00 18.02 ? 2673 G   A "H3'"  1 
ATOM   888  H "HO3'" . G   A 1 27 ? 24.197  -1.948  2.251   1.00 19.81 ? 2673 G   A "HO3'" 1 
ATOM   889  H "H2'"  . G   A 1 27 ? 22.109  -0.589  0.921   1.00 17.19 ? 2673 G   A "H2'"  1 
ATOM   890  H "HO2'" . G   A 1 27 ? 21.577  -2.760  0.255   1.00 20.03 ? 2673 G   A "HO2'" 1 
ATOM   891  H "H1'"  . G   A 1 27 ? 19.854  -1.907  1.185   1.00 14.93 ? 2673 G   A "H1'"  1 
ATOM   892  H H8     . G   A 1 27 ? 19.961  0.933   3.495   1.00 10.54 ? 2673 G   A H8     1 
ATOM   893  H H1     . G   A 1 27 ? 18.314  2.471   -2.183  1.00 8.34  ? 2673 G   A H1     1 
ATOM   894  H H21    . G   A 1 27 ? 18.580  0.772   -3.541  1.00 9.77  ? 2673 G   A H21    1 
ATOM   895  H H22    . G   A 1 27 ? 19.056  -0.560  -3.075  1.00 9.77  ? 2673 G   A H22    1 
HETATM 896  S S      . SO4 B 2 .  ? 3.572   -0.419  13.359  1.00 7.83  ? 2701 SO4 A S      1 
HETATM 897  O O1     . SO4 B 2 .  ? 4.013   -0.427  14.739  1.00 12.89 ? 2701 SO4 A O1     1 
HETATM 898  O O2     . SO4 B 2 .  ? 4.744   -0.671  12.539  1.00 9.59  ? 2701 SO4 A O2     1 
HETATM 899  O O3     . SO4 B 2 .  ? 2.988   0.855   13.035  1.00 9.63  ? 2701 SO4 A O3     1 
HETATM 900  O O4     . SO4 B 2 .  ? 2.606   -1.492  13.148  1.00 10.83 ? 2701 SO4 A O4     1 
HETATM 901  O O      . HOH C 3 .  ? 4.197   6.703   7.750   1.00 5.59  ? 2801 HOH A O      1 
HETATM 902  O O      . HOH C 3 .  ? -17.684 -12.302 -8.549  1.00 6.29  ? 2802 HOH A O      1 
HETATM 903  O O      . HOH C 3 .  ? 5.375   4.693   9.348   1.00 6.85  ? 2803 HOH A O      1 
HETATM 904  O O      . HOH C 3 .  ? -13.082 -0.838  0.576   0.95 6.57  ? 2804 HOH A O      1 
HETATM 905  O O      . HOH C 3 .  ? -8.510  4.800   -5.921  0.83 6.35  ? 2805 HOH A O      1 
HETATM 906  O O      . HOH C 3 .  ? 6.614   0.925   9.477   0.88 6.40  ? 2806 HOH A O      1 
HETATM 907  O O      . HOH C 3 .  ? -15.042 -7.340  -1.541  1.00 8.19  ? 2807 HOH A O      1 
HETATM 908  O O      . HOH C 3 .  ? 1.234   2.664   0.451   1.00 7.87  ? 2808 HOH A O      1 
HETATM 909  O O      . HOH C 3 .  ? -8.520  7.239   -2.108  1.00 9.18  ? 2809 HOH A O      1 
HETATM 910  O O      . HOH C 3 .  ? -2.776  4.447   1.412   0.89 7.52  ? 2810 HOH A O      1 
HETATM 911  O O      . HOH C 3 .  ? -14.971 1.850   -0.966  0.90 7.14  ? 2811 HOH A O      1 
HETATM 912  O O      . HOH C 3 .  ? -12.849 -6.111  -0.291  0.84 8.33  ? 2812 HOH A O      1 
HETATM 913  O O      . HOH C 3 .  ? 5.051   5.168   -2.138  0.86 8.28  ? 2813 HOH A O      1 
HETATM 914  O O      . HOH C 3 .  ? -14.576 4.911   -10.463 0.71 6.70  ? 2814 HOH A O      1 
HETATM 915  O O      . HOH C 3 .  ? -5.974  -1.338  -6.566  1.00 9.91  ? 2815 HOH A O      1 
HETATM 916  O O      . HOH C 3 .  ? 6.802   -4.050  1.190   0.84 9.00  ? 2816 HOH A O      1 
HETATM 917  O O      . HOH C 3 .  ? 17.456  -3.335  3.797   1.00 10.37 ? 2817 HOH A O      1 
HETATM 918  O O      . HOH C 3 .  ? -8.199  -6.545  -8.012  0.76 7.90  ? 2818 HOH A O      1 
HETATM 919  O O      . HOH C 3 .  ? -13.334 -10.297 -13.415 0.83 8.32  ? 2819 HOH A O      1 
HETATM 920  O O      . HOH C 3 .  ? 8.691   1.803   -0.478  0.84 9.31  ? 2820 HOH A O      1 
HETATM 921  O O      . HOH C 3 .  ? 6.791   11.447  -7.003  0.89 11.87 ? 2821 HOH A O      1 
HETATM 922  O O      . HOH C 3 .  ? -17.912 0.266   -6.261  0.92 10.08 ? 2822 HOH A O      1 
HETATM 923  O O      . HOH C 3 .  ? -8.647  -17.523 -5.207  0.77 7.88  ? 2823 HOH A O      1 
HETATM 924  O O      . HOH C 3 .  ? -12.699 2.898   -10.958 0.87 8.75  ? 2824 HOH A O      1 
HETATM 925  O O      . HOH C 3 .  ? -21.911 -9.771  -8.747  1.00 11.04 ? 2825 HOH A O      1 
HETATM 926  O O      . HOH C 3 .  ? 8.990   -2.502  -1.215  0.86 10.26 ? 2826 HOH A O      1 
HETATM 927  O O      . HOH C 3 .  ? -16.249 2.390   -3.937  0.86 9.61  ? 2827 HOH A O      1 
HETATM 928  O O      . HOH C 3 .  ? 3.411   -0.862  1.561   1.00 11.84 ? 2828 HOH A O      1 
HETATM 929  O O      . HOH C 3 .  ? 5.919   3.009   -0.439  0.92 9.40  ? 2829 HOH A O      1 
HETATM 930  O O      . HOH C 3 .  ? 3.732   1.285   -0.444  0.78 8.14  ? 2830 HOH A O      1 
HETATM 931  O O      . HOH C 3 .  ? -6.932  4.709   2.407   0.81 8.65  ? 2831 HOH A O      1 
HETATM 932  O O      . HOH C 3 .  ? -6.819  6.251   -0.044  0.83 8.67  ? 2832 HOH A O      1 
HETATM 933  O O      . HOH C 3 .  ? 11.514  3.975   12.379  0.72 7.83  ? 2833 HOH A O      1 
HETATM 934  O O      . HOH C 3 .  ? -15.684 -4.319  -12.178 0.75 9.52  ? 2834 HOH A O      1 
HETATM 935  O O      . HOH C 3 .  ? 0.903   -1.070  0.355   0.97 11.20 ? 2835 HOH A O      1 
HETATM 936  O O      . HOH C 3 .  ? -16.180 -0.218  -2.595  0.98 14.47 ? 2836 HOH A O      1 
HETATM 937  O O      . HOH C 3 .  ? -4.759  -3.697  3.954   0.78 9.89  ? 2837 HOH A O      1 
HETATM 938  O O      . HOH C 3 .  ? -18.097 -1.715  -4.458  0.88 11.58 ? 2838 HOH A O      1 
HETATM 939  O O      . HOH C 3 .  ? -0.496  -2.877  10.926  0.78 10.49 ? 2839 HOH A O      1 
HETATM 940  O O      . HOH C 3 .  ? 6.878   -0.877  -0.326  0.96 12.87 ? 2840 HOH A O      1 
HETATM 941  O O      . HOH C 3 .  ? 18.680  9.392   -7.118  0.85 13.21 ? 2841 HOH A O      1 
HETATM 942  O O      . HOH C 3 .  ? 13.630  -2.847  6.866   0.90 13.11 ? 2842 HOH A O      1 
HETATM 943  O O      A HOH C 3 .  ? -5.027  7.342   4.426   0.59 18.58 ? 2843 HOH A O      1 
HETATM 944  O O      B HOH C 3 .  ? -5.329  6.110   4.130   0.41 4.36  ? 2843 HOH A O      1 
HETATM 945  O O      . HOH C 3 .  ? 0.693   2.691   12.598  0.82 11.69 ? 2844 HOH A O      1 
HETATM 946  O O      . HOH C 3 .  ? 4.292   1.805   -3.989  0.78 10.05 ? 2845 HOH A O      1 
HETATM 947  O O      . HOH C 3 .  ? -13.784 -4.867  5.807   0.77 12.93 ? 2846 HOH A O      1 
HETATM 948  O O      . HOH C 3 .  ? 11.134  -6.420  -8.379  0.72 9.46  ? 2847 HOH A O      1 
HETATM 949  O O      . HOH C 3 .  ? -17.180 6.922   -2.729  0.76 10.08 ? 2848 HOH A O      1 
HETATM 950  O O      . HOH C 3 .  ? 14.402  3.653   -2.400  0.80 9.84  ? 2849 HOH A O      1 
HETATM 951  O O      . HOH C 3 .  ? -7.466  6.755   5.785   1.00 15.85 ? 2850 HOH A O      1 
HETATM 952  O O      . HOH C 3 .  ? -15.331 5.545   -0.019  0.68 10.05 ? 2851 HOH A O      1 
HETATM 953  O O      . HOH C 3 .  ? -4.265  -3.494  -7.107  0.79 13.34 ? 2852 HOH A O      1 
HETATM 954  O O      A HOH C 3 .  ? 15.491  1.390   -12.019 0.63 9.26  ? 2853 HOH A O      1 
HETATM 955  O O      B HOH C 3 .  ? 14.479  0.759   -11.225 0.37 26.88 ? 2853 HOH A O      1 
HETATM 956  O O      . HOH C 3 .  ? -1.689  7.196   2.164   0.72 10.81 ? 2854 HOH A O      1 
HETATM 957  O O      . HOH C 3 .  ? 10.619  7.159   13.135  0.80 14.40 ? 2855 HOH A O      1 
HETATM 958  O O      . HOH C 3 .  ? 7.145   5.332   11.553  0.81 10.42 ? 2856 HOH A O      1 
HETATM 959  O O      . HOH C 3 .  ? -17.713 -11.734 -13.764 0.54 6.92  ? 2857 HOH A O      1 
HETATM 960  O O      . HOH C 3 .  ? -12.105 -3.813  -10.351 0.73 10.64 ? 2858 HOH A O      1 
HETATM 961  O O      . HOH C 3 .  ? -14.238 -1.021  6.617   0.67 11.87 ? 2859 HOH A O      1 
HETATM 962  O O      . HOH C 3 .  ? -19.277 0.704   -11.866 0.74 10.92 ? 2860 HOH A O      1 
HETATM 963  O O      . HOH C 3 .  ? 15.245  4.617   0.094   0.85 14.38 ? 2861 HOH A O      1 
HETATM 964  O O      . HOH C 3 .  ? 15.698  3.747   -4.995  0.64 11.97 ? 2862 HOH A O      1 
HETATM 965  O O      . HOH C 3 .  ? 13.939  -6.208  3.660   0.74 12.75 ? 2863 HOH A O      1 
HETATM 966  O O      . HOH C 3 .  ? 9.659   -7.982  7.362   0.86 12.09 ? 2864 HOH A O      1 
HETATM 967  O O      . HOH C 3 .  ? -1.622  -9.250  -4.661  1.00 17.14 ? 2865 HOH A O      1 
HETATM 968  O O      . HOH C 3 .  ? 13.762  7.204   -1.842  1.00 30.76 ? 2866 HOH A O      1 
HETATM 969  O O      . HOH C 3 .  ? 13.140  -0.980  10.048  0.95 14.18 ? 2867 HOH A O      1 
HETATM 970  O O      . HOH C 3 .  ? 3.137   13.676  4.243   0.90 13.17 ? 2868 HOH A O      1 
HETATM 971  O O      . HOH C 3 .  ? -20.263 1.450   -8.732  0.89 12.71 ? 2869 HOH A O      1 
HETATM 972  O O      . HOH C 3 .  ? 19.654  4.434   3.738   0.78 12.84 ? 2870 HOH A O      1 
HETATM 973  O O      . HOH C 3 .  ? -2.642  9.621   -5.969  0.66 12.77 ? 2871 HOH A O      1 
HETATM 974  O O      . HOH C 3 .  ? -1.406  10.542  1.012   0.72 14.63 ? 2872 HOH A O      1 
HETATM 975  O O      . HOH C 3 .  ? -16.004 4.789   3.853   0.66 12.34 ? 2873 HOH A O      1 
HETATM 976  O O      . HOH C 3 .  ? 6.067   7.523   -6.284  0.62 15.00 ? 2874 HOH A O      1 
HETATM 977  O O      . HOH C 3 .  ? -9.629  -16.905 -1.651  0.74 13.82 ? 2875 HOH A O      1 
HETATM 978  O O      . HOH C 3 .  ? -13.592 -4.726  1.866   0.89 16.02 ? 2876 HOH A O      1 
HETATM 979  O O      . HOH C 3 .  ? -4.025  -8.394  -0.522  0.79 14.11 ? 2877 HOH A O      1 
HETATM 980  O O      . HOH C 3 .  ? -11.581 0.141   -11.427 0.65 12.65 ? 2878 HOH A O      1 
HETATM 981  O O      . HOH C 3 .  ? 23.430  6.794   -9.887  1.00 18.58 ? 2879 HOH A O      1 
HETATM 982  O O      . HOH C 3 .  ? 12.299  2.889   -10.393 0.63 14.03 ? 2880 HOH A O      1 
HETATM 983  O O      . HOH C 3 .  ? -15.556 -1.555  -0.383  0.69 12.49 ? 2881 HOH A O      1 
HETATM 984  O O      . HOH C 3 .  ? 9.855   -1.483  -3.709  0.81 19.06 ? 2882 HOH A O      1 
HETATM 985  O O      . HOH C 3 .  ? 11.424  12.445  9.561   0.60 11.90 ? 2883 HOH A O      1 
HETATM 986  O O      . HOH C 3 .  ? -17.739 -2.532  -13.092 0.88 17.49 ? 2884 HOH A O      1 
HETATM 987  O O      . HOH C 3 .  ? -10.428 -0.999  -9.114  0.93 17.26 ? 2885 HOH A O      1 
HETATM 988  O O      . HOH C 3 .  ? 7.242   13.189  -3.521  0.55 14.21 ? 2886 HOH A O      1 
HETATM 989  O O      . HOH C 3 .  ? 13.013  7.492   6.394   0.57 16.00 ? 2887 HOH A O      1 
HETATM 990  O O      . HOH C 3 .  ? -17.466 -7.716  -0.270  0.76 18.52 ? 2888 HOH A O      1 
HETATM 991  O O      . HOH C 3 .  ? 10.856  -1.764  8.420   0.89 15.78 ? 2889 HOH A O      1 
HETATM 992  O O      . HOH C 3 .  ? -12.130 -8.967  -0.493  0.74 15.89 ? 2890 HOH A O      1 
HETATM 993  O O      . HOH C 3 .  ? 13.500  7.474   13.539  0.74 15.54 ? 2891 HOH A O      1 
HETATM 994  O O      . HOH C 3 .  ? -4.043  1.943   -7.411  0.99 19.58 ? 2892 HOH A O      1 
HETATM 995  O O      . HOH C 3 .  ? -5.060  8.339   0.047   0.77 15.34 ? 2893 HOH A O      1 
HETATM 996  O O      A HOH C 3 .  ? -5.333  0.039   11.222  0.30 7.97  ? 2894 HOH A O      1 
HETATM 997  O O      B HOH C 3 .  ? -5.104  1.377   10.850  0.70 20.27 ? 2894 HOH A O      1 
HETATM 998  O O      . HOH C 3 .  ? 10.066  6.930   2.599   0.72 17.34 ? 2895 HOH A O      1 
HETATM 999  O O      . HOH C 3 .  ? -17.650 2.300   -0.159  0.62 22.03 ? 2896 HOH A O      1 
HETATM 1000 O O      . HOH C 3 .  ? 12.460  6.745   3.666   0.64 14.90 ? 2897 HOH A O      1 
HETATM 1001 O O      . HOH C 3 .  ? 11.389  0.932   -4.271  0.70 20.50 ? 2898 HOH A O      1 
HETATM 1002 O O      . HOH C 3 .  ? 0.501   -2.548  -6.068  0.69 21.42 ? 2899 HOH A O      1 
HETATM 1003 O O      . HOH C 3 .  ? 12.798  5.340   1.142   0.79 16.99 ? 2900 HOH A O      1 
HETATM 1004 O O      . HOH C 3 .  ? 7.540   6.163   -0.364  0.62 11.40 ? 2901 HOH A O      1 
HETATM 1005 O O      . HOH C 3 .  ? -17.573 -4.937  -0.995  0.70 20.66 ? 2902 HOH A O      1 
HETATM 1006 O O      . HOH C 3 .  ? 2.765   -2.636  4.461   0.68 16.71 ? 2903 HOH A O      1 
HETATM 1007 O O      . HOH C 3 .  ? -9.060  -10.797 3.531   0.69 16.12 ? 2904 HOH A O      1 
HETATM 1008 O O      . HOH C 3 .  ? -23.894 -5.689  -8.006  0.78 16.80 ? 2905 HOH A O      1 
HETATM 1009 O O      . HOH C 3 .  ? -15.487 -1.821  3.722   0.56 13.47 ? 2906 HOH A O      1 
HETATM 1010 O O      . HOH C 3 .  ? 7.598   8.179   -0.139  0.46 14.95 ? 2907 HOH A O      1 
HETATM 1011 O O      . HOH C 3 .  ? 4.771   -2.654  0.159   0.55 12.45 ? 2908 HOH A O      1 
HETATM 1012 O O      . HOH C 3 .  ? 6.623   0.753   -2.783  0.35 11.45 ? 2909 HOH A O      1 
HETATM 1013 O O      . HOH C 3 .  ? -7.982  -0.725  -9.420  0.35 7.25  ? 2910 HOH A O      1 
HETATM 1014 O O      . HOH C 3 .  ? -3.817  9.153   -3.363  0.81 19.29 ? 2911 HOH A O      1 
HETATM 1015 O O      . HOH C 3 .  ? 19.002  -3.872  7.963   0.87 22.74 ? 2912 HOH A O      1 
HETATM 1016 O O      . HOH C 3 .  ? 6.210   15.461  -2.274  0.66 21.63 ? 2913 HOH A O      1 
HETATM 1017 O O      . HOH C 3 .  ? -5.651  0.498   -8.676  0.66 18.62 ? 2914 HOH A O      1 
HETATM 1018 O O      . HOH C 3 .  ? -12.623 -2.887  -13.689 1.00 12.98 ? 2915 HOH A O      1 
HETATM 1019 O O      . HOH C 3 .  ? -3.668  -2.447  10.061  0.99 14.04 ? 2916 HOH A O      1 
HETATM 1020 O O      . HOH C 3 .  ? 7.124   6.530   14.081  0.71 12.43 ? 2917 HOH A O      1 
HETATM 1021 O O      . HOH C 3 .  ? -12.210 -1.416  8.387   1.00 22.84 ? 2918 HOH A O      1 
HETATM 1022 O O      . HOH C 3 .  ? 0.617   4.811   14.690  0.73 18.80 ? 2919 HOH A O      1 
HETATM 1023 O O      . HOH C 3 .  ? 12.831  -8.795  0.725   0.75 21.02 ? 2920 HOH A O      1 
HETATM 1024 O O      . HOH C 3 .  ? 1.034   14.491  -0.075  0.71 17.51 ? 2921 HOH A O      1 
HETATM 1025 O O      . HOH C 3 .  ? -2.253  2.659   12.674  0.57 15.52 ? 2922 HOH A O      1 
HETATM 1026 O O      . HOH C 3 .  ? 10.448  5.171   14.601  0.52 13.93 ? 2923 HOH A O      1 
HETATM 1027 O O      A HOH C 3 .  ? 1.865   -5.632  5.219   0.49 18.89 ? 2924 HOH A O      1 
HETATM 1028 O O      B HOH C 3 .  ? 1.179   -6.039  6.437   0.51 24.54 ? 2924 HOH A O      1 
HETATM 1029 O O      . HOH C 3 .  ? 19.255  -5.339  3.350   0.72 20.30 ? 2925 HOH A O      1 
HETATM 1030 O O      . HOH C 3 .  ? 12.195  4.499   -5.774  0.77 22.32 ? 2926 HOH A O      1 
HETATM 1031 O O      . HOH C 3 .  ? 6.613   9.354   -8.575  0.74 22.08 ? 2927 HOH A O      1 
HETATM 1032 O O      . HOH C 3 .  ? 13.435  11.208  8.058   0.74 19.40 ? 2928 HOH A O      1 
HETATM 1033 O O      . HOH C 3 .  ? 3.665   14.819  1.555   0.74 19.35 ? 2929 HOH A O      1 
HETATM 1034 O O      . HOH C 3 .  ? 4.384   5.173   -9.202  0.77 23.50 ? 2930 HOH A O      1 
HETATM 1035 O O      . HOH C 3 .  ? -22.701 -5.557  -4.539  0.87 25.26 ? 2931 HOH A O      1 
HETATM 1036 O O      . HOH C 3 .  ? 21.037  2.348   10.835  0.80 26.62 ? 2932 HOH A O      1 
HETATM 1037 O O      . HOH C 3 .  ? -0.878  -2.600  6.904   0.55 10.23 ? 2933 HOH A O      1 
HETATM 1038 O O      . HOH C 3 .  ? -16.668 -10.276 0.114   0.61 16.73 ? 2934 HOH A O      1 
HETATM 1039 O O      . HOH C 3 .  ? -6.735  -1.716  12.621  0.78 22.00 ? 2935 HOH A O      1 
HETATM 1040 O O      . HOH C 3 .  ? 2.561   -2.483  -1.741  0.62 22.91 ? 2936 HOH A O      1 
HETATM 1041 O O      . HOH C 3 .  ? 11.830  8.855   5.258   0.68 19.86 ? 2937 HOH A O      1 
HETATM 1042 O O      . HOH C 3 .  ? 16.431  8.769   -5.334  0.87 22.73 ? 2938 HOH A O      1 
HETATM 1043 O O      . HOH C 3 .  ? -14.485 -10.418 0.509   0.78 26.53 ? 2939 HOH A O      1 
HETATM 1044 O O      . HOH C 3 .  ? 4.531   0.970   -6.753  0.85 27.10 ? 2940 HOH A O      1 
HETATM 1045 O O      . HOH C 3 .  ? 16.073  -6.662  -3.165  0.88 16.22 ? 2941 HOH A O      1 
HETATM 1046 O O      A HOH C 3 .  ? 7.880   14.230  8.442   0.42 9.56  ? 2942 HOH A O      1 
HETATM 1047 O O      B HOH C 3 .  ? 7.471   13.209  8.786   0.58 25.21 ? 2942 HOH A O      1 
HETATM 1048 O O      . HOH C 3 .  ? 6.764   7.319   -2.696  0.69 15.03 ? 2943 HOH A O      1 
HETATM 1049 O O      . HOH C 3 .  ? -2.121  0.520   -8.058  0.82 16.84 ? 2944 HOH A O      1 
HETATM 1050 O O      . HOH C 3 .  ? 14.424  4.620   -11.130 0.72 17.90 ? 2945 HOH A O      1 
HETATM 1051 O O      . HOH C 3 .  ? 3.487   -7.737  6.684   0.60 12.89 ? 2946 HOH A O      1 
HETATM 1052 O O      . HOH C 3 .  ? 0.002   12.657  2.260   0.56 14.87 ? 2947 HOH A O      1 
HETATM 1053 O O      . HOH C 3 .  ? -10.451 -9.019  1.614   0.77 19.26 ? 2948 HOH A O      1 
HETATM 1054 O O      . HOH C 3 .  ? -15.430 6.834   2.606   0.75 25.84 ? 2949 HOH A O      1 
HETATM 1055 O O      . HOH C 3 .  ? 4.411   6.338   15.664  0.65 22.82 ? 2950 HOH A O      1 
HETATM 1056 O O      . HOH C 3 .  ? -4.811  -11.038 0.038   0.59 16.14 ? 2951 HOH A O      1 
HETATM 1057 O O      . HOH C 3 .  ? -1.160  2.769   -9.435  0.74 22.67 ? 2952 HOH A O      1 
HETATM 1058 O O      . HOH C 3 .  ? 8.780   11.577  -1.766  0.69 21.91 ? 2953 HOH A O      1 
HETATM 1059 O O      . HOH C 3 .  ? 16.424  -5.613  5.223   0.59 18.18 ? 2954 HOH A O      1 
HETATM 1060 O O      . HOH C 3 .  ? -20.785 -1.394  -4.327  0.88 26.32 ? 2955 HOH A O      1 
HETATM 1061 O O      . HOH C 3 .  ? 15.231  7.053   3.617   0.86 26.98 ? 2956 HOH A O      1 
HETATM 1062 O O      . HOH C 3 .  ? 13.091  12.057  14.014  0.90 27.53 ? 2957 HOH A O      1 
HETATM 1063 O O      . HOH C 3 .  ? 19.772  4.017   6.480   0.69 21.68 ? 2958 HOH A O      1 
HETATM 1064 O O      . HOH C 3 .  ? -21.377 -6.337  -2.625  1.00 26.32 ? 2959 HOH A O      1 
HETATM 1065 O O      . HOH C 3 .  ? 7.674   5.251   -3.656  0.72 25.97 ? 2960 HOH A O      1 
HETATM 1066 O O      . HOH C 3 .  ? -0.029  -2.582  3.837   1.00 24.98 ? 2961 HOH A O      1 
HETATM 1067 O O      . HOH C 3 .  ? 7.465   -5.522  -3.164  0.69 27.68 ? 2962 HOH A O      1 
HETATM 1068 O O      . HOH C 3 .  ? 22.687  -1.843  -1.291  0.16 30.16 ? 2963 HOH A O      1 
HETATM 1069 O O      A HOH C 3 .  ? 10.929  4.456   -2.125  0.82 7.59  ? 2964 HOH A O      1 
HETATM 1070 O O      B HOH C 3 .  ? 11.596  3.075   -2.339  0.96 22.36 ? 2965 HOH A O      1 
HETATM 1071 O O      . HOH C 3 .  ? -4.868  -3.746  6.546   1.00 13.82 ? 2966 HOH A O      1 
HETATM 1072 O O      A HOH C 3 .  ? 3.394   -4.975  2.936   0.60 22.11 ? 2967 HOH A O      1 
HETATM 1073 O O      B HOH C 3 .  ? 3.799   -3.586  2.639   0.40 25.54 ? 2967 HOH A O      1 
HETATM 1074 O O      . HOH C 3 .  ? -8.418  -10.064 -0.992  0.98 20.37 ? 2968 HOH A O      1 
HETATM 1075 O O      . HOH C 3 .  ? -11.594 -10.905 -1.584  0.92 22.76 ? 2969 HOH A O      1 
HETATM 1076 O O      A HOH C 3 .  ? 18.940  -3.709  -1.846  0.29 29.89 ? 2970 HOH A O      1 
HETATM 1077 O O      B HOH C 3 .  ? 20.094  -3.107  -0.954  0.71 29.52 ? 2970 HOH A O      1 
HETATM 1078 O O      . HOH C 3 .  ? -1.623  -0.918  12.629  0.84 23.52 ? 2971 HOH A O      1 
HETATM 1079 O O      . HOH C 3 .  ? 1.230   -3.987  -3.527  0.87 26.18 ? 2972 HOH A O      1 
HETATM 1080 O O      . HOH C 3 .  ? 2.531   -5.523  10.398  1.00 21.65 ? 2973 HOH A O      1 
HETATM 1081 O O      A HOH C 3 .  ? 5.183   14.461  6.031   0.62 25.17 ? 2974 HOH A O      1 
HETATM 1082 O O      B HOH C 3 .  ? 4.801   15.853  5.975   0.38 26.86 ? 2974 HOH A O      1 
HETATM 1083 O O      . HOH C 3 .  ? 14.856  8.274   0.324   1.00 30.90 ? 2975 HOH A O      1 
HETATM 1084 O O      . HOH C 3 .  ? 14.629  6.006   -6.309  0.94 28.97 ? 2976 HOH A O      1 
HETATM 1085 O O      . HOH C 3 .  ? -8.744  -3.227  -8.735  0.91 25.38 ? 2977 HOH A O      1 
HETATM 1086 O O      . HOH C 3 .  ? 9.251   5.168   0.864   0.92 29.17 ? 2978 HOH A O      1 
HETATM 1087 O O      . HOH C 3 .  ? 9.470   8.878   1.254   0.95 29.91 ? 2979 HOH A O      1 
HETATM 1088 O O      . HOH C 3 .  ? 16.820  -5.718  -0.110  1.00 29.11 ? 2980 HOH A O      1 
HETATM 1089 O O      . HOH C 3 .  ? -1.965  -4.711  -6.267  0.93 28.74 ? 2981 HOH A O      1 
HETATM 1090 O O      . HOH C 3 .  ? -22.352 0.423   -10.328 1.00 25.65 ? 2982 HOH A O      1 
HETATM 1091 O O      . HOH C 3 .  ? -15.952 -3.781  1.786   1.00 30.41 ? 2983 HOH A O      1 
# 
loop_
_atom_site_anisotrop.id 
_atom_site_anisotrop.type_symbol 
_atom_site_anisotrop.pdbx_label_atom_id 
_atom_site_anisotrop.pdbx_label_alt_id 
_atom_site_anisotrop.pdbx_label_comp_id 
_atom_site_anisotrop.pdbx_label_asym_id 
_atom_site_anisotrop.pdbx_label_seq_id 
_atom_site_anisotrop.pdbx_PDB_ins_code 
_atom_site_anisotrop.U[1][1] 
_atom_site_anisotrop.U[2][2] 
_atom_site_anisotrop.U[3][3] 
_atom_site_anisotrop.U[1][2] 
_atom_site_anisotrop.U[1][3] 
_atom_site_anisotrop.U[2][3] 
_atom_site_anisotrop.pdbx_auth_seq_id 
_atom_site_anisotrop.pdbx_auth_comp_id 
_atom_site_anisotrop.pdbx_auth_asym_id 
_atom_site_anisotrop.pdbx_auth_atom_id 
1    O "O5'" . U   A 1  ? 0.2462 0.1709 0.2221 0.0422  -0.0394 0.0019  2647 U   A "O5'" 
2    C "C5'" . U   A 1  ? 0.2096 0.1400 0.2234 0.0395  -0.0506 0.0086  2647 U   A "C5'" 
3    C "C4'" . U   A 1  ? 0.1709 0.1084 0.2186 0.0218  -0.0558 0.0206  2647 U   A "C4'" 
4    O "O4'" . U   A 1  ? 0.1437 0.1164 0.2210 -0.0050 -0.0651 0.0364  2647 U   A "O4'" 
5    C "C3'" . U   A 1  ? 0.1686 0.0922 0.1709 -0.0039 -0.0496 0.0054  2647 U   A "C3'" 
6    O "O3'" . U   A 1  ? 0.2052 0.0956 0.1147 -0.0122 -0.0481 0.0029  2647 U   A "O3'" 
7    C "C2'" . U   A 1  ? 0.1285 0.1003 0.1693 -0.0059 -0.0662 0.0178  2647 U   A "C2'" 
8    O "O2'" . U   A 1  ? 0.1355 0.1086 0.1893 0.0096  -0.0637 0.0219  2647 U   A "O2'" 
9    C "C1'" . U   A 1  ? 0.1374 0.0853 0.1765 -0.0158 -0.0671 0.0330  2647 U   A "C1'" 
10   N N1    . U   A 1  ? 0.1469 0.1087 0.1567 -0.0211 -0.0680 0.0296  2647 U   A N1    
11   C C2    . U   A 1  ? 0.1429 0.0989 0.1538 -0.0256 -0.0737 0.0304  2647 U   A C2    
12   O O2    . U   A 1  ? 0.1627 0.1012 0.1747 -0.0184 -0.0699 0.0257  2647 U   A O2    
13   N N3    . U   A 1  ? 0.1661 0.1265 0.1555 -0.0251 -0.0617 0.0354  2647 U   A N3    
14   C C4    . U   A 1  ? 0.1742 0.1595 0.1524 -0.0199 -0.0581 0.0317  2647 U   A C4    
15   O O4    . U   A 1  ? 0.2025 0.1604 0.1741 -0.0367 -0.0339 0.0377  2647 U   A O4    
16   C C5    . U   A 1  ? 0.1750 0.1715 0.1476 -0.0075 -0.0658 0.0219  2647 U   A C5    
17   C C6    . U   A 1  ? 0.1710 0.1546 0.1469 -0.0060 -0.0688 0.0171  2647 U   A C6    
29   P P     . G   A 2  ? 0.1939 0.0821 0.0835 0.0303  -0.0024 0.0025  2648 G   A P     
30   O OP1   . G   A 2  ? 0.1624 0.1019 0.0989 0.0057  -0.0273 0.0166  2648 G   A OP1   
31   O OP2   . G   A 2  ? 0.2707 0.1005 0.1196 0.0551  0.0263  -0.0023 2648 G   A OP2   
32   O "O5'" . G   A 2  ? 0.1936 0.0786 0.0715 0.0400  0.0093  0.0001  2648 G   A "O5'" 
33   C "C5'" . G   A 2  ? 0.1771 0.0685 0.0703 0.0239  0.0132  0.0002  2648 G   A "C5'" 
34   C "C4'" . G   A 2  ? 0.1467 0.0565 0.0586 0.0060  0.0164  -0.0026 2648 G   A "C4'" 
35   O "O4'" . G   A 2  ? 0.1382 0.0686 0.0650 -0.0022 0.0272  0.0027  2648 G   A "O4'" 
36   C "C3'" . G   A 2  ? 0.1137 0.0641 0.0568 -0.0002 0.0097  -0.0027 2648 G   A "C3'" 
37   O "O3'" . G   A 2  ? 0.1272 0.0942 0.0585 -0.0094 0.0082  -0.0069 2648 G   A "O3'" 
38   C "C2'" . G   A 2  ? 0.1183 0.0698 0.0520 0.0021  0.0146  0.0003  2648 G   A "C2'" 
39   O "O2'" . G   A 2  ? 0.1339 0.0728 0.0677 0.0128  0.0107  0.0022  2648 G   A "O2'" 
40   C "C1'" . G   A 2  ? 0.1105 0.0664 0.0635 -0.0007 0.0224  -0.0011 2648 G   A "C1'" 
41   N N9    . G   A 2  ? 0.1054 0.0706 0.0629 0.0015  0.0162  -0.0045 2648 G   A N9    
42   C C8    . G   A 2  ? 0.1031 0.0774 0.0637 0.0032  0.0055  -0.0026 2648 G   A C8    
43   N N7    . G   A 2  ? 0.1048 0.0797 0.0632 0.0026  0.0045  -0.0031 2648 G   A N7    
44   C C5    . G   A 2  ? 0.0824 0.0763 0.0640 -0.0013 0.0043  -0.0052 2648 G   A C5    
45   C C6    . G   A 2  ? 0.0763 0.0728 0.0738 -0.0001 0.0064  -0.0044 2648 G   A C6    
46   O O6    . G   A 2  ? 0.0948 0.0720 0.0711 0.0034  0.0059  -0.0069 2648 G   A O6    
47   N N1    . G   A 2  ? 0.0824 0.0743 0.0744 0.0033  0.0058  0.0037  2648 G   A N1    
48   C C2    . G   A 2  ? 0.0878 0.0740 0.0789 0.0017  0.0138  0.0084  2648 G   A C2    
49   N N2    . G   A 2  ? 0.1138 0.0832 0.0822 -0.0008 0.0057  0.0139  2648 G   A N2    
50   N N3    . G   A 2  ? 0.0945 0.0715 0.0688 0.0018  0.0167  0.0101  2648 G   A N3    
51   C C4    . G   A 2  ? 0.0865 0.0697 0.0683 0.0006  0.0159  0.0003  2648 G   A C4    
63   P P     . C   A 3  ? 0.1164 0.1221 0.0656 -0.0058 -0.0006 0.0041  2649 C   A P     
64   O OP1   . C   A 3  ? 0.1412 0.1355 0.0778 -0.0271 0.0038  -0.0052 2649 C   A OP1   
65   O OP2   . C   A 3  ? 0.1175 0.1592 0.0854 0.0046  0.0054  -0.0013 2649 C   A OP2   
66   O "O5'" . C   A 3  ? 0.1147 0.1026 0.0619 0.0064  0.0098  0.0018  2649 C   A "O5'" 
67   C "C5'" . C   A 3  ? 0.1181 0.0961 0.0544 0.0171  0.0169  -0.0030 2649 C   A "C5'" 
68   C "C4'" . C   A 3  ? 0.1143 0.0798 0.0593 0.0075  0.0192  -0.0049 2649 C   A "C4'" 
69   O "O4'" . C   A 3  ? 0.1015 0.0955 0.0576 0.0061  0.0166  -0.0001 2649 C   A "O4'" 
70   C "C3'" . C   A 3  ? 0.1094 0.0713 0.0555 0.0010  0.0173  -0.0012 2649 C   A "C3'" 
71   O "O3'" . C   A 3  ? 0.1174 0.0694 0.0535 -0.0062 0.0219  -0.0100 2649 C   A "O3'" 
72   C "C2'" . C   A 3  ? 0.1106 0.0727 0.0600 0.0099  0.0126  0.0052  2649 C   A "C2'" 
73   O "O2'" . C   A 3  ? 0.1252 0.0863 0.0670 0.0093  0.0079  0.0133  2649 C   A "O2'" 
74   C "C1'" . C   A 3  ? 0.0989 0.0865 0.0573 0.0050  0.0115  0.0059  2649 C   A "C1'" 
75   N N1    . C   A 3  ? 0.0892 0.0809 0.0635 -0.0023 0.0085  0.0087  2649 C   A N1    
76   C C2    . C   A 3  ? 0.0884 0.0684 0.0629 0.0019  0.0088  0.0033  2649 C   A C2    
77   O O2    . C   A 3  ? 0.1006 0.0713 0.0666 0.0057  -0.0064 0.0010  2649 C   A O2    
78   N N3    . C   A 3  ? 0.0840 0.0722 0.0658 -0.0023 0.0063  0.0071  2649 C   A N3    
79   C C4    . C   A 3  ? 0.0821 0.0757 0.0770 0.0020  0.0124  0.0177  2649 C   A C4    
80   N N4    . C   A 3  ? 0.0989 0.0832 0.0823 0.0071  0.0080  0.0229  2649 C   A N4    
81   C C5    . C   A 3  ? 0.0945 0.0902 0.0736 0.0017  0.0028  0.0189  2649 C   A C5    
82   C C6    . C   A 3  ? 0.0893 0.0916 0.0662 0.0010  0.0059  0.0107  2649 C   A C6    
94   P P     . U   A 4  ? 0.1235 0.0816 0.0530 -0.0152 0.0156  -0.0161 2650 U   A P     
95   O OP1   . U   A 4  ? 0.1490 0.0988 0.0736 -0.0229 0.0200  -0.0276 2650 U   A OP1   
96   O OP2   . U   A 4  ? 0.1263 0.1045 0.0651 0.0074  0.0016  -0.0047 2650 U   A OP2   
97   O "O5'" . U   A 4  ? 0.1323 0.0627 0.0512 -0.0055 0.0195  -0.0065 2650 U   A "O5'" 
98   C "C5'" . U   A 4  ? 0.1312 0.0563 0.0545 -0.0062 0.0144  -0.0042 2650 U   A "C5'" 
99   C "C4'" . U   A 4  ? 0.1240 0.0527 0.0591 0.0020  0.0152  -0.0026 2650 U   A "C4'" 
100  O "O4'" . U   A 4  ? 0.1095 0.0620 0.0545 0.0061  0.0131  -0.0078 2650 U   A "O4'" 
101  C "C3'" . U   A 4  ? 0.1215 0.0550 0.0498 -0.0117 0.0179  -0.0002 2650 U   A "C3'" 
102  O "O3'" . U   A 4  ? 0.1408 0.0566 0.0603 -0.0260 0.0214  -0.0101 2650 U   A "O3'" 
103  C "C2'" . U   A 4  ? 0.1157 0.0557 0.0421 -0.0035 0.0067  -0.0025 2650 U   A "C2'" 
104  O "O2'" . U   A 4  ? 0.1514 0.0616 0.0411 0.0030  0.0118  0.0012  2650 U   A "O2'" 
105  C "C1'" . U   A 4  ? 0.0967 0.0551 0.0516 0.0028  0.0073  -0.0029 2650 U   A "C1'" 
106  N N1    . U   A 4  ? 0.0890 0.0523 0.0445 -0.0038 0.0055  -0.0052 2650 U   A N1    
107  C C2    . U   A 4  ? 0.0859 0.0546 0.0418 -0.0050 0.0026  -0.0061 2650 U   A C2    
108  O O2    . U   A 4  ? 0.1031 0.0605 0.0491 -0.0081 0.0006  -0.0096 2650 U   A O2    
109  N N3    . U   A 4  ? 0.0883 0.0554 0.0432 -0.0052 0.0041  -0.0056 2650 U   A N3    
110  C C4    . U   A 4  ? 0.0764 0.0641 0.0480 -0.0033 0.0025  -0.0011 2650 U   A C4    
111  O O4    . U   A 4  ? 0.0913 0.0681 0.0532 0.0022  0.0029  0.0056  2650 U   A O4    
112  C C5    . U   A 4  ? 0.0877 0.0680 0.0398 -0.0016 0.0066  -0.0040 2650 U   A C5    
113  C C6    . U   A 4  ? 0.0842 0.0703 0.0418 0.0015  0.0040  -0.0071 2650 U   A C6    
124  P P     . C   A 5  ? 0.1336 0.0790 0.0524 -0.0369 0.0198  -0.0191 2651 C   A P     
125  O OP1   . C   A 5  ? 0.1595 0.0812 0.0829 -0.0502 0.0289  -0.0236 2651 C   A OP1   
126  O OP2   . C   A 5  ? 0.1384 0.1298 0.0518 -0.0457 0.0049  -0.0138 2651 C   A OP2   
127  O "O5'" . C   A 5  ? 0.1183 0.0606 0.0415 -0.0193 0.0099  -0.0054 2651 C   A "O5'" 
128  C "C5'" . C   A 5  ? 0.1127 0.0504 0.0409 -0.0073 0.0116  0.0017  2651 C   A "C5'" 
129  C "C4'" . C   A 5  ? 0.1057 0.0482 0.0367 0.0007  0.0001  0.0048  2651 C   A "C4'" 
130  O "O4'" . C   A 5  ? 0.0960 0.0429 0.0396 -0.0012 -0.0054 0.0064  2651 C   A "O4'" 
131  C "C3'" . C   A 5  ? 0.0998 0.0538 0.0359 -0.0074 0.0083  0.0110  2651 C   A "C3'" 
132  O "O3'" . C   A 5  ? 0.1121 0.0462 0.0831 -0.0022 0.0276  0.0072  2651 C   A "O3'" 
133  C "C2'" . C   A 5  ? 0.0935 0.0455 0.0373 0.0017  -0.0032 0.0089  2651 C   A "C2'" 
134  O "O2'" . C   A 5  ? 0.1000 0.0571 0.0308 0.0104  -0.0017 0.0086  2651 C   A "O2'" 
135  C "C1'" . C   A 5  ? 0.0831 0.0426 0.0409 0.0021  -0.0073 0.0029  2651 C   A "C1'" 
136  N N1    . C   A 5  ? 0.0855 0.0435 0.0393 -0.0002 -0.0035 0.0068  2651 C   A N1    
137  C C2    . C   A 5  ? 0.0829 0.0477 0.0381 -0.0079 -0.0010 0.0096  2651 C   A C2    
138  O O2    . C   A 5  ? 0.0974 0.0466 0.0395 -0.0077 -0.0047 0.0050  2651 C   A O2    
139  N N3    . C   A 5  ? 0.0767 0.0488 0.0389 -0.0050 -0.0027 0.0098  2651 C   A N3    
140  C C4    . C   A 5  ? 0.0781 0.0603 0.0306 0.0023  -0.0029 0.0095  2651 C   A C4    
141  N N4    . C   A 5  ? 0.0992 0.0579 0.0413 0.0052  0.0002  0.0102  2651 C   A N4    
142  C C5    . C   A 5  ? 0.0927 0.0529 0.0458 0.0028  0.0035  0.0058  2651 C   A C5    
143  C C6    . C   A 5  ? 0.0951 0.0481 0.0378 -0.0019 -0.0081 0.0039  2651 C   A C6    
155  P P     . C   A 6  ? 0.1069 0.0527 0.1794 -0.0131 0.0406  -0.0057 2652 C   A P     
156  O OP1   . C   A 6  ? 0.1517 0.0734 0.2223 -0.0005 0.0819  0.0167  2652 C   A OP1   
157  O OP2   . C   A 6  ? 0.1193 0.0850 0.2347 0.0075  -0.0019 -0.0416 2652 C   A OP2   
158  O "O5'" . C   A 6  ? 0.1096 0.0397 0.0965 -0.0010 0.0173  0.0058  2652 C   A "O5'" 
159  C "C5'" . C   A 6  ? 0.1046 0.0513 0.0728 0.0086  0.0126  0.0219  2652 C   A "C5'" 
160  C "C4'" . C   A 6  ? 0.0920 0.0510 0.0439 -0.0031 -0.0055 0.0198  2652 C   A "C4'" 
161  O "O4'" . C   A 6  ? 0.0845 0.0431 0.0502 0.0032  -0.0100 0.0221  2652 C   A "O4'" 
162  C "C3'" . C   A 6  ? 0.0826 0.0500 0.0404 -0.0013 -0.0066 0.0140  2652 C   A "C3'" 
163  O "O3'" . C   A 6  ? 0.0889 0.0597 0.0539 -0.0005 -0.0060 0.0278  2652 C   A "O3'" 
164  C "C2'" . C   A 6  ? 0.0891 0.0494 0.0450 0.0013  -0.0076 0.0153  2652 C   A "C2'" 
165  O "O2'" . C   A 6  ? 0.1017 0.0487 0.0600 -0.0035 -0.0073 0.0045  2652 C   A "O2'" 
166  C "C1'" . C   A 6  ? 0.0834 0.0413 0.0400 -0.0046 -0.0142 0.0165  2652 C   A "C1'" 
167  N N1    . C   A 6  ? 0.0811 0.0382 0.0437 -0.0012 -0.0156 0.0130  2652 C   A N1    
168  C C2    . C   A 6  ? 0.0790 0.0436 0.0435 -0.0040 -0.0096 0.0173  2652 C   A C2    
169  O O2    . C   A 6  ? 0.0978 0.0365 0.0412 -0.0020 -0.0035 0.0141  2652 C   A O2    
170  N N3    . C   A 6  ? 0.0881 0.0455 0.0368 -0.0030 -0.0080 0.0162  2652 C   A N3    
171  C C4    . C   A 6  ? 0.0800 0.0474 0.0480 -0.0013 -0.0135 0.0091  2652 C   A C4    
172  N N4    . C   A 6  ? 0.0965 0.0506 0.0485 0.0008  -0.0107 0.0109  2652 C   A N4    
173  C C5    . C   A 6  ? 0.0860 0.0404 0.0606 0.0033  -0.0150 0.0104  2652 C   A C5    
174  C C6    . C   A 6  ? 0.0821 0.0502 0.0520 0.0008  -0.0154 0.0185  2652 C   A C6    
186  P P     . U   A 7  ? 0.0841 0.0697 0.0701 -0.0134 -0.0166 0.0395  2653 U   A P     
187  O OP1   . U   A 7  ? 0.0911 0.1631 0.0911 -0.0201 -0.0065 0.0658  2653 U   A OP1   
188  O OP2   . U   A 7  ? 0.1081 0.0583 0.1403 -0.0120 -0.0507 0.0321  2653 U   A OP2   
189  O "O5'" . U   A 7  ? 0.0895 0.0544 0.0417 -0.0030 -0.0087 0.0160  2653 U   A "O5'" 
190  C "C5'" . U   A 7  ? 0.0905 0.0569 0.0454 0.0020  -0.0052 0.0085  2653 U   A "C5'" 
191  C "C4'" . U   A 7  ? 0.0804 0.0458 0.0470 -0.0014 -0.0064 0.0007  2653 U   A "C4'" 
192  O "O4'" . U   A 7  ? 0.0768 0.0455 0.0400 -0.0001 -0.0112 0.0073  2653 U   A "O4'" 
193  C "C3'" . U   A 7  ? 0.0796 0.0394 0.0458 0.0007  -0.0069 0.0018  2653 U   A "C3'" 
194  O "O3'" . U   A 7  ? 0.0757 0.0372 0.0555 0.0037  -0.0078 0.0043  2653 U   A "O3'" 
195  C "C2'" . U   A 7  ? 0.0863 0.0395 0.0433 0.0017  -0.0082 0.0043  2653 U   A "C2'" 
196  O "O2'" . U   A 7  ? 0.0841 0.0522 0.0598 0.0049  -0.0137 0.0156  2653 U   A "O2'" 
197  C "C1'" . U   A 7  ? 0.0818 0.0384 0.0401 0.0042  -0.0095 0.0134  2653 U   A "C1'" 
198  N N1    . U   A 7  ? 0.0830 0.0415 0.0399 -0.0023 -0.0062 0.0090  2653 U   A N1    
199  C C2    . U   A 7  ? 0.0962 0.0524 0.0428 -0.0062 -0.0064 0.0042  2653 U   A C2    
200  O O2    . U   A 7  ? 0.1302 0.0657 0.0457 -0.0161 0.0042  0.0117  2653 U   A O2    
201  N N3    . U   A 7  ? 0.0857 0.0663 0.0486 -0.0032 -0.0052 -0.0047 2653 U   A N3    
202  C C4    . U   A 7  ? 0.0961 0.0621 0.0603 0.0087  -0.0187 -0.0123 2653 U   A C4    
203  O O4    . U   A 7  ? 0.1213 0.0741 0.0831 0.0139  -0.0169 -0.0253 2653 U   A O4    
204  C C5    . U   A 7  ? 0.0914 0.0451 0.0656 0.0043  -0.0191 0.0063  2653 U   A C5    
205  C C6    . U   A 7  ? 0.0919 0.0418 0.0505 0.0017  -0.0089 0.0107  2653 U   A C6    
216  P P     A A   A 8  ? 0.0707 0.0380 0.0534 0.0086  -0.0065 0.0001  2654 A   A P     
217  P P     B A   A 8  ? 0.0786 0.0466 0.0458 0.0052  -0.0064 0.0043  2654 A   A P     
218  O OP1   A A   A 8  ? 0.0793 0.0630 0.0636 0.0090  -0.0065 0.0102  2654 A   A OP1   
219  O OP1   B A   A 8  ? 0.0903 0.0596 0.0374 0.0063  -0.0008 0.0043  2654 A   A OP1   
220  O OP2   A A   A 8  ? 0.0804 0.0457 0.0711 0.0091  0.0110  -0.0116 2654 A   A OP2   
221  O OP2   B A   A 8  ? 0.0879 0.0755 0.0585 -0.0001 -0.0095 0.0193  2654 A   A OP2   
222  O "O5'" A A   A 8  ? 0.0794 0.0439 0.0682 0.0017  -0.0124 0.0025  2654 A   A "O5'" 
223  O "O5'" B A   A 8  ? 0.0699 0.0425 0.0616 -0.0014 0.0024  0.0068  2654 A   A "O5'" 
224  C "C5'" A A   A 8  ? 0.0826 0.0449 0.0548 -0.0017 -0.0039 0.0028  2654 A   A "C5'" 
225  C "C5'" B A   A 8  ? 0.0738 0.0534 0.0490 -0.0011 -0.0001 0.0080  2654 A   A "C5'" 
226  C "C4'" A A   A 8  ? 0.0863 0.0466 0.0509 -0.0022 -0.0025 0.0055  2654 A   A "C4'" 
227  C "C4'" B A   A 8  ? 0.0821 0.0495 0.0455 -0.0048 -0.0033 0.0108  2654 A   A "C4'" 
228  O "O4'" A A   A 8  ? 0.0882 0.0497 0.0454 0.0040  -0.0032 0.0052  2654 A   A "O4'" 
229  O "O4'" B A   A 8  ? 0.0801 0.0489 0.0392 -0.0008 -0.0074 0.0104  2654 A   A "O4'" 
230  C "C3'" A A   A 8  ? 0.0992 0.0451 0.0516 0.0000  -0.0046 0.0037  2654 A   A "C3'" 
231  C "C3'" B A   A 8  ? 0.0988 0.0427 0.0427 -0.0046 -0.0075 0.0060  2654 A   A "C3'" 
232  O "O3'" A A   A 8  ? 0.1072 0.0526 0.0558 -0.0064 -0.0009 0.0116  2654 A   A "O3'" 
233  O "O3'" B A   A 8  ? 0.1082 0.0402 0.0507 -0.0081 -0.0038 0.0086  2654 A   A "O3'" 
234  C "C2'" A A   A 8  ? 0.0957 0.0406 0.0536 0.0083  -0.0099 0.0013  2654 A   A "C2'" 
235  C "C2'" B A   A 8  ? 0.0843 0.0424 0.0471 -0.0039 -0.0102 0.0137  2654 A   A "C2'" 
236  O "O2'" A A   A 8  ? 0.1128 0.0426 0.0657 0.0150  -0.0135 -0.0001 2654 A   A "O2'" 
237  O "O2'" B A   A 8  ? 0.0961 0.0552 0.0532 0.0038  -0.0223 0.0180  2654 A   A "O2'" 
238  C "C1'" A A   A 8  ? 0.0884 0.0399 0.0458 0.0048  -0.0033 0.0042  2654 A   A "C1'" 
239  C "C1'" B A   A 8  ? 0.0822 0.0407 0.0405 -0.0016 -0.0033 0.0120  2654 A   A "C1'" 
240  N N9    . A   A 8  ? 0.0749 0.0413 0.0511 0.0022  -0.0081 0.0050  2654 A   A N9    
241  C C8    . A   A 8  ? 0.0800 0.0491 0.0481 0.0036  -0.0010 0.0044  2654 A   A C8    
242  N N7    . A   A 8  ? 0.0805 0.0545 0.0442 0.0028  -0.0076 0.0097  2654 A   A N7    
243  C C5    . A   A 8  ? 0.0764 0.0615 0.0405 0.0000  -0.0124 0.0054  2654 A   A C5    
244  C C6    . A   A 8  ? 0.0855 0.0734 0.0472 -0.0009 -0.0086 0.0010  2654 A   A C6    
245  N N6    . A   A 8  ? 0.0876 0.0885 0.0433 -0.0016 -0.0007 0.0042  2654 A   A N6    
246  N N1    . A   A 8  ? 0.1030 0.0764 0.0618 0.0036  0.0019  -0.0117 2654 A   A N1    
247  C C2    . A   A 8  ? 0.1087 0.0684 0.0663 0.0055  0.0003  -0.0085 2654 A   A C2    
248  N N3    . A   A 8  ? 0.0877 0.0560 0.0675 0.0011  -0.0014 -0.0033 2654 A   A N3    
249  C C4    . A   A 8  ? 0.0732 0.0512 0.0474 0.0054  -0.0101 0.0001  2654 A   A C4    
268  P P     . G   A 9  ? 0.1207 0.0599 0.0492 -0.0135 -0.0054 0.0165  2655 G   A P     
269  O OP1   . G   A 9  ? 0.1278 0.0670 0.0881 0.0108  0.0172  0.0080  2655 G   A OP1   
270  O OP2   . G   A 9  ? 0.1382 0.1036 0.0667 -0.0329 -0.0276 0.0249  2655 G   A OP2   
271  O "O5'" . G   A 9  ? 0.1065 0.0510 0.0564 -0.0049 -0.0182 0.0197  2655 G   A "O5'" 
272  C "C5'" . G   A 9  ? 0.1057 0.0504 0.0613 -0.0041 -0.0030 0.0220  2655 G   A "C5'" 
273  C "C4'" . G   A 9  ? 0.1022 0.0397 0.0583 0.0070  -0.0123 0.0120  2655 G   A "C4'" 
274  O "O4'" . G   A 9  ? 0.1124 0.0578 0.0650 0.0129  -0.0209 0.0039  2655 G   A "O4'" 
275  C "C3'" . G   A 9  ? 0.1001 0.0493 0.0545 0.0047  -0.0062 0.0163  2655 G   A "C3'" 
276  O "O3'" . G   A 9  ? 0.1011 0.0434 0.0453 0.0072  -0.0089 0.0163  2655 G   A "O3'" 
277  C "C2'" . G   A 9  ? 0.1111 0.0462 0.0635 0.0097  -0.0207 0.0050  2655 G   A "C2'" 
278  O "O2'" . G   A 9  ? 0.1154 0.0602 0.0810 0.0098  -0.0247 -0.0046 2655 G   A "O2'" 
279  C "C1'" . G   A 9  ? 0.1185 0.0516 0.0581 0.0131  -0.0221 0.0060  2655 G   A "C1'" 
280  N N9    . G   A 9  ? 0.1208 0.0606 0.0691 0.0281  -0.0230 0.0047  2655 G   A N9    
281  C C8    . G   A 9  ? 0.1484 0.0528 0.0764 0.0225  -0.0206 0.0098  2655 G   A C8    
282  N N7    . G   A 9  ? 0.1554 0.0562 0.0944 0.0218  -0.0156 0.0077  2655 G   A N7    
283  C C5    . G   A 9  ? 0.1300 0.0646 0.0793 0.0310  -0.0256 -0.0055 2655 G   A C5    
284  C C6    . G   A 9  ? 0.1490 0.0518 0.0920 0.0280  -0.0127 -0.0035 2655 G   A C6    
285  O O6    . G   A 9  ? 0.1863 0.0704 0.1199 0.0250  0.0032  0.0021  2655 G   A O6    
286  N N1    . G   A 9  ? 0.1342 0.0665 0.0775 0.0294  -0.0088 -0.0081 2655 G   A N1    
287  C C2    . G   A 9  ? 0.1251 0.0899 0.0685 0.0231  -0.0129 0.0040  2655 G   A C2    
288  N N2    . G   A 9  ? 0.1234 0.0781 0.0976 0.0256  -0.0036 0.0096  2655 G   A N2    
289  N N3    . G   A 9  ? 0.0999 0.0901 0.0662 0.0303  -0.0169 -0.0081 2655 G   A N3    
290  C C4    . G   A 9  ? 0.1169 0.0727 0.0668 0.0274  -0.0181 0.0044  2655 G   A C4    
302  P P     . U   A 10 ? 0.0971 0.0487 0.0462 0.0137  -0.0060 0.0118  2656 U   A P     
303  O OP1   . U   A 10 ? 0.0987 0.0632 0.0622 0.0085  0.0028  0.0120  2656 U   A OP1   
304  O OP2   . U   A 10 ? 0.1039 0.0488 0.0546 0.0100  -0.0052 0.0068  2656 U   A OP2   
305  O "O5'" . U   A 10 ? 0.1058 0.0516 0.0437 0.0157  -0.0040 0.0080  2656 U   A "O5'" 
306  C "C5'" . U   A 10 ? 0.1000 0.0553 0.0343 0.0169  -0.0026 0.0046  2656 U   A "C5'" 
307  C "C4'" . U   A 10 ? 0.0971 0.0478 0.0394 0.0110  0.0033  0.0047  2656 U   A "C4'" 
308  O "O4'" . U   A 10 ? 0.0999 0.0686 0.0396 0.0105  -0.0059 0.0180  2656 U   A "O4'" 
309  C "C3'" . U   A 10 ? 0.1011 0.0501 0.0370 0.0140  -0.0061 0.0054  2656 U   A "C3'" 
310  O "O3'" . U   A 10 ? 0.1077 0.0521 0.0412 0.0215  -0.0053 0.0095  2656 U   A "O3'" 
311  C "C2'" . U   A 10 ? 0.1107 0.0581 0.0349 0.0034  -0.0064 0.0060  2656 U   A "C2'" 
312  O "O2'" . U   A 10 ? 0.1400 0.0623 0.0423 0.0033  -0.0048 0.0110  2656 U   A "O2'" 
313  C "C1'" . U   A 10 ? 0.1052 0.0700 0.0441 0.0007  -0.0098 0.0129  2656 U   A "C1'" 
314  N N1    . U   A 10 ? 0.0908 0.0818 0.0401 0.0090  -0.0115 0.0109  2656 U   A N1    
315  C C2    . U   A 10 ? 0.0858 0.0870 0.0457 -0.0075 -0.0180 0.0140  2656 U   A C2    
316  O O2    . U   A 10 ? 0.0980 0.0771 0.0563 -0.0024 -0.0094 0.0092  2656 U   A O2    
317  N N3    . U   A 10 ? 0.0771 0.0951 0.0474 0.0096  -0.0072 0.0004  2656 U   A N3    
318  C C4    . U   A 10 ? 0.0911 0.0678 0.0524 0.0156  -0.0111 0.0092  2656 U   A C4    
319  O O4    . U   A 10 ? 0.1029 0.0928 0.0585 0.0178  -0.0049 0.0072  2656 U   A O4    
320  C C5    . U   A 10 ? 0.0917 0.0729 0.0556 0.0090  -0.0100 0.0086  2656 U   A C5    
321  C C6    . U   A 10 ? 0.0879 0.0729 0.0460 0.0061  -0.0123 0.0156  2656 U   A C6    
332  P P     . A   A 11 ? 0.1062 0.0528 0.0490 0.0226  -0.0061 0.0115  2657 A   A P     
333  O OP1   . A   A 11 ? 0.1223 0.0706 0.0717 0.0343  -0.0013 0.0144  2657 A   A OP1   
334  O OP2   . A   A 11 ? 0.1036 0.0616 0.0650 0.0176  -0.0118 0.0098  2657 A   A OP2   
335  O "O5'" . A   A 11 ? 0.1183 0.0466 0.0437 0.0191  -0.0063 0.0060  2657 A   A "O5'" 
336  C "C5'" . A   A 11 ? 0.1326 0.0394 0.0513 0.0212  -0.0053 0.0016  2657 A   A "C5'" 
337  C "C4'" . A   A 11 ? 0.1097 0.0321 0.0490 0.0151  -0.0098 0.0023  2657 A   A "C4'" 
338  O "O4'" . A   A 11 ? 0.0997 0.0400 0.0455 0.0171  -0.0229 -0.0023 2657 A   A "O4'" 
339  C "C3'" . A   A 11 ? 0.0930 0.0359 0.0476 0.0119  -0.0131 0.0079  2657 A   A "C3'" 
340  O "O3'" . A   A 11 ? 0.0922 0.0345 0.0556 0.0151  -0.0214 0.0034  2657 A   A "O3'" 
341  C "C2'" . A   A 11 ? 0.0959 0.0332 0.0444 0.0085  -0.0144 0.0017  2657 A   A "C2'" 
342  O "O2'" . A   A 11 ? 0.0961 0.0425 0.0511 0.0044  -0.0070 0.0157  2657 A   A "O2'" 
343  C "C1'" . A   A 11 ? 0.0877 0.0293 0.0429 0.0113  -0.0163 -0.0017 2657 A   A "C1'" 
344  N N9    . A   A 11 ? 0.0801 0.0418 0.0408 0.0091  -0.0169 0.0037  2657 A   A N9    
345  C C8    . A   A 11 ? 0.0860 0.0468 0.0407 0.0095  -0.0139 0.0049  2657 A   A C8    
346  N N7    . A   A 11 ? 0.0885 0.0359 0.0493 0.0160  -0.0131 0.0055  2657 A   A N7    
347  C C5    . A   A 11 ? 0.0768 0.0388 0.0485 0.0094  -0.0109 0.0075  2657 A   A C5    
348  C C6    . A   A 11 ? 0.0766 0.0469 0.0551 0.0110  -0.0080 0.0039  2657 A   A C6    
349  N N6    . A   A 11 ? 0.0900 0.0458 0.0632 0.0157  0.0011  0.0054  2657 A   A N6    
350  N N1    . A   A 11 ? 0.0853 0.0475 0.0499 0.0104  -0.0041 0.0035  2657 A   A N1    
351  C C2    . A   A 11 ? 0.0831 0.0517 0.0463 0.0093  -0.0081 0.0052  2657 A   A C2    
352  N N3    . A   A 11 ? 0.0774 0.0473 0.0517 0.0017  -0.0138 0.0100  2657 A   A N3    
353  C C4    . A   A 11 ? 0.0770 0.0390 0.0412 0.0073  -0.0146 0.0015  2657 A   A C4    
365  P P     . C   A 12 ? 0.0900 0.0353 0.0583 0.0124  -0.0165 0.0069  2658 C   A P     
366  O OP1   . C   A 12 ? 0.0980 0.0459 0.0731 0.0149  -0.0235 0.0035  2658 C   A OP1   
367  O OP2   . C   A 12 ? 0.0925 0.0499 0.0733 0.0087  -0.0089 0.0090  2658 C   A OP2   
368  O "O5'" . C   A 12 ? 0.0902 0.0343 0.0504 0.0067  -0.0133 0.0108  2658 C   A "O5'" 
369  C "C5'" . C   A 12 ? 0.0907 0.0341 0.0472 0.0002  -0.0157 0.0102  2658 C   A "C5'" 
370  C "C4'" . C   A 12 ? 0.0872 0.0354 0.0477 -0.0018 -0.0155 0.0120  2658 C   A "C4'" 
371  O "O4'" . C   A 12 ? 0.0883 0.0349 0.0472 0.0019  -0.0163 0.0059  2658 C   A "O4'" 
372  C "C3'" . C   A 12 ? 0.0855 0.0382 0.0443 -0.0061 -0.0237 0.0127  2658 C   A "C3'" 
373  O "O3'" . C   A 12 ? 0.1042 0.0378 0.0551 -0.0013 -0.0265 0.0107  2658 C   A "O3'" 
374  C "C2'" . C   A 12 ? 0.0926 0.0430 0.0384 -0.0024 -0.0098 0.0095  2658 C   A "C2'" 
375  O "O2'" . C   A 12 ? 0.1078 0.0533 0.0464 -0.0042 -0.0111 0.0072  2658 C   A "O2'" 
376  C "C1'" . C   A 12 ? 0.0860 0.0356 0.0431 0.0021  -0.0090 0.0077  2658 C   A "C1'" 
377  N N1    . C   A 12 ? 0.0830 0.0293 0.0416 0.0037  -0.0095 0.0069  2658 C   A N1    
378  C C2    . C   A 12 ? 0.0816 0.0411 0.0365 0.0034  -0.0088 0.0082  2658 C   A C2    
379  O O2    . C   A 12 ? 0.1011 0.0368 0.0524 0.0063  -0.0030 0.0137  2658 C   A O2    
380  N N3    . C   A 12 ? 0.0906 0.0416 0.0410 0.0043  -0.0126 0.0071  2658 C   A N3    
381  C C4    . C   A 12 ? 0.0844 0.0448 0.0422 -0.0012 -0.0138 0.0098  2658 C   A C4    
382  N N4    . C   A 12 ? 0.1005 0.0388 0.0385 0.0102  -0.0144 0.0042  2658 C   A N4    
383  C C5    . C   A 12 ? 0.0916 0.0376 0.0411 0.0072  -0.0182 0.0061  2658 C   A C5    
384  C C6    . C   A 12 ? 0.0814 0.0364 0.0463 0.0035  -0.0165 0.0052  2658 C   A C6    
396  P P     . G   A 13 ? 0.0996 0.0383 0.0725 0.0027  -0.0338 0.0057  2659 G   A P     
397  O OP1   . G   A 13 ? 0.1140 0.0481 0.0925 0.0030  -0.0457 0.0098  2659 G   A OP1   
398  O OP2   . G   A 13 ? 0.0971 0.0555 0.0764 0.0029  -0.0216 -0.0057 2659 G   A OP2   
399  O "O5'" . G   A 13 ? 0.0971 0.0427 0.0616 -0.0018 -0.0235 0.0038  2659 G   A "O5'" 
400  C "C5'" . G   A 13 ? 0.1089 0.0432 0.0631 -0.0018 -0.0278 0.0064  2659 G   A "C5'" 
401  C "C4'" . G   A 13 ? 0.1018 0.0452 0.0580 -0.0068 -0.0186 0.0105  2659 G   A "C4'" 
402  O "O4'" . G   A 13 ? 0.0923 0.0423 0.0650 -0.0067 -0.0159 0.0125  2659 G   A "O4'" 
403  C "C3'" . G   A 13 ? 0.1043 0.0407 0.0589 -0.0028 -0.0200 0.0033  2659 G   A "C3'" 
404  O "O3'" . G   A 13 ? 0.1075 0.0497 0.0781 -0.0089 -0.0280 0.0059  2659 G   A "O3'" 
405  C "C2'" . G   A 13 ? 0.0997 0.0407 0.0633 -0.0003 -0.0147 0.0023  2659 G   A "C2'" 
406  O "O2'" . G   A 13 ? 0.1253 0.0373 0.0654 -0.0045 -0.0117 0.0051  2659 G   A "O2'" 
407  C "C1'" . G   A 13 ? 0.0905 0.0372 0.0608 -0.0008 -0.0096 0.0069  2659 G   A "C1'" 
408  N N9    . G   A 13 ? 0.0910 0.0371 0.0623 0.0036  -0.0160 0.0058  2659 G   A N9    
409  C C8    . G   A 13 ? 0.0954 0.0419 0.0721 0.0035  -0.0205 0.0044  2659 G   A C8    
410  N N7    . G   A 13 ? 0.1044 0.0460 0.0691 -0.0012 -0.0192 -0.0007 2659 G   A N7    
411  C C5    . G   A 13 ? 0.0914 0.0473 0.0614 -0.0019 -0.0160 -0.0005 2659 G   A C5    
412  C C6    . G   A 13 ? 0.0937 0.0578 0.0620 -0.0077 -0.0088 -0.0002 2659 G   A C6    
413  O O6    . G   A 13 ? 0.1251 0.0678 0.0613 -0.0056 0.0028  -0.0061 2659 G   A O6    
414  N N1    . G   A 13 ? 0.0882 0.0544 0.0583 -0.0101 -0.0124 0.0061  2659 G   A N1    
415  C C2    . G   A 13 ? 0.0717 0.0469 0.0577 -0.0085 -0.0147 0.0043  2659 G   A C2    
416  N N2    . G   A 13 ? 0.0856 0.0423 0.0599 -0.0085 -0.0097 0.0075  2659 G   A N2    
417  N N3    . G   A 13 ? 0.0783 0.0390 0.0548 -0.0003 -0.0128 0.0061  2659 G   A N3    
418  C C4    . G   A 13 ? 0.0821 0.0487 0.0586 -0.0046 -0.0199 0.0056  2659 G   A C4    
430  P P     . A   A 14 ? 0.1047 0.0482 0.1099 -0.0029 -0.0359 0.0098  2660 A   A P     
431  O OP1   . A   A 14 ? 0.1225 0.0794 0.1267 -0.0073 -0.0547 0.0173  2660 A   A OP1   
432  O OP2   . A   A 14 ? 0.1076 0.0594 0.1380 0.0032  -0.0305 -0.0046 2660 A   A OP2   
433  O "O5'" . A   A 14 ? 0.1026 0.0605 0.1198 0.0022  -0.0239 0.0008  2660 A   A "O5'" 
434  C "C5'" . A   A 14 ? 0.1036 0.0706 0.1308 0.0055  -0.0121 0.0065  2660 A   A "C5'" 
435  C "C4'" . A   A 14 ? 0.0999 0.0723 0.1175 0.0052  -0.0211 0.0046  2660 A   A "C4'" 
436  O "O4'" . A   A 14 ? 0.1015 0.0663 0.1181 0.0020  -0.0346 0.0101  2660 A   A "O4'" 
437  C "C3'" . A   A 14 ? 0.0868 0.0883 0.1134 -0.0033 -0.0169 0.0145  2660 A   A "C3'" 
438  O "O3'" . A   A 14 ? 0.0895 0.1077 0.1033 0.0007  -0.0057 0.0062  2660 A   A "O3'" 
439  C "C2'" . A   A 14 ? 0.0922 0.0828 0.1258 -0.0070 -0.0265 0.0224  2660 A   A "C2'" 
440  O "O2'" . A   A 14 ? 0.0942 0.0987 0.1289 -0.0141 -0.0229 0.0308  2660 A   A "O2'" 
441  C "C1'" . A   A 14 ? 0.0984 0.0736 0.1203 -0.0045 -0.0385 0.0163  2660 A   A "C1'" 
442  N N9    . A   A 14 ? 0.1096 0.0658 0.1050 -0.0028 -0.0385 0.0105  2660 A   A N9    
443  C C8    . A   A 14 ? 0.1177 0.0650 0.1153 -0.0148 -0.0317 0.0115  2660 A   A C8    
444  N N7    . A   A 14 ? 0.1241 0.0696 0.1158 -0.0134 -0.0349 0.0033  2660 A   A N7    
445  C C5    . A   A 14 ? 0.1144 0.0645 0.1089 -0.0017 -0.0534 -0.0009 2660 A   A C5    
446  C C6    . A   A 14 ? 0.1220 0.0830 0.1325 0.0094  -0.0684 -0.0062 2660 A   A C6    
447  N N6    . A   A 14 ? 0.1439 0.1070 0.1364 0.0103  -0.0494 -0.0227 2660 A   A N6    
448  N N1    . A   A 14 ? 0.1302 0.0727 0.1454 0.0088  -0.0773 0.0031  2660 A   A N1    
449  C C2    . A   A 14 ? 0.1361 0.0607 0.1573 0.0009  -0.0682 0.0163  2660 A   A C2    
450  N N3    . A   A 14 ? 0.1163 0.0670 0.1338 -0.0076 -0.0611 0.0261  2660 A   A N3    
451  C C4    . A   A 14 ? 0.1056 0.0588 0.1208 -0.0054 -0.0473 0.0148  2660 A   A C4    
463  P P     . G   A 15 ? 0.1012 0.0630 0.0903 0.0051  -0.0082 -0.0113 2661 G   A P     
464  O OP1   . G   A 15 ? 0.1320 0.0941 0.1012 0.0157  -0.0048 -0.0261 2661 G   A OP1   
465  O OP2   . G   A 15 ? 0.1089 0.0872 0.1256 0.0072  -0.0231 0.0066  2661 G   A OP2   
466  O "O5'" . G   A 15 ? 0.0982 0.0864 0.0848 -0.0043 -0.0018 -0.0125 2661 G   A "O5'" 
467  C "C5'" . G   A 15 ? 0.1193 0.0745 0.0838 0.0114  -0.0041 -0.0050 2661 G   A "C5'" 
468  C "C4'" . G   A 15 ? 0.0941 0.0662 0.0671 0.0109  -0.0013 -0.0063 2661 G   A "C4'" 
469  O "O4'" . G   A 15 ? 0.0801 0.0718 0.0639 0.0106  -0.0042 -0.0098 2661 G   A "O4'" 
470  C "C3'" . G   A 15 ? 0.0819 0.0518 0.0572 0.0037  -0.0022 0.0082  2661 G   A "C3'" 
471  O "O3'" . G   A 15 ? 0.0956 0.0569 0.0576 -0.0054 0.0035  0.0078  2661 G   A "O3'" 
472  C "C2'" . G   A 15 ? 0.0740 0.0494 0.0655 -0.0045 0.0002  0.0004  2661 G   A "C2'" 
473  O "O2'" . G   A 15 ? 0.0940 0.0524 0.0626 -0.0141 0.0096  0.0028  2661 G   A "O2'" 
474  C "C1'" . G   A 15 ? 0.0808 0.0539 0.0631 0.0013  -0.0050 -0.0067 2661 G   A "C1'" 
475  N N9    . G   A 15 ? 0.0757 0.0495 0.0672 0.0033  -0.0096 0.0005  2661 G   A N9    
476  C C8    . G   A 15 ? 0.0921 0.0392 0.0770 0.0000  -0.0115 0.0057  2661 G   A C8    
477  N N7    . G   A 15 ? 0.0935 0.0450 0.0724 0.0051  -0.0175 0.0084  2661 G   A N7    
478  C C5    . G   A 15 ? 0.0854 0.0433 0.0639 0.0021  -0.0144 0.0084  2661 G   A C5    
479  C C6    . G   A 15 ? 0.0922 0.0482 0.0636 0.0023  -0.0103 0.0153  2661 G   A C6    
480  O O6    . G   A 15 ? 0.1154 0.0533 0.0874 -0.0056 0.0054  0.0234  2661 G   A O6    
481  N N1    . G   A 15 ? 0.0845 0.0443 0.0549 0.0024  -0.0047 0.0119  2661 G   A N1    
482  C C2    . G   A 15 ? 0.0822 0.0514 0.0645 0.0104  -0.0072 0.0055  2661 G   A C2    
483  N N2    . G   A 15 ? 0.0943 0.0553 0.0738 -0.0032 0.0073  -0.0015 2661 G   A N2    
484  N N3    . G   A 15 ? 0.0779 0.0430 0.0546 0.0029  -0.0099 0.0033  2661 G   A N3    
485  C C4    . G   A 15 ? 0.0750 0.0484 0.0543 0.0011  -0.0131 0.0035  2661 G   A C4    
497  P P     . A   A 16 ? 0.1015 0.0506 0.0551 0.0004  -0.0058 0.0069  2662 A   A P     
498  O OP1   . A   A 16 ? 0.1285 0.0640 0.0654 0.0031  0.0039  0.0161  2662 A   A OP1   
499  O OP2   . A   A 16 ? 0.1115 0.0556 0.0666 -0.0035 -0.0151 0.0019  2662 A   A OP2   
500  O "O5'" . A   A 16 ? 0.0897 0.0497 0.0617 0.0023  -0.0007 0.0091  2662 A   A "O5'" 
501  C "C5'" . A   A 16 ? 0.0897 0.0431 0.0657 0.0007  -0.0010 0.0114  2662 A   A "C5'" 
502  C "C4'" . A   A 16 ? 0.0895 0.0360 0.0582 -0.0029 -0.0045 0.0090  2662 A   A "C4'" 
503  O "O4'" . A   A 16 ? 0.0837 0.0475 0.0578 -0.0013 -0.0066 0.0138  2662 A   A "O4'" 
504  C "C3'" . A   A 16 ? 0.0833 0.0367 0.0519 0.0096  -0.0056 0.0128  2662 A   A "C3'" 
505  O "O3'" . A   A 16 ? 0.0900 0.0390 0.0653 0.0061  -0.0054 0.0181  2662 A   A "O3'" 
506  C "C2'" . A   A 16 ? 0.0867 0.0373 0.0528 0.0048  -0.0049 0.0089  2662 A   A "C2'" 
507  O "O2'" . A   A 16 ? 0.1041 0.0463 0.0617 0.0118  0.0000  0.0117  2662 A   A "O2'" 
508  C "C1'" . A   A 16 ? 0.0851 0.0434 0.0558 -0.0022 -0.0042 0.0104  2662 A   A "C1'" 
509  N N9    . A   A 16 ? 0.0789 0.0391 0.0559 0.0010  -0.0116 0.0134  2662 A   A N9    
510  C C8    . A   A 16 ? 0.0803 0.0477 0.0610 0.0042  -0.0154 0.0107  2662 A   A C8    
511  N N7    . A   A 16 ? 0.0922 0.0419 0.0590 -0.0007 -0.0185 0.0134  2662 A   A N7    
512  C C5    . A   A 16 ? 0.0846 0.0402 0.0578 -0.0042 -0.0185 0.0165  2662 A   A C5    
513  C C6    . A   A 16 ? 0.1092 0.0471 0.0639 -0.0106 -0.0244 0.0183  2662 A   A C6    
514  N N6    . A   A 16 ? 0.1517 0.0496 0.0733 -0.0150 -0.0178 0.0139  2662 A   A N6    
515  N N1    . A   A 16 ? 0.1103 0.0557 0.0678 -0.0067 -0.0091 0.0207  2662 A   A N1    
516  C C2    . A   A 16 ? 0.0970 0.0564 0.0629 0.0020  -0.0060 0.0202  2662 A   A C2    
517  N N3    . A   A 16 ? 0.0844 0.0489 0.0585 0.0023  -0.0087 0.0156  2662 A   A N3    
518  C C4    . A   A 16 ? 0.0795 0.0468 0.0526 0.0007  -0.0151 0.0169  2662 A   A C4    
530  P P     . G   A 17 ? 0.1008 0.0517 0.0655 0.0029  -0.0120 0.0198  2663 G   A P     
531  O OP1   . G   A 17 ? 0.1175 0.0633 0.1017 0.0083  -0.0205 0.0367  2663 G   A OP1   
532  O OP2   . G   A 17 ? 0.1235 0.0916 0.0719 -0.0072 -0.0103 0.0109  2663 G   A OP2   
533  O "O5'" . G   A 17 ? 0.0956 0.0433 0.0690 0.0017  -0.0100 0.0061  2663 G   A "O5'" 
534  C "C5'" . G   A 17 ? 0.1017 0.0446 0.0695 0.0054  -0.0127 0.0049  2663 G   A "C5'" 
535  C "C4'" . G   A 17 ? 0.0896 0.0413 0.0686 0.0092  -0.0193 0.0058  2663 G   A "C4'" 
536  O "O4'" . G   A 17 ? 0.0905 0.0336 0.0730 0.0031  -0.0191 0.0030  2663 G   A "O4'" 
537  C "C3'" . G   A 17 ? 0.0924 0.0419 0.0518 0.0086  -0.0141 0.0030  2663 G   A "C3'" 
538  O "O3'" . G   A 17 ? 0.0874 0.0385 0.0540 0.0116  -0.0141 -0.0023 2663 G   A "O3'" 
539  C "C2'" . G   A 17 ? 0.0947 0.0375 0.0478 0.0032  -0.0095 0.0024  2663 G   A "C2'" 
540  O "O2'" . G   A 17 ? 0.0946 0.0375 0.0669 0.0036  -0.0134 0.0052  2663 G   A "O2'" 
541  C "C1'" . G   A 17 ? 0.0934 0.0377 0.0574 0.0054  -0.0190 0.0015  2663 G   A "C1'" 
542  N N9    . G   A 17 ? 0.0823 0.0369 0.0672 0.0063  -0.0166 0.0026  2663 G   A N9    
543  C C8    . G   A 17 ? 0.1004 0.0428 0.0588 0.0045  -0.0096 0.0117  2663 G   A C8    
544  N N7    . G   A 17 ? 0.0992 0.0431 0.0613 0.0036  -0.0143 0.0093  2663 G   A N7    
545  C C5    . G   A 17 ? 0.0764 0.0401 0.0603 0.0062  -0.0173 0.0088  2663 G   A C5    
546  C C6    . G   A 17 ? 0.0746 0.0470 0.0516 0.0028  -0.0198 0.0071  2663 G   A C6    
547  O O6    . G   A 17 ? 0.0875 0.0454 0.0511 0.0053  -0.0123 0.0062  2663 G   A O6    
548  N N1    . G   A 17 ? 0.0843 0.0421 0.0482 0.0079  -0.0119 0.0076  2663 G   A N1    
549  C C2    . G   A 17 ? 0.0965 0.0363 0.0595 0.0092  -0.0088 0.0067  2663 G   A C2    
550  N N2    . G   A 17 ? 0.1275 0.0428 0.0671 0.0198  0.0108  0.0085  2663 G   A N2    
551  N N3    . G   A 17 ? 0.0832 0.0421 0.0637 0.0040  -0.0125 0.0084  2663 G   A N3    
552  C C4    . G   A 17 ? 0.0704 0.0355 0.0643 0.0051  -0.0181 0.0089  2663 G   A C4    
564  P P     . G   A 18 ? 0.0957 0.0488 0.0623 0.0125  -0.0245 -0.0036 2664 G   A P     
565  O OP1   . G   A 18 ? 0.0956 0.0526 0.0898 0.0169  -0.0273 -0.0101 2664 G   A OP1   
566  O OP2   . G   A 18 ? 0.1219 0.0832 0.0651 0.0170  -0.0207 0.0156  2664 G   A OP2   
567  O "O5'" . G   A 18 ? 0.0979 0.0428 0.0700 0.0044  -0.0164 -0.0104 2664 G   A "O5'" 
568  C "C5'" . G   A 18 ? 0.0965 0.0520 0.0749 0.0042  -0.0144 -0.0104 2664 G   A "C5'" 
569  C "C4'" . G   A 18 ? 0.0858 0.0484 0.0734 0.0043  -0.0076 -0.0091 2664 G   A "C4'" 
570  O "O4'" . G   A 18 ? 0.0868 0.0437 0.0711 0.0056  -0.0057 -0.0105 2664 G   A "O4'" 
571  C "C3'" . G   A 18 ? 0.0788 0.0397 0.0779 -0.0048 -0.0077 -0.0093 2664 G   A "C3'" 
572  O "O3'" . G   A 18 ? 0.0794 0.0530 0.0793 0.0043  -0.0082 -0.0113 2664 G   A "O3'" 
573  C "C2'" . G   A 18 ? 0.0848 0.0396 0.0689 0.0039  -0.0049 -0.0084 2664 G   A "C2'" 
574  O "O2'" . G   A 18 ? 0.0854 0.0417 0.0834 0.0096  0.0025  -0.0023 2664 G   A "O2'" 
575  C "C1'" . G   A 18 ? 0.0861 0.0394 0.0656 0.0089  -0.0026 -0.0124 2664 G   A "C1'" 
576  N N9    . G   A 18 ? 0.0859 0.0434 0.0687 0.0055  -0.0111 -0.0031 2664 G   A N9    
577  C C8    . G   A 18 ? 0.0949 0.0403 0.0911 0.0029  -0.0143 -0.0050 2664 G   A C8    
578  N N7    . G   A 18 ? 0.0886 0.0529 0.0844 0.0009  -0.0125 -0.0010 2664 G   A N7    
579  C C5    . G   A 18 ? 0.0840 0.0486 0.0699 0.0005  -0.0168 0.0021  2664 G   A C5    
580  C C6    . G   A 18 ? 0.0853 0.0657 0.0569 -0.0058 -0.0132 0.0112  2664 G   A C6    
581  O O6    . G   A 18 ? 0.1095 0.0729 0.0727 0.0007  -0.0046 0.0160  2664 G   A O6    
582  N N1    . G   A 18 ? 0.0847 0.0542 0.0497 0.0001  -0.0092 0.0021  2664 G   A N1    
583  C C2    . G   A 18 ? 0.0785 0.0538 0.0481 -0.0011 -0.0168 0.0022  2664 G   A C2    
584  N N2    . G   A 18 ? 0.0972 0.0472 0.0526 0.0042  -0.0060 0.0018  2664 G   A N2    
585  N N3    . G   A 18 ? 0.0817 0.0422 0.0556 0.0019  -0.0128 -0.0023 2664 G   A N3    
586  C C4    . G   A 18 ? 0.0831 0.0480 0.0647 0.0012  -0.0130 0.0001  2664 G   A C4    
598  P P     . A   A 19 ? 0.0836 0.0521 0.0814 0.0062  -0.0108 0.0006  2665 A   A P     
599  O OP1   . A   A 19 ? 0.0867 0.0924 0.1129 0.0024  -0.0090 -0.0020 2665 A   A OP1   
600  O OP2   . A   A 19 ? 0.1055 0.0668 0.0930 0.0095  -0.0129 0.0142  2665 A   A OP2   
601  O "O5'" . A   A 19 ? 0.1008 0.0559 0.0747 -0.0047 -0.0017 -0.0034 2665 A   A "O5'" 
602  C "C5'" . A   A 19 ? 0.1155 0.0620 0.0678 -0.0124 -0.0056 -0.0014 2665 A   A "C5'" 
603  C "C4'" . A   A 19 ? 0.1200 0.0598 0.0575 -0.0131 -0.0004 -0.0017 2665 A   A "C4'" 
604  O "O4'" . A   A 19 ? 0.1209 0.0631 0.0600 -0.0212 -0.0092 0.0041  2665 A   A "O4'" 
605  C "C3'" . A   A 19 ? 0.1033 0.0674 0.0551 -0.0127 0.0014  -0.0037 2665 A   A "C3'" 
606  O "O3'" . A   A 19 ? 0.1054 0.0702 0.0653 -0.0002 0.0082  -0.0004 2665 A   A "O3'" 
607  C "C2'" . A   A 19 ? 0.1119 0.0745 0.0551 -0.0199 0.0020  -0.0024 2665 A   A "C2'" 
608  O "O2'" . A   A 19 ? 0.1334 0.0934 0.0590 -0.0192 0.0073  -0.0099 2665 A   A "O2'" 
609  C "C1'" . A   A 19 ? 0.1072 0.0729 0.0482 -0.0224 -0.0103 0.0012  2665 A   A "C1'" 
610  N N9    . A   A 19 ? 0.0930 0.0825 0.0495 -0.0168 -0.0142 0.0168  2665 A   A N9    
611  C C8    . A   A 19 ? 0.0941 0.0792 0.0587 -0.0044 -0.0115 0.0184  2665 A   A C8    
612  N N7    . A   A 19 ? 0.0816 0.0801 0.0650 -0.0044 -0.0131 0.0161  2665 A   A N7    
613  C C5    . A   A 19 ? 0.0782 0.0779 0.0643 -0.0068 -0.0225 0.0173  2665 A   A C5    
614  C C6    . A   A 19 ? 0.0804 0.0875 0.0676 -0.0136 -0.0248 0.0173  2665 A   A C6    
615  N N6    . A   A 19 ? 0.0884 0.0783 0.0886 0.0001  -0.0200 0.0147  2665 A   A N6    
616  N N1    . A   A 19 ? 0.0919 0.0889 0.0747 -0.0201 -0.0281 0.0293  2665 A   A N1    
617  C C2    . A   A 19 ? 0.0992 0.0991 0.0682 -0.0251 -0.0262 0.0368  2665 A   A C2    
618  N N3    . A   A 19 ? 0.0988 0.0826 0.0618 -0.0232 -0.0191 0.0250  2665 A   A N3    
619  C C4    . A   A 19 ? 0.0809 0.0807 0.0571 -0.0183 -0.0179 0.0221  2665 A   A C4    
631  P P     . C   A 20 ? 0.0898 0.0757 0.0574 -0.0055 -0.0006 0.0068  2666 C   A P     
632  O OP1   . C   A 20 ? 0.0950 0.1007 0.0901 0.0012  -0.0005 0.0079  2666 C   A OP1   
633  O OP2   . C   A 20 ? 0.0874 0.0871 0.0550 -0.0164 -0.0029 0.0035  2666 C   A OP2   
634  O "O5'" . C   A 20 ? 0.0984 0.0725 0.0535 -0.0131 0.0017  -0.0010 2666 C   A "O5'" 
635  C "C5'" . C   A 20 ? 0.1165 0.0745 0.0504 -0.0202 0.0032  -0.0029 2666 C   A "C5'" 
636  C "C4'" . C   A 20 ? 0.1188 0.0848 0.0460 -0.0227 0.0012  0.0023  2666 C   A "C4'" 
637  O "O4'" . C   A 20 ? 0.1147 0.0785 0.0506 -0.0205 -0.0102 0.0075  2666 C   A "O4'" 
638  C "C3'" . C   A 20 ? 0.1137 0.0908 0.0511 -0.0311 -0.0014 0.0088  2666 C   A "C3'" 
639  O "O3'" . C   A 20 ? 0.1134 0.0962 0.0547 -0.0314 0.0068  -0.0020 2666 C   A "O3'" 
640  C "C2'" . C   A 20 ? 0.1299 0.0867 0.0518 -0.0307 -0.0134 0.0174  2666 C   A "C2'" 
641  O "O2'" . C   A 20 ? 0.1614 0.1160 0.0553 -0.0344 -0.0097 0.0256  2666 C   A "O2'" 
642  C "C1'" . C   A 20 ? 0.1135 0.0781 0.0565 -0.0219 -0.0237 0.0202  2666 C   A "C1'" 
643  N N1    . C   A 20 ? 0.0963 0.0735 0.0536 -0.0179 -0.0185 0.0209  2666 C   A N1    
644  C C2    . C   A 20 ? 0.1077 0.0683 0.0712 -0.0147 -0.0203 0.0275  2666 C   A C2    
645  O O2    . C   A 20 ? 0.1379 0.0870 0.0745 -0.0018 -0.0207 0.0324  2666 C   A O2    
646  N N3    . C   A 20 ? 0.1014 0.0717 0.0750 -0.0080 -0.0129 0.0171  2666 C   A N3    
647  C C4    . C   A 20 ? 0.0899 0.0599 0.0728 -0.0118 -0.0083 0.0179  2666 C   A C4    
648  N N4    . C   A 20 ? 0.1098 0.0716 0.0853 -0.0028 -0.0026 0.0156  2666 C   A N4    
649  C C5    . C   A 20 ? 0.1008 0.0588 0.0597 -0.0102 -0.0166 0.0183  2666 C   A C5    
650  C C6    . C   A 20 ? 0.0919 0.0643 0.0562 -0.0151 -0.0168 0.0197  2666 C   A C6    
662  P P     . 6FC A 21 ? 0.1199 0.1050 0.0601 -0.0285 0.0130  0.0017  2667 6FC A P     
663  O OP1   . 6FC A 21 ? 0.1290 0.1431 0.0819 -0.0383 0.0237  0.0030  2667 6FC A OP1   
664  O "O5'" . 6FC A 21 ? 0.1316 0.0853 0.0523 -0.0303 0.0079  0.0094  2667 6FC A "O5'" 
665  C "C5'" . 6FC A 21 ? 0.1390 0.0944 0.0504 -0.0323 -0.0043 0.0177  2667 6FC A "C5'" 
666  C "C4'" . 6FC A 21 ? 0.1415 0.0860 0.0444 -0.0295 -0.0029 0.0149  2667 6FC A "C4'" 
667  C "C3'" . 6FC A 21 ? 0.1345 0.0916 0.0501 -0.0375 -0.0149 0.0190  2667 6FC A "C3'" 
668  O "O3'" . 6FC A 21 ? 0.1321 0.0827 0.0552 -0.0363 -0.0097 0.0201  2667 6FC A "O3'" 
669  C "C7'" . 6FC A 21 ? 0.1555 0.0997 0.1512 -0.0043 -0.0075 0.0114  2667 6FC A "C7'" 
670  F "F1'" . 6FC A 21 ? 0.1521 0.0722 0.1909 0.0144  -0.0135 0.0091  2667 6FC A "F1'" 
671  F "F2'" . 6FC A 21 ? 0.1826 0.1210 0.1153 -0.0025 0.0014  -0.0179 2667 6FC A "F2'" 
672  F "F3'" . 6FC A 21 ? 0.1316 0.0951 0.1986 -0.0081 -0.0055 0.0264  2667 6FC A "F3'" 
673  C "C2'" . 6FC A 21 ? 0.1343 0.1024 0.0512 -0.0305 -0.0136 0.0115  2667 6FC A "C2'" 
674  S "S2'" . 6FC A 21 ? 0.1676 0.0934 0.0877 -0.0193 -0.0255 0.0167  2667 6FC A "S2'" 
675  C "C1'" . 6FC A 21 ? 0.1301 0.0973 0.0589 -0.0231 -0.0100 0.0140  2667 6FC A "C1'" 
676  O "O4'" . 6FC A 21 ? 0.1459 0.0880 0.0555 -0.0285 -0.0066 0.0103  2667 6FC A "O4'" 
677  N N1    . 6FC A 21 ? 0.1222 0.1048 0.0531 -0.0280 -0.0064 0.0093  2667 6FC A N1    
678  C C6    . 6FC A 21 ? 0.1197 0.1076 0.0551 -0.0455 -0.0091 0.0137  2667 6FC A C6    
679  C C5    . 6FC A 21 ? 0.1208 0.1082 0.0601 -0.0463 -0.0050 0.0258  2667 6FC A C5    
680  C C4    . 6FC A 21 ? 0.1202 0.1355 0.0568 -0.0474 -0.0054 0.0281  2667 6FC A C4    
681  N N4    . 6FC A 21 ? 0.1376 0.1407 0.0640 -0.0495 -0.0075 0.0342  2667 6FC A N4    
682  N N3    . 6FC A 21 ? 0.1235 0.1261 0.0625 -0.0304 0.0019  0.0154  2667 6FC A N3    
683  C C2    . 6FC A 21 ? 0.1268 0.1206 0.0589 -0.0185 -0.0031 0.0057  2667 6FC A C2    
684  O O2    . 6FC A 21 ? 0.1778 0.1418 0.0694 -0.0080 0.0093  0.0050  2667 6FC A O2    
685  O OP2   . 6FC A 21 ? 0.1162 0.0978 0.0687 -0.0174 0.0007  0.0059  2667 6FC A OP2   
696  P P     . G   A 22 ? 0.1296 0.0775 0.0579 -0.0220 0.0067  0.0139  2668 G   A P     
697  O OP1   . G   A 22 ? 0.1374 0.0988 0.0617 -0.0386 0.0133  0.0153  2668 G   A OP1   
698  O OP2   . G   A 22 ? 0.1327 0.0975 0.0840 -0.0068 0.0158  0.0120  2668 G   A OP2   
699  O "O5'" . G   A 22 ? 0.1248 0.0742 0.0581 -0.0203 -0.0007 0.0231  2668 G   A "O5'" 
700  C "C5'" . G   A 22 ? 0.1362 0.0741 0.0475 -0.0236 -0.0025 0.0190  2668 G   A "C5'" 
701  C "C4'" . G   A 22 ? 0.1379 0.0645 0.0459 -0.0157 -0.0093 0.0150  2668 G   A "C4'" 
702  O "O4'" . G   A 22 ? 0.1118 0.0689 0.0424 0.0009  -0.0086 0.0231  2668 G   A "O4'" 
703  C "C3'" . G   A 22 ? 0.1408 0.0807 0.0552 -0.0257 -0.0079 0.0076  2668 G   A "C3'" 
704  O "O3'" . G   A 22 ? 0.1608 0.1040 0.0775 -0.0516 -0.0126 -0.0047 2668 G   A "O3'" 
705  C "C2'" . G   A 22 ? 0.1301 0.0601 0.0485 -0.0024 -0.0058 0.0125  2668 G   A "C2'" 
706  O "O2'" . G   A 22 ? 0.1801 0.0705 0.0601 0.0194  0.0025  0.0042  2668 G   A "O2'" 
707  C "C1'" . G   A 22 ? 0.1074 0.0633 0.0409 0.0020  -0.0068 0.0218  2668 G   A "C1'" 
708  N N9    . G   A 22 ? 0.1051 0.0550 0.0377 0.0007  -0.0025 0.0180  2668 G   A N9    
709  C C8    . G   A 22 ? 0.1158 0.0671 0.0373 -0.0003 -0.0080 0.0168  2668 G   A C8    
710  N N7    . G   A 22 ? 0.1128 0.0630 0.0394 -0.0058 -0.0046 0.0138  2668 G   A N7    
711  C C5    . G   A 22 ? 0.0934 0.0644 0.0327 -0.0081 -0.0087 0.0147  2668 G   A C5    
712  C C6    . G   A 22 ? 0.0968 0.0510 0.0416 -0.0055 -0.0111 0.0079  2668 G   A C6    
713  O O6    . G   A 22 ? 0.1176 0.0601 0.0452 0.0010  -0.0034 0.0094  2668 G   A O6    
714  N N1    . G   A 22 ? 0.0919 0.0460 0.0381 -0.0066 -0.0106 0.0171  2668 G   A N1    
715  C C2    . G   A 22 ? 0.0860 0.0442 0.0353 -0.0085 -0.0127 0.0112  2668 G   A C2    
716  N N2    . G   A 22 ? 0.1004 0.0422 0.0367 -0.0008 -0.0087 0.0126  2668 G   A N2    
717  N N3    . G   A 22 ? 0.0857 0.0492 0.0334 -0.0019 -0.0045 0.0177  2668 G   A N3    
718  C C4    . G   A 22 ? 0.0904 0.0502 0.0423 -0.0058 -0.0087 0.0213  2668 G   A C4    
730  P P     . G   A 23 ? 0.1424 0.1124 0.1003 -0.0147 0.0023  0.0093  2669 G   A P     
731  O OP1   . G   A 23 ? 0.1377 0.1531 0.1460 -0.0565 0.0025  0.0258  2669 G   A OP1   
732  O OP2   . G   A 23 ? 0.1506 0.1491 0.1047 -0.0041 0.0114  0.0091  2669 G   A OP2   
733  O "O5'" . G   A 23 ? 0.1355 0.0779 0.1082 -0.0072 -0.0010 0.0261  2669 G   A "O5'" 
734  C "C5'" . G   A 23 ? 0.1673 0.0705 0.0681 -0.0181 -0.0233 0.0193  2669 G   A "C5'" 
735  C "C4'" . G   A 23 ? 0.1468 0.0476 0.0678 -0.0156 -0.0316 0.0132  2669 G   A "C4'" 
736  O "O4'" . G   A 23 ? 0.1359 0.0487 0.0630 -0.0108 -0.0375 0.0120  2669 G   A "O4'" 
737  C "C3'" . G   A 23 ? 0.1128 0.0511 0.0576 -0.0128 -0.0170 0.0063  2669 G   A "C3'" 
738  O "O3'" . G   A 23 ? 0.1037 0.0541 0.0746 -0.0128 -0.0171 0.0116  2669 G   A "O3'" 
739  C "C2'" . G   A 23 ? 0.1049 0.0478 0.0549 -0.0094 -0.0120 0.0117  2669 G   A "C2'" 
740  O "O2'" . G   A 23 ? 0.0965 0.0479 0.0605 -0.0026 -0.0065 0.0051  2669 G   A "O2'" 
741  C "C1'" . G   A 23 ? 0.1124 0.0453 0.0504 -0.0030 -0.0149 0.0138  2669 G   A "C1'" 
742  N N9    . G   A 23 ? 0.1032 0.0594 0.0413 -0.0110 -0.0108 0.0185  2669 G   A N9    
743  C C8    . G   A 23 ? 0.1114 0.0582 0.0543 -0.0145 -0.0097 0.0234  2669 G   A C8    
744  N N7    . G   A 23 ? 0.0976 0.0694 0.0449 -0.0155 -0.0077 0.0180  2669 G   A N7    
745  C C5    . G   A 23 ? 0.0878 0.0576 0.0427 -0.0116 -0.0002 0.0107  2669 G   A C5    
746  C C6    . G   A 23 ? 0.0762 0.0674 0.0410 -0.0073 -0.0042 0.0073  2669 G   A C6    
747  O O6    . G   A 23 ? 0.0948 0.0718 0.0479 0.0042  0.0044  0.0054  2669 G   A O6    
748  N N1    . G   A 23 ? 0.0808 0.0518 0.0406 -0.0085 -0.0023 0.0068  2669 G   A N1    
749  C C2    . G   A 23 ? 0.0812 0.0442 0.0451 -0.0094 -0.0046 0.0093  2669 G   A C2    
750  N N2    . G   A 23 ? 0.0966 0.0471 0.0384 -0.0065 0.0045  0.0092  2669 G   A N2    
751  N N3    . G   A 23 ? 0.0908 0.0444 0.0504 -0.0104 -0.0077 0.0081  2669 G   A N3    
752  C C4    . G   A 23 ? 0.0901 0.0457 0.0481 -0.0131 -0.0054 0.0123  2669 G   A C4    
764  P P     . A   A 24 ? 0.1017 0.0727 0.1076 -0.0205 -0.0144 0.0163  2670 A   A P     
765  O OP1   . A   A 24 ? 0.1210 0.0729 0.1634 -0.0235 -0.0435 0.0051  2670 A   A OP1   
766  O OP2   . A   A 24 ? 0.1144 0.1418 0.1294 -0.0238 0.0105  0.0405  2670 A   A OP2   
767  O "O5'" . A   A 24 ? 0.1102 0.0726 0.0764 0.0080  -0.0042 0.0065  2670 A   A "O5'" 
768  C "C5'" . A   A 24 ? 0.1094 0.0699 0.0683 0.0185  -0.0124 -0.0026 2670 A   A "C5'" 
769  C "C4'" . A   A 24 ? 0.1012 0.0585 0.0766 0.0114  -0.0094 -0.0012 2670 A   A "C4'" 
770  O "O4'" . A   A 24 ? 0.0954 0.0641 0.0739 0.0099  -0.0063 -0.0112 2670 A   A "O4'" 
771  C "C3'" . A   A 24 ? 0.1006 0.0616 0.1002 0.0151  -0.0084 0.0024  2670 A   A "C3'" 
772  O "O3'" . A   A 24 ? 0.0968 0.0674 0.1747 0.0111  -0.0296 0.0132  2670 A   A "O3'" 
773  C "C2'" . A   A 24 ? 0.1064 0.0566 0.0829 0.0137  -0.0020 -0.0001 2670 A   A "C2'" 
774  O "O2'" . A   A 24 ? 0.1237 0.0665 0.0737 0.0090  -0.0113 0.0022  2670 A   A "O2'" 
775  C "C1'" . A   A 24 ? 0.1167 0.0586 0.0714 0.0073  0.0093  -0.0034 2670 A   A "C1'" 
776  N N9    . A   A 24 ? 0.1082 0.0563 0.0619 0.0022  0.0059  -0.0053 2670 A   A N9    
777  C C8    . A   A 24 ? 0.1149 0.0628 0.0733 0.0140  0.0038  0.0021  2670 A   A C8    
778  N N7    . A   A 24 ? 0.1063 0.0601 0.0741 0.0109  -0.0004 -0.0023 2670 A   A N7    
779  C C5    . A   A 24 ? 0.0826 0.0678 0.0659 -0.0008 -0.0033 -0.0025 2670 A   A C5    
780  C C6    . A   A 24 ? 0.0774 0.0757 0.0522 0.0013  -0.0014 0.0020  2670 A   A C6    
781  N N6    . A   A 24 ? 0.0951 0.0660 0.0595 0.0056  -0.0036 0.0006  2670 A   A N6    
782  N N1    . A   A 24 ? 0.0835 0.0595 0.0576 -0.0033 -0.0014 -0.0045 2670 A   A N1    
783  C C2    . A   A 24 ? 0.0926 0.0588 0.0589 -0.0074 0.0062  -0.0033 2670 A   A C2    
784  N N3    . A   A 24 ? 0.0938 0.0598 0.0564 -0.0111 0.0076  -0.0046 2670 A   A N3    
785  C C4    . A   A 24 ? 0.0900 0.0602 0.0635 -0.0041 -0.0014 -0.0037 2670 A   A C4    
797  P P     . G   A 25 ? 0.0975 0.0795 0.3054 0.0007  -0.0148 0.0222  2671 G   A P     
798  O OP1   . G   A 25 ? 0.1161 0.1021 0.3310 -0.0088 -0.0464 0.0200  2671 G   A OP1   
799  O OP2   . G   A 25 ? 0.1318 0.0901 0.3162 -0.0056 0.0374  0.0348  2671 G   A OP2   
800  O "O5'" . G   A 25 ? 0.1276 0.1082 0.3186 0.0146  -0.0486 0.0153  2671 G   A "O5'" 
801  C "C5'" . G   A 25 ? 0.1914 0.1211 0.2332 0.0192  -0.0586 -0.0121 2671 G   A "C5'" 
802  C "C4'" . G   A 25 ? 0.1543 0.1078 0.1500 0.0316  -0.0656 -0.0221 2671 G   A "C4'" 
803  O "O4'" . G   A 25 ? 0.1430 0.1042 0.1250 0.0451  -0.0548 -0.0427 2671 G   A "O4'" 
804  C "C3'" . G   A 25 ? 0.1223 0.1020 0.0976 0.0072  -0.0525 0.0092  2671 G   A "C3'" 
805  O "O3'" . G   A 25 ? 0.1357 0.1200 0.0848 -0.0169 -0.0339 0.0230  2671 G   A "O3'" 
806  C "C2'" . G   A 25 ? 0.1104 0.0740 0.0826 0.0087  -0.0059 -0.0002 2671 G   A "C2'" 
807  O "O2'" . G   A 25 ? 0.1126 0.0834 0.0750 0.0004  0.0090  0.0047  2671 G   A "O2'" 
808  C "C1'" . G   A 25 ? 0.1050 0.0773 0.0987 0.0206  -0.0248 -0.0210 2671 G   A "C1'" 
809  N N9    . G   A 25 ? 0.0988 0.0660 0.1172 0.0059  -0.0326 -0.0056 2671 G   A N9    
810  C C8    . G   A 25 ? 0.1066 0.0668 0.1399 0.0081  -0.0452 -0.0035 2671 G   A C8    
811  N N7    . G   A 25 ? 0.0983 0.0736 0.1373 0.0072  -0.0441 0.0016  2671 G   A N7    
812  C C5    . G   A 25 ? 0.0865 0.0657 0.1187 0.0001  -0.0368 0.0073  2671 G   A C5    
813  C C6    . G   A 25 ? 0.0774 0.0617 0.0976 -0.0032 -0.0226 0.0114  2671 G   A C6    
814  O O6    . G   A 25 ? 0.0918 0.0769 0.1036 0.0003  -0.0209 0.0248  2671 G   A O6    
815  N N1    . G   A 25 ? 0.0803 0.0786 0.0781 -0.0014 -0.0123 0.0114  2671 G   A N1    
816  C C2    . G   A 25 ? 0.0808 0.0631 0.0726 0.0008  -0.0071 0.0034  2671 G   A C2    
817  N N2    . G   A 25 ? 0.0895 0.0652 0.0651 0.0043  -0.0010 0.0044  2671 G   A N2    
818  N N3    . G   A 25 ? 0.0865 0.0602 0.0872 -0.0018 -0.0182 0.0045  2671 G   A N3    
819  C C4    . G   A 25 ? 0.0865 0.0642 0.0942 0.0033  -0.0262 -0.0040 2671 G   A C4    
831  P P     . U   A 26 ? 0.1218 0.1759 0.0872 -0.0479 -0.0306 0.0183  2672 U   A P     
832  O OP1   . U   A 26 ? 0.1246 0.2143 0.1012 -0.0360 -0.0404 0.0008  2672 U   A OP1   
833  O OP2   . U   A 26 ? 0.1609 0.1658 0.1034 -0.0724 -0.0167 0.0310  2672 U   A OP2   
834  O "O5'" . U   A 26 ? 0.1349 0.1502 0.0797 -0.0281 -0.0236 0.0176  2672 U   A "O5'" 
835  C "C5'" . U   A 26 ? 0.1316 0.1462 0.0847 -0.0023 -0.0141 0.0353  2672 U   A "C5'" 
836  C "C4'" . U   A 26 ? 0.1070 0.1506 0.0929 0.0076  -0.0109 0.0390  2672 U   A "C4'" 
837  O "O4'" . U   A 26 ? 0.0978 0.1301 0.0703 0.0076  0.0042  0.0242  2672 U   A "O4'" 
838  C "C3'" . U   A 26 ? 0.0971 0.1795 0.1144 0.0067  -0.0084 0.0567  2672 U   A "C3'" 
839  O "O3'" . U   A 26 ? 0.0972 0.2320 0.1843 0.0078  -0.0164 0.0969  2672 U   A "O3'" 
840  C "C2'" . U   A 26 ? 0.1018 0.1399 0.1009 0.0122  0.0104  0.0387  2672 U   A "C2'" 
841  O "O2'" . U   A 26 ? 0.1198 0.1286 0.1217 0.0293  0.0187  0.0394  2672 U   A "O2'" 
842  C "C1'" . U   A 26 ? 0.0897 0.1150 0.0809 0.0051  0.0027  0.0239  2672 U   A "C1'" 
843  N N1    . U   A 26 ? 0.0880 0.1049 0.0656 -0.0032 0.0003  0.0155  2672 U   A N1    
844  C C2    . U   A 26 ? 0.0813 0.0926 0.0697 0.0013  0.0012  0.0106  2672 U   A C2    
845  O O2    . U   A 26 ? 0.1004 0.0908 0.0795 0.0087  0.0026  0.0098  2672 U   A O2    
846  N N3    . U   A 26 ? 0.0853 0.0873 0.0675 -0.0071 -0.0037 0.0018  2672 U   A N3    
847  C C4    . U   A 26 ? 0.0921 0.0885 0.0733 -0.0134 -0.0060 0.0084  2672 U   A C4    
848  O O4    . U   A 26 ? 0.1263 0.0750 0.0824 -0.0090 -0.0068 0.0040  2672 U   A O4    
849  C C5    . U   A 26 ? 0.1068 0.0902 0.0732 -0.0122 -0.0071 0.0006  2672 U   A C5    
850  C C6    . U   A 26 ? 0.1034 0.1092 0.0648 -0.0147 -0.0048 0.0108  2672 U   A C6    
861  P P     . G   A 27 ? 0.1078 0.2981 0.2532 -0.0025 -0.0098 0.1418  2673 G   A P     
862  O OP1   . G   A 27 ? 0.1185 0.3273 0.2624 0.0064  -0.0128 0.1385  2673 G   A OP1   
863  O OP2   . G   A 27 ? 0.1321 0.3131 0.2705 -0.0258 -0.0083 0.1335  2673 G   A OP2   
864  O "O5'" . G   A 27 ? 0.1220 0.2676 0.2397 0.0245  0.0205  0.1380  2673 G   A "O5'" 
865  C "C5'" . G   A 27 ? 0.1297 0.2253 0.2301 0.0428  0.0510  0.1308  2673 G   A "C5'" 
866  C "C4'" . G   A 27 ? 0.1234 0.1956 0.2279 0.0469  0.0647  0.1155  2673 G   A "C4'" 
867  O "O4'" . G   A 27 ? 0.1159 0.1577 0.2315 0.0368  0.0633  0.1020  2673 G   A "O4'" 
868  C "C3'" . G   A 27 ? 0.1181 0.2106 0.2420 0.0483  0.0609  0.1206  2673 G   A "C3'" 
869  O "O3'" . G   A 27 ? 0.1228 0.2496 0.2547 0.0503  0.0583  0.1297  2673 G   A "O3'" 
870  C "C2'" . G   A 27 ? 0.1388 0.1600 0.2456 0.0536  0.0672  0.1027  2673 G   A "C2'" 
871  O "O2'" . G   A 27 ? 0.1955 0.1629 0.2758 0.0759  0.0723  0.0906  2673 G   A "O2'" 
872  C "C1'" . G   A 27 ? 0.1190 0.1353 0.2185 0.0264  0.0516  0.0901  2673 G   A "C1'" 
873  N N9    . G   A 27 ? 0.0890 0.0973 0.1634 0.0077  0.0258  0.0481  2673 G   A N9    
874  C C8    . G   A 27 ? 0.0945 0.1197 0.1194 0.0025  0.0110  0.0364  2673 G   A C8    
875  N N7    . G   A 27 ? 0.0926 0.0993 0.1056 -0.0048 0.0079  0.0152  2673 G   A N7    
876  C C5    . G   A 27 ? 0.0857 0.0621 0.1075 -0.0067 0.0097  0.0064  2673 G   A C5    
877  C C6    . G   A 27 ? 0.0836 0.0537 0.1004 0.0000  0.0022  -0.0067 2673 G   A C6    
878  O O6    . G   A 27 ? 0.0966 0.0606 0.1064 0.0023  -0.0060 -0.0093 2673 G   A O6    
879  N N1    . G   A 27 ? 0.1026 0.0585 0.1028 -0.0049 0.0160  -0.0068 2673 G   A N1    
880  C C2    . G   A 27 ? 0.1040 0.0500 0.1254 -0.0105 0.0299  -0.0117 2673 G   A C2    
881  N N2    . G   A 27 ? 0.1179 0.0669 0.1245 -0.0209 0.0366  -0.0227 2673 G   A N2    
882  N N3    . G   A 27 ? 0.0908 0.0473 0.1501 -0.0055 0.0294  0.0089  2673 G   A N3    
883  C C4    . G   A 27 ? 0.0843 0.0615 0.1407 0.0055  0.0214  0.0213  2673 G   A C4    
896  S S     . SO4 B .  ? 0.1469 0.0786 0.0718 0.0187  -0.0119 0.0027  2701 SO4 A S     
897  O O1    . SO4 B .  ? 0.2307 0.1507 0.1083 0.0202  -0.0255 0.0154  2701 SO4 A O1    
898  O O2    . SO4 B .  ? 0.1415 0.1159 0.1071 0.0178  0.0105  -0.0097 2701 SO4 A O2    
899  O O3    . SO4 B .  ? 0.1603 0.0746 0.1309 0.0200  -0.0254 0.0102  2701 SO4 A O3    
900  O O4    . SO4 B .  ? 0.1545 0.0949 0.1619 0.0096  0.0008  0.0175  2701 SO4 A O4    
901  O O     . HOH C .  ? 0.1027 0.0529 0.0568 -0.0071 0.0005  0.0035  2801 HOH A O     
902  O O     . HOH C .  ? 0.0978 0.0564 0.0848 -0.0073 0.0076  -0.0133 2802 HOH A O     
903  O O     . HOH C .  ? 0.1317 0.0681 0.0603 0.0132  0.0100  0.0054  2803 HOH A O     
904  O O     . HOH C .  ? 0.1377 0.0622 0.0499 0.0336  -0.0089 0.0021  2804 HOH A O     
905  O O     . HOH C .  ? 0.1343 0.0434 0.0633 0.0073  0.0124  0.0149  2805 HOH A O     
906  O O     . HOH C .  ? 0.1276 0.0702 0.0453 -0.0149 -0.0095 -0.0042 2806 HOH A O     
907  O O     . HOH C .  ? 0.1788 0.0734 0.0590 -0.0211 0.0046  0.0052  2807 HOH A O     
908  O O     . HOH C .  ? 0.1095 0.1268 0.0629 -0.0306 -0.0019 -0.0078 2808 HOH A O     
909  O O     . HOH C .  ? 0.1851 0.0681 0.0955 0.0020  -0.0462 -0.0003 2809 HOH A O     
910  O O     . HOH C .  ? 0.1263 0.0827 0.0766 -0.0289 -0.0050 0.0218  2810 HOH A O     
911  O O     . HOH C .  ? 0.1292 0.0614 0.0806 0.0003  -0.0310 0.0137  2811 HOH A O     
912  O O     . HOH C .  ? 0.1662 0.0833 0.0672 -0.0163 -0.0037 0.0144  2812 HOH A O     
913  O O     . HOH C .  ? 0.1414 0.1052 0.0681 0.0110  0.0121  -0.0041 2813 HOH A O     
914  O O     . HOH C .  ? 0.0993 0.0518 0.1036 0.0125  -0.0236 0.0102  2814 HOH A O     
915  O O     . HOH C .  ? 0.1526 0.1352 0.0888 0.0355  -0.0033 -0.0072 2815 HOH A O     
916  O O     . HOH C .  ? 0.1306 0.0938 0.1176 0.0115  0.0192  -0.0094 2816 HOH A O     
917  O O     . HOH C .  ? 0.1474 0.1252 0.1215 0.0094  0.0156  0.0356  2817 HOH A O     
918  O O     . HOH C .  ? 0.1432 0.0738 0.0832 0.0216  0.0170  0.0231  2818 HOH A O     
919  O O     . HOH C .  ? 0.1134 0.1406 0.0621 0.0438  0.0066  0.0221  2819 HOH A O     
920  O O     . HOH C .  ? 0.1544 0.1307 0.0688 0.0276  -0.0036 0.0276  2820 HOH A O     
921  O O     . HOH C .  ? 0.1921 0.1487 0.1103 0.0201  0.0469  0.0334  2821 HOH A O     
922  O O     . HOH C .  ? 0.1655 0.0882 0.1293 -0.0251 0.0158  -0.0076 2822 HOH A O     
923  O O     . HOH C .  ? 0.1347 0.1022 0.0625 0.0080  -0.0161 0.0030  2823 HOH A O     
924  O O     . HOH C .  ? 0.1346 0.0989 0.0991 -0.0055 -0.0116 0.0177  2824 HOH A O     
925  O O     . HOH C .  ? 0.2082 0.1075 0.1039 -0.0695 -0.0069 0.0035  2825 HOH A O     
926  O O     . HOH C .  ? 0.1641 0.1538 0.0720 0.0135  0.0069  -0.0254 2826 HOH A O     
927  O O     . HOH C .  ? 0.1711 0.1164 0.0776 -0.0604 -0.0268 0.0181  2827 HOH A O     
928  O O     . HOH C .  ? 0.1624 0.1074 0.1799 0.0040  -0.0272 -0.0579 2828 HOH A O     
929  O O     . HOH C .  ? 0.1576 0.1299 0.0697 0.0169  0.0119  -0.0038 2829 HOH A O     
930  O O     . HOH C .  ? 0.1233 0.1183 0.0678 -0.0015 -0.0113 -0.0029 2830 HOH A O     
931  O O     . HOH C .  ? 0.1264 0.0711 0.1312 -0.0008 -0.0398 -0.0006 2831 HOH A O     
932  O O     . HOH C .  ? 0.1338 0.0721 0.1237 0.0069  -0.0023 -0.0041 2832 HOH A O     
933  O O     . HOH C .  ? 0.1400 0.0526 0.1048 -0.0210 -0.0341 0.0239  2833 HOH A O     
934  O O     . HOH C .  ? 0.1826 0.0918 0.0872 -0.0163 -0.0284 0.0095  2834 HOH A O     
935  O O     . HOH C .  ? 0.1415 0.1639 0.1203 0.0433  0.0095  0.0335  2835 HOH A O     
936  O O     . HOH C .  ? 0.1819 0.1438 0.2242 -0.0478 0.0799  -0.0790 2836 HOH A O     
937  O O     . HOH C .  ? 0.1787 0.0707 0.1263 -0.0202 -0.0175 0.0125  2837 HOH A O     
938  O O     . HOH C .  ? 0.1666 0.0971 0.1762 0.0135  0.0005  -0.0091 2838 HOH A O     
939  O O     . HOH C .  ? 0.1294 0.1067 0.1623 -0.0142 0.0464  -0.0054 2839 HOH A O     
940  O O     . HOH C .  ? 0.2114 0.1829 0.0947 0.0354  -0.0197 -0.0550 2840 HOH A O     
941  O O     . HOH C .  ? 0.1721 0.1108 0.2192 -0.0409 -0.1023 0.0234  2841 HOH A O     
942  O O     . HOH C .  ? 0.1961 0.1688 0.1330 -0.0391 -0.0303 0.0733  2842 HOH A O     
943  O O     A HOH C .  ? 0.1728 0.2350 0.2982 0.0650  -0.0662 0.0132  2843 HOH A O     
944  O O     B HOH C .  ? 0.0840 0.0361 0.0457 -0.0015 -0.0282 0.0097  2843 HOH A O     
945  O O     . HOH C .  ? 0.1909 0.1640 0.0894 0.0033  0.0099  0.0344  2844 HOH A O     
946  O O     . HOH C .  ? 0.1123 0.1050 0.1645 0.0033  0.0147  0.0139  2845 HOH A O     
947  O O     . HOH C .  ? 0.1309 0.1387 0.2218 -0.0219 -0.0186 0.0943  2846 HOH A O     
948  O O     . HOH C .  ? 0.1341 0.1517 0.0736 -0.0353 0.0051  -0.0019 2847 HOH A O     
949  O O     . HOH C .  ? 0.1078 0.1470 0.1281 0.0230  -0.0021 0.0044  2848 HOH A O     
950  O O     . HOH C .  ? 0.1708 0.0862 0.1167 0.0263  -0.0165 -0.0128 2849 HOH A O     
951  O O     . HOH C .  ? 0.1420 0.2996 0.1607 -0.0102 0.0017  -0.0764 2850 HOH A O     
952  O O     . HOH C .  ? 0.1803 0.1313 0.0701 0.0817  0.0045  0.0119  2851 HOH A O     
953  O O     . HOH C .  ? 0.1793 0.1628 0.1646 0.0198  0.0085  -0.0415 2852 HOH A O     
954  O O     A HOH C .  ? 0.1741 0.0926 0.0853 0.0440  -0.0387 -0.0059 2853 HOH A O     
955  O O     B HOH C .  ? 0.3665 0.3296 0.3250 0.0134  0.0081  -0.0224 2853 HOH A O     
956  O O     . HOH C .  ? 0.1715 0.1695 0.0700 0.0386  0.0096  -0.0034 2854 HOH A O     
957  O O     . HOH C .  ? 0.2497 0.1067 0.1907 0.0712  -0.0318 0.0094  2855 HOH A O     
958  O O     . HOH C .  ? 0.1536 0.1438 0.0985 0.0102  0.0189  0.0055  2856 HOH A O     
959  O O     . HOH C .  ? 0.1173 0.0476 0.0983 0.0159  -0.0053 -0.0022 2857 HOH A O     
960  O O     . HOH C .  ? 0.2023 0.0754 0.1264 0.0147  0.0235  0.0185  2858 HOH A O     
961  O O     . HOH C .  ? 0.1848 0.1528 0.1132 -0.0104 0.0481  -0.0219 2859 HOH A O     
962  O O     . HOH C .  ? 0.1712 0.0880 0.1558 -0.0023 -0.0504 0.0408  2860 HOH A O     
963  O O     . HOH C .  ? 0.2530 0.1622 0.1313 0.0665  -0.0553 -0.0225 2861 HOH A O     
964  O O     . HOH C .  ? 0.1921 0.1486 0.1143 0.0093  -0.0005 -0.0155 2862 HOH A O     
965  O O     . HOH C .  ? 0.1944 0.1727 0.1174 0.0485  -0.0036 0.0075  2863 HOH A O     
966  O O     . HOH C .  ? 0.2800 0.0885 0.0909 0.0526  0.0092  0.0075  2864 HOH A O     
967  O O     . HOH C .  ? 0.1465 0.1058 0.3988 -0.0043 -0.0022 -0.0366 2865 HOH A O     
968  O O     . HOH C .  ? 0.3689 0.3757 0.4243 0.0115  0.0405  0.0333  2866 HOH A O     
969  O O     . HOH C .  ? 0.2601 0.1468 0.1320 -0.0866 0.0822  -0.0505 2867 HOH A O     
970  O O     . HOH C .  ? 0.2775 0.1332 0.0897 -0.0665 -0.0069 0.0239  2868 HOH A O     
971  O O     . HOH C .  ? 0.1708 0.0932 0.2189 0.0380  -0.0049 0.0201  2869 HOH A O     
972  O O     . HOH C .  ? 0.2084 0.1325 0.1468 -0.0213 0.0466  -0.0036 2870 HOH A O     
973  O O     . HOH C .  ? 0.2086 0.1108 0.1656 -0.0100 -0.0551 0.0172  2871 HOH A O     
974  O O     . HOH C .  ? 0.2411 0.1950 0.1199 0.0117  0.0192  -0.0504 2872 HOH A O     
975  O O     . HOH C .  ? 0.1789 0.2037 0.0862 0.0959  0.0032  0.0223  2873 HOH A O     
976  O O     . HOH C .  ? 0.1672 0.1660 0.2368 -0.0695 0.1018  -0.0921 2874 HOH A O     
977  O O     . HOH C .  ? 0.2908 0.1295 0.1048 0.0350  -0.0474 0.0202  2875 HOH A O     
978  O O     . HOH C .  ? 0.2084 0.2327 0.1675 -0.0793 0.0265  -0.0950 2876 HOH A O     
979  O O     . HOH C .  ? 0.2624 0.1210 0.1527 0.0781  0.0869  0.0384  2877 HOH A O     
980  O O     . HOH C .  ? 0.2397 0.1520 0.0890 0.0557  0.0095  0.0002  2878 HOH A O     
981  O O     . HOH C .  ? 0.3233 0.2471 0.1355 -0.0688 -0.0062 -0.0313 2879 HOH A O     
982  O O     . HOH C .  ? 0.2708 0.1341 0.1280 0.0847  -0.0234 -0.0025 2880 HOH A O     
983  O O     . HOH C .  ? 0.1693 0.1124 0.1928 0.0041  -0.0304 -0.0274 2881 HOH A O     
984  O O     . HOH C .  ? 0.3869 0.2032 0.1340 0.1464  -0.0104 0.0034  2882 HOH A O     
985  O O     . HOH C .  ? 0.1354 0.1309 0.1858 -0.0222 -0.0440 -0.0131 2883 HOH A O     
986  O O     . HOH C .  ? 0.2860 0.2430 0.1354 0.1186  -0.0315 0.0300  2884 HOH A O     
987  O O     . HOH C .  ? 0.3080 0.2212 0.1266 0.1273  0.0617  0.0489  2885 HOH A O     
988  O O     . HOH C .  ? 0.2128 0.1912 0.1358 -0.1148 -0.0013 -0.0127 2886 HOH A O     
989  O O     . HOH C .  ? 0.2422 0.1422 0.2235 0.0260  0.0127  -0.0067 2887 HOH A O     
990  O O     . HOH C .  ? 0.2328 0.2816 0.1891 -0.0286 0.0800  -0.0099 2888 HOH A O     
991  O O     . HOH C .  ? 0.3018 0.1872 0.1109 -0.0632 -0.0127 0.0512  2889 HOH A O     
992  O O     . HOH C .  ? 0.2706 0.1743 0.1590 0.0214  0.0829  0.0682  2890 HOH A O     
993  O O     . HOH C .  ? 0.3041 0.1607 0.1256 0.0094  -0.0515 -0.0369 2891 HOH A O     
994  O O     . HOH C .  ? 0.3415 0.3122 0.0905 -0.0300 0.0005  -0.0096 2892 HOH A O     
995  O O     . HOH C .  ? 0.2984 0.1014 0.1832 -0.0083 0.0266  -0.0175 2893 HOH A O     
996  O O     A HOH C .  ? 0.1057 0.0960 0.1012 -0.0269 0.0400  -0.0375 2894 HOH A O     
997  O O     B HOH C .  ? 0.1853 0.2718 0.3132 -0.0023 0.0636  0.0424  2894 HOH A O     
998  O O     . HOH C .  ? 0.1814 0.3203 0.1574 0.0411  0.0283  0.1088  2895 HOH A O     
999  O O     . HOH C .  ? 0.1849 0.3603 0.2919 -0.0050 -0.0213 0.0211  2896 HOH A O     
1000 O O     . HOH C .  ? 0.2625 0.1227 0.1809 0.0293  0.0519  0.0325  2897 HOH A O     
1001 O O     . HOH C .  ? 0.2562 0.3927 0.1300 0.0134  0.0091  0.0608  2898 HOH A O     
1002 O O     . HOH C .  ? 0.3240 0.2685 0.2215 0.1181  0.0654  -0.0631 2899 HOH A O     
1003 O O     . HOH C .  ? 0.3369 0.1015 0.2072 0.0427  0.0130  0.0213  2900 HOH A O     
1004 O O     . HOH C .  ? 0.1975 0.1479 0.0876 0.0464  0.0378  0.0454  2901 HOH A O     
1005 O O     . HOH C .  ? 0.2214 0.3756 0.1881 -0.0995 0.0513  -0.0142 2902 HOH A O     
1006 O O     . HOH C .  ? 0.2959 0.0990 0.2402 0.0032  -0.0872 0.0158  2903 HOH A O     
1007 O O     . HOH C .  ? 0.2715 0.1165 0.2242 -0.0317 -0.0092 -0.0781 2904 HOH A O     
1008 O O     . HOH C .  ? 0.1241 0.1746 0.3395 -0.0055 -0.0389 0.1018  2905 HOH A O     
1009 O O     . HOH C .  ? 0.1140 0.1572 0.2408 0.0116  -0.0280 0.0646  2906 HOH A O     
1010 O O     . HOH C .  ? 0.2442 0.2428 0.0813 -0.0106 0.0407  0.0195  2907 HOH A O     
1011 O O     . HOH C .  ? 0.1652 0.1621 0.1457 0.0545  -0.0277 -0.0553 2908 HOH A O     
1012 O O     . HOH C .  ? 0.1106 0.2336 0.0908 0.0507  -0.0134 0.0175  2909 HOH A O     
1013 O O     . HOH C .  ? 0.1520 0.0707 0.0528 -0.0061 -0.0050 0.0188  2910 HOH A O     
1014 O O     . HOH C .  ? 0.2889 0.1158 0.3283 0.0306  0.0626  0.0305  2911 HOH A O     
1015 O O     . HOH C .  ? 0.3663 0.2102 0.2876 0.0304  -0.0282 0.1026  2912 HOH A O     
1016 O O     . HOH C .  ? 0.2492 0.2791 0.2936 0.0243  -0.1032 0.0164  2913 HOH A O     
1017 O O     . HOH C .  ? 0.2843 0.1597 0.2635 0.0557  -0.0055 0.0101  2914 HOH A O     
1018 O O     . HOH C .  ? 0.1853 0.2184 0.0897 -0.0383 -0.0161 0.0600  2915 HOH A O     
1019 O O     . HOH C .  ? 0.1671 0.1547 0.2116 -0.0319 -0.0255 0.1027  2916 HOH A O     
1020 O O     . HOH C .  ? 0.2279 0.0900 0.1546 0.0199  -0.0564 0.0326  2917 HOH A O     
1021 O O     . HOH C .  ? 0.3378 0.1483 0.3817 0.0605  -0.0075 0.0321  2918 HOH A O     
1022 O O     . HOH C .  ? 0.2712 0.2138 0.2295 -0.0655 0.1318  0.0001  2919 HOH A O     
1023 O O     . HOH C .  ? 0.3595 0.1431 0.2962 0.0614  -0.0328 -0.0571 2920 HOH A O     
1024 O O     . HOH C .  ? 0.3031 0.1823 0.1799 -0.0157 -0.0600 0.0300  2921 HOH A O     
1025 O O     . HOH C .  ? 0.2494 0.2240 0.1164 0.0668  -0.0340 -0.0563 2922 HOH A O     
1026 O O     . HOH C .  ? 0.3197 0.1024 0.1071 0.0043  0.0050  0.0197  2923 HOH A O     
1027 O O     A HOH C .  ? 0.3173 0.1680 0.2323 0.0007  -0.0278 -0.0530 2924 HOH A O     
1028 O O     B HOH C .  ? 0.3115 0.2837 0.3374 -0.0336 0.0169  -0.0102 2924 HOH A O     
1029 O O     . HOH C .  ? 0.2407 0.2114 0.3193 0.1075  0.0199  -0.0150 2925 HOH A O     
1030 O O     . HOH C .  ? 0.3725 0.1459 0.3298 0.0809  -0.0377 0.0150  2926 HOH A O     
1031 O O     . HOH C .  ? 0.2301 0.3048 0.3041 0.0374  -0.0074 -0.0112 2927 HOH A O     
1032 O O     . HOH C .  ? 0.2584 0.1302 0.3486 -0.0227 -0.0135 -0.0117 2928 HOH A O     
1033 O O     . HOH C .  ? 0.3237 0.1648 0.2467 -0.0423 0.0037  -0.0244 2929 HOH A O     
1034 O O     . HOH C .  ? 0.3733 0.3778 0.1420 0.0752  -0.0221 -0.0231 2930 HOH A O     
1035 O O     . HOH C .  ? 0.3565 0.3111 0.2922 -0.0364 0.1036  -0.0053 2931 HOH A O     
1036 O O     . HOH C .  ? 0.2115 0.4178 0.3822 -0.0118 -0.0627 -0.0287 2932 HOH A O     
1037 O O     . HOH C .  ? 0.1045 0.1355 0.1487 0.0115  -0.0396 -0.0585 2933 HOH A O     
1038 O O     . HOH C .  ? 0.3329 0.1388 0.1639 -0.0122 0.1142  -0.0254 2934 HOH A O     
1039 O O     . HOH C .  ? 0.3109 0.2115 0.3138 0.1046  -0.0299 -0.0108 2935 HOH A O     
1040 O O     . HOH C .  ? 0.2947 0.2918 0.2839 0.0836  -0.1334 -0.0187 2936 HOH A O     
1041 O O     . HOH C .  ? 0.2761 0.1411 0.3375 -0.0340 0.1332  -0.0730 2937 HOH A O     
1042 O O     . HOH C .  ? 0.2188 0.3222 0.3227 0.0714  -0.1065 0.0234  2938 HOH A O     
1043 O O     . HOH C .  ? 0.2981 0.3470 0.3630 -0.0550 -0.0492 0.0213  2939 HOH A O     
1044 O O     . HOH C .  ? 0.3986 0.3252 0.3060 -0.0087 0.1090  -0.0444 2940 HOH A O     
1045 O O     . HOH C .  ? 0.1791 0.1637 0.2735 0.0435  0.0696  0.1116  2941 HOH A O     
1046 O O     A HOH C .  ? 0.1274 0.0504 0.1857 -0.0110 0.0042  -0.0145 2942 HOH A O     
1047 O O     B HOH C .  ? 0.3519 0.3232 0.2827 0.0094  -0.0057 -0.0006 2942 HOH A O     
1048 O O     . HOH C .  ? 0.1848 0.2324 0.1538 0.0296  0.0199  0.0703  2943 HOH A O     
1049 O O     . HOH C .  ? 0.3681 0.1791 0.0926 -0.0141 0.0050  0.0042  2944 HOH A O     
1050 O O     . HOH C .  ? 0.3579 0.1966 0.1256 0.1207  -0.0584 -0.0367 2945 HOH A O     
1051 O O     . HOH C .  ? 0.1777 0.2015 0.1106 -0.0516 0.0076  -0.0144 2946 HOH A O     
1052 O O     . HOH C .  ? 0.2695 0.1424 0.1528 0.0128  0.0846  0.0396  2947 HOH A O     
1053 O O     . HOH C .  ? 0.3366 0.1699 0.2252 -0.0777 -0.1212 -0.0018 2948 HOH A O     
1054 O O     . HOH C .  ? 0.3631 0.3640 0.2545 -0.1006 -0.0454 0.0145  2949 HOH A O     
1055 O O     . HOH C .  ? 0.3061 0.3942 0.1668 0.0289  -0.1084 0.0339  2950 HOH A O     
1056 O O     . HOH C .  ? 0.2512 0.2386 0.1233 0.0552  -0.0371 -0.0783 2951 HOH A O     
1057 O O     . HOH C .  ? 0.2999 0.3529 0.2086 -0.0009 -0.0748 -0.0458 2952 HOH A O     
1058 O O     . HOH C .  ? 0.2563 0.3924 0.1840 -0.0376 0.0778  0.0440  2953 HOH A O     
1059 O O     . HOH C .  ? 0.2149 0.2558 0.2199 -0.0105 0.0363  -0.0388 2954 HOH A O     
1060 O O     . HOH C .  ? 0.2782 0.3085 0.4133 0.0277  0.0658  -0.0531 2955 HOH A O     
1061 O O     . HOH C .  ? 0.4115 0.1563 0.4572 0.0503  0.0658  -0.0685 2956 HOH A O     
1062 O O     . HOH C .  ? 0.4084 0.2548 0.3827 0.0922  -0.0300 -0.0769 2957 HOH A O     
1063 O O     . HOH C .  ? 0.2067 0.4697 0.1473 -0.0821 0.0029  0.0165  2958 HOH A O     
1064 O O     . HOH C .  ? 0.2347 0.4365 0.3288 -0.0343 0.1383  -0.0067 2959 HOH A O     
1065 O O     . HOH C .  ? 0.2395 0.3877 0.3595 -0.0164 -0.0008 -0.0432 2960 HOH A O     
1066 O O     . HOH C .  ? 0.3589 0.1409 0.4493 0.0621  -0.0338 0.0468  2961 HOH A O     
1067 O O     . HOH C .  ? 0.3580 0.3969 0.2966 -0.0011 -0.0190 -0.0448 2962 HOH A O     
1068 O O     . HOH C .  ? 0.4684 0.2807 0.3970 0.0291  0.0630  -0.0790 2963 HOH A O     
1069 O O     A HOH C .  ? 0.1033 0.0971 0.0878 0.0217  -0.0050 0.0188  2964 HOH A O     
1070 O O     B HOH C .  ? 0.3050 0.2901 0.2547 0.0602  -0.0306 0.0600  2965 HOH A O     
1071 O O     . HOH C .  ? 0.2048 0.0756 0.2446 0.0197  0.0573  0.0145  2966 HOH A O     
1072 O O     A HOH C .  ? 0.2564 0.3706 0.2132 0.0580  -0.0519 -0.0165 2967 HOH A O     
1073 O O     B HOH C .  ? 0.2878 0.3589 0.3239 0.0118  -0.0319 -0.0135 2967 HOH A O     
1074 O O     . HOH C .  ? 0.2867 0.1076 0.3798 -0.0047 0.0444  0.0418  2968 HOH A O     
1075 O O     . HOH C .  ? 0.4276 0.1513 0.2857 -0.0816 0.1162  -0.0197 2969 HOH A O     
1076 O O     A HOH C .  ? 0.4101 0.3609 0.3647 0.0165  0.0001  -0.0175 2970 HOH A O     
1077 O O     B HOH C .  ? 0.3492 0.3613 0.4112 0.0285  -0.0285 -0.0118 2970 HOH A O     
1078 O O     . HOH C .  ? 0.2979 0.2982 0.2976 -0.0283 0.0174  0.0538  2971 HOH A O     
1079 O O     . HOH C .  ? 0.2994 0.2892 0.4064 -0.0135 0.0545  -0.0128 2972 HOH A O     
1080 O O     . HOH C .  ? 0.3475 0.3303 0.1449 0.1380  0.0265  0.0295  2973 HOH A O     
1081 O O     A HOH C .  ? 0.3872 0.2573 0.3120 0.0212  0.0146  0.0239  2974 HOH A O     
1082 O O     B HOH C .  ? 0.3337 0.2937 0.3932 -0.0084 0.0022  0.0198  2974 HOH A O     
1083 O O     . HOH C .  ? 0.4138 0.3715 0.3887 0.0251  -0.0008 -0.0259 2975 HOH A O     
1084 O O     . HOH C .  ? 0.3423 0.3453 0.4132 0.0307  0.0292  0.0192  2976 HOH A O     
1085 O O     . HOH C .  ? 0.3627 0.2904 0.3113 -0.0008 0.0517  0.0529  2977 HOH A O     
1086 O O     . HOH C .  ? 0.3950 0.3631 0.3503 0.0010  -0.0095 0.0545  2978 HOH A O     
1087 O O     . HOH C .  ? 0.3857 0.3798 0.3709 -0.0107 0.0081  0.0723  2979 HOH A O     
1088 O O     . HOH C .  ? 0.3768 0.3300 0.3991 0.0683  -0.0185 -0.0573 2980 HOH A O     
1089 O O     . HOH C .  ? 0.3708 0.3485 0.3726 0.0039  0.0081  -0.0276 2981 HOH A O     
1090 O O     . HOH C .  ? 0.2756 0.2340 0.4649 0.0027  -0.0271 0.0058  2982 HOH A O     
1091 O O     . HOH C .  ? 0.3742 0.4057 0.3755 -0.0045 -0.0125 0.0121  2983 HOH A O     
# 
loop_
_pdbx_poly_seq_scheme.asym_id 
_pdbx_poly_seq_scheme.entity_id 
_pdbx_poly_seq_scheme.seq_id 
_pdbx_poly_seq_scheme.mon_id 
_pdbx_poly_seq_scheme.ndb_seq_num 
_pdbx_poly_seq_scheme.pdb_seq_num 
_pdbx_poly_seq_scheme.auth_seq_num 
_pdbx_poly_seq_scheme.pdb_mon_id 
_pdbx_poly_seq_scheme.auth_mon_id 
_pdbx_poly_seq_scheme.pdb_strand_id 
_pdbx_poly_seq_scheme.pdb_ins_code 
_pdbx_poly_seq_scheme.hetero 
A 1 1  U   1  2647 2647 U   U   A . n 
A 1 2  G   2  2648 2648 G   G   A . n 
A 1 3  C   3  2649 2649 C   C   A . n 
A 1 4  U   4  2650 2650 U   U   A . n 
A 1 5  C   5  2651 2651 C   C   A . n 
A 1 6  C   6  2652 2652 C   C   A . n 
A 1 7  U   7  2653 2653 U   U   A . n 
A 1 8  A   8  2654 2654 A   A   A . n 
A 1 9  G   9  2655 2655 G   G   A . n 
A 1 10 U   10 2656 2656 U   U   A . n 
A 1 11 A   11 2657 2657 A   A   A . n 
A 1 12 C   12 2658 2658 C   C   A . n 
A 1 13 G   13 2659 2659 G   G   A . n 
A 1 14 A   14 2660 2660 A   A   A . n 
A 1 15 G   15 2661 2661 G   G   A . n 
A 1 16 A   16 2662 2662 A   A   A . n 
A 1 17 G   17 2663 2663 G   G   A . n 
A 1 18 G   18 2664 2664 G   G   A . n 
A 1 19 A   19 2665 2665 A   A   A . n 
A 1 20 C   20 2666 2666 C   C   A . n 
A 1 21 6FC 21 2667 2667 6FC SFC A . n 
A 1 22 G   22 2668 2668 G   G   A . n 
A 1 23 G   23 2669 2669 G   G   A . n 
A 1 24 A   24 2670 2670 A   A   A . n 
A 1 25 G   25 2671 2671 G   G   A . n 
A 1 26 U   26 2672 2672 U   U   A . n 
A 1 27 G   27 2673 2673 G   G   A . n 
# 
loop_
_pdbx_nonpoly_scheme.asym_id 
_pdbx_nonpoly_scheme.entity_id 
_pdbx_nonpoly_scheme.mon_id 
_pdbx_nonpoly_scheme.ndb_seq_num 
_pdbx_nonpoly_scheme.pdb_seq_num 
_pdbx_nonpoly_scheme.auth_seq_num 
_pdbx_nonpoly_scheme.pdb_mon_id 
_pdbx_nonpoly_scheme.auth_mon_id 
_pdbx_nonpoly_scheme.pdb_strand_id 
_pdbx_nonpoly_scheme.pdb_ins_code 
B 2 SO4 1   2701 1   SO4 SO4 A . 
C 3 HOH 1   2801 1   HOH HOH A . 
C 3 HOH 2   2802 2   HOH HOH A . 
C 3 HOH 3   2803 3   HOH HOH A . 
C 3 HOH 4   2804 4   HOH HOH A . 
C 3 HOH 5   2805 5   HOH HOH A . 
C 3 HOH 6   2806 6   HOH HOH A . 
C 3 HOH 7   2807 7   HOH HOH A . 
C 3 HOH 8   2808 8   HOH HOH A . 
C 3 HOH 9   2809 9   HOH HOH A . 
C 3 HOH 10  2810 10  HOH HOH A . 
C 3 HOH 11  2811 11  HOH HOH A . 
C 3 HOH 12  2812 12  HOH HOH A . 
C 3 HOH 13  2813 13  HOH HOH A . 
C 3 HOH 14  2814 14  HOH HOH A . 
C 3 HOH 15  2815 15  HOH HOH A . 
C 3 HOH 16  2816 16  HOH HOH A . 
C 3 HOH 17  2817 17  HOH HOH A . 
C 3 HOH 18  2818 18  HOH HOH A . 
C 3 HOH 19  2819 19  HOH HOH A . 
C 3 HOH 20  2820 20  HOH HOH A . 
C 3 HOH 21  2821 21  HOH HOH A . 
C 3 HOH 22  2822 22  HOH HOH A . 
C 3 HOH 23  2823 23  HOH HOH A . 
C 3 HOH 24  2824 24  HOH HOH A . 
C 3 HOH 25  2825 25  HOH HOH A . 
C 3 HOH 26  2826 26  HOH HOH A . 
C 3 HOH 27  2827 28  HOH HOH A . 
C 3 HOH 28  2828 30  HOH HOH A . 
C 3 HOH 29  2829 32  HOH HOH A . 
C 3 HOH 30  2830 33  HOH HOH A . 
C 3 HOH 31  2831 34  HOH HOH A . 
C 3 HOH 32  2832 35  HOH HOH A . 
C 3 HOH 33  2833 36  HOH HOH A . 
C 3 HOH 34  2834 37  HOH HOH A . 
C 3 HOH 35  2835 38  HOH HOH A . 
C 3 HOH 36  2836 39  HOH HOH A . 
C 3 HOH 37  2837 40  HOH HOH A . 
C 3 HOH 38  2838 41  HOH HOH A . 
C 3 HOH 39  2839 42  HOH HOH A . 
C 3 HOH 40  2840 43  HOH HOH A . 
C 3 HOH 41  2841 44  HOH HOH A . 
C 3 HOH 42  2842 45  HOH HOH A . 
C 3 HOH 43  2843 46  HOH HOH A . 
C 3 HOH 44  2844 47  HOH HOH A . 
C 3 HOH 45  2845 48  HOH HOH A . 
C 3 HOH 46  2846 49  HOH HOH A . 
C 3 HOH 47  2847 50  HOH HOH A . 
C 3 HOH 48  2848 51  HOH HOH A . 
C 3 HOH 49  2849 52  HOH HOH A . 
C 3 HOH 50  2850 53  HOH HOH A . 
C 3 HOH 51  2851 54  HOH HOH A . 
C 3 HOH 52  2852 55  HOH HOH A . 
C 3 HOH 53  2853 56  HOH HOH A . 
C 3 HOH 54  2854 57  HOH HOH A . 
C 3 HOH 55  2855 58  HOH HOH A . 
C 3 HOH 56  2856 59  HOH HOH A . 
C 3 HOH 57  2857 60  HOH HOH A . 
C 3 HOH 58  2858 61  HOH HOH A . 
C 3 HOH 59  2859 62  HOH HOH A . 
C 3 HOH 60  2860 63  HOH HOH A . 
C 3 HOH 61  2861 64  HOH HOH A . 
C 3 HOH 62  2862 65  HOH HOH A . 
C 3 HOH 63  2863 66  HOH HOH A . 
C 3 HOH 64  2864 67  HOH HOH A . 
C 3 HOH 65  2865 68  HOH HOH A . 
C 3 HOH 66  2866 69  HOH HOH A . 
C 3 HOH 67  2867 70  HOH HOH A . 
C 3 HOH 68  2868 71  HOH HOH A . 
C 3 HOH 69  2869 72  HOH HOH A . 
C 3 HOH 70  2870 73  HOH HOH A . 
C 3 HOH 71  2871 74  HOH HOH A . 
C 3 HOH 72  2872 75  HOH HOH A . 
C 3 HOH 73  2873 76  HOH HOH A . 
C 3 HOH 74  2874 77  HOH HOH A . 
C 3 HOH 75  2875 78  HOH HOH A . 
C 3 HOH 76  2876 79  HOH HOH A . 
C 3 HOH 77  2877 80  HOH HOH A . 
C 3 HOH 78  2878 81  HOH HOH A . 
C 3 HOH 79  2879 82  HOH HOH A . 
C 3 HOH 80  2880 83  HOH HOH A . 
C 3 HOH 81  2881 84  HOH HOH A . 
C 3 HOH 82  2882 85  HOH HOH A . 
C 3 HOH 83  2883 86  HOH HOH A . 
C 3 HOH 84  2884 87  HOH HOH A . 
C 3 HOH 85  2885 89  HOH HOH A . 
C 3 HOH 86  2886 90  HOH HOH A . 
C 3 HOH 87  2887 91  HOH HOH A . 
C 3 HOH 88  2888 92  HOH HOH A . 
C 3 HOH 89  2889 93  HOH HOH A . 
C 3 HOH 90  2890 94  HOH HOH A . 
C 3 HOH 91  2891 95  HOH HOH A . 
C 3 HOH 92  2892 96  HOH HOH A . 
C 3 HOH 93  2893 97  HOH HOH A . 
C 3 HOH 94  2894 98  HOH HOH A . 
C 3 HOH 95  2895 99  HOH HOH A . 
C 3 HOH 96  2896 100 HOH HOH A . 
C 3 HOH 97  2897 101 HOH HOH A . 
C 3 HOH 98  2898 102 HOH HOH A . 
C 3 HOH 99  2899 103 HOH HOH A . 
C 3 HOH 100 2900 104 HOH HOH A . 
C 3 HOH 101 2901 105 HOH HOH A . 
C 3 HOH 102 2902 106 HOH HOH A . 
C 3 HOH 103 2903 107 HOH HOH A . 
C 3 HOH 104 2904 108 HOH HOH A . 
C 3 HOH 105 2905 109 HOH HOH A . 
C 3 HOH 106 2906 110 HOH HOH A . 
C 3 HOH 107 2907 111 HOH HOH A . 
C 3 HOH 108 2908 112 HOH HOH A . 
C 3 HOH 109 2909 113 HOH HOH A . 
C 3 HOH 110 2910 114 HOH HOH A . 
C 3 HOH 111 2911 115 HOH HOH A . 
C 3 HOH 112 2912 116 HOH HOH A . 
C 3 HOH 113 2913 117 HOH HOH A . 
C 3 HOH 114 2914 118 HOH HOH A . 
C 3 HOH 115 2915 119 HOH HOH A . 
C 3 HOH 116 2916 120 HOH HOH A . 
C 3 HOH 117 2917 121 HOH HOH A . 
C 3 HOH 118 2918 122 HOH HOH A . 
C 3 HOH 119 2919 123 HOH HOH A . 
C 3 HOH 120 2920 124 HOH HOH A . 
C 3 HOH 121 2921 125 HOH HOH A . 
C 3 HOH 122 2922 126 HOH HOH A . 
C 3 HOH 123 2923 127 HOH HOH A . 
C 3 HOH 124 2924 128 HOH HOH A . 
C 3 HOH 125 2925 129 HOH HOH A . 
C 3 HOH 126 2926 131 HOH HOH A . 
C 3 HOH 127 2927 132 HOH HOH A . 
C 3 HOH 128 2928 133 HOH HOH A . 
C 3 HOH 129 2929 135 HOH HOH A . 
C 3 HOH 130 2930 136 HOH HOH A . 
C 3 HOH 131 2931 138 HOH HOH A . 
C 3 HOH 132 2932 139 HOH HOH A . 
C 3 HOH 133 2933 142 HOH HOH A . 
C 3 HOH 134 2934 143 HOH HOH A . 
C 3 HOH 135 2935 144 HOH HOH A . 
C 3 HOH 136 2936 146 HOH HOH A . 
C 3 HOH 137 2937 148 HOH HOH A . 
C 3 HOH 138 2938 149 HOH HOH A . 
C 3 HOH 139 2939 150 HOH HOH A . 
C 3 HOH 140 2940 151 HOH HOH A . 
C 3 HOH 141 2941 152 HOH HOH A . 
C 3 HOH 142 2942 153 HOH HOH A . 
C 3 HOH 143 2943 154 HOH HOH A . 
C 3 HOH 144 2944 155 HOH HOH A . 
C 3 HOH 145 2945 156 HOH HOH A . 
C 3 HOH 146 2946 157 HOH HOH A . 
C 3 HOH 147 2947 158 HOH HOH A . 
C 3 HOH 148 2948 160 HOH HOH A . 
C 3 HOH 149 2949 161 HOH HOH A . 
C 3 HOH 150 2950 162 HOH HOH A . 
C 3 HOH 151 2951 163 HOH HOH A . 
C 3 HOH 152 2952 164 HOH HOH A . 
C 3 HOH 153 2953 165 HOH HOH A . 
C 3 HOH 154 2954 166 HOH HOH A . 
C 3 HOH 155 2955 167 HOH HOH A . 
C 3 HOH 156 2956 168 HOH HOH A . 
C 3 HOH 157 2957 169 HOH HOH A . 
C 3 HOH 158 2958 170 HOH HOH A . 
C 3 HOH 159 2959 175 HOH HOH A . 
C 3 HOH 160 2960 176 HOH HOH A . 
C 3 HOH 161 2961 180 HOH HOH A . 
C 3 HOH 162 2962 183 HOH HOH A . 
C 3 HOH 163 2963 185 HOH HOH A . 
C 3 HOH 164 2964 187 HOH HOH A . 
C 3 HOH 165 2965 198 HOH HOH A . 
C 3 HOH 166 2966 189 HOH HOH A . 
C 3 HOH 167 2967 191 HOH HOH A . 
C 3 HOH 168 2968 194 HOH HOH A . 
C 3 HOH 169 2969 195 HOH HOH A . 
C 3 HOH 170 2970 196 HOH HOH A . 
C 3 HOH 171 2971 199 HOH HOH A . 
C 3 HOH 172 2972 200 HOH HOH A . 
C 3 HOH 173 2973 202 HOH HOH A . 
C 3 HOH 174 2974 203 HOH HOH A . 
C 3 HOH 175 2975 206 HOH HOH A . 
C 3 HOH 176 2976 207 HOH HOH A . 
C 3 HOH 177 2977 208 HOH HOH A . 
C 3 HOH 178 2978 213 HOH HOH A . 
C 3 HOH 179 2979 215 HOH HOH A . 
C 3 HOH 180 2980 219 HOH HOH A . 
C 3 HOH 181 2981 221 HOH HOH A . 
C 3 HOH 182 2982 222 HOH HOH A . 
C 3 HOH 183 2983 227 HOH HOH A . 
# 
_pdbx_struct_assembly.id                   1 
_pdbx_struct_assembly.details              author_and_software_defined_assembly 
_pdbx_struct_assembly.method_details       PISA 
_pdbx_struct_assembly.oligomeric_details   monomeric 
_pdbx_struct_assembly.oligomeric_count     1 
# 
_pdbx_struct_assembly_gen.assembly_id       1 
_pdbx_struct_assembly_gen.oper_expression   1 
_pdbx_struct_assembly_gen.asym_id_list      A,B,C 
# 
_pdbx_struct_oper_list.id                   1 
_pdbx_struct_oper_list.type                 'identity operation' 
_pdbx_struct_oper_list.name                 1_555 
_pdbx_struct_oper_list.symmetry_operation   x,y,z 
_pdbx_struct_oper_list.matrix[1][1]         1.0000000000 
_pdbx_struct_oper_list.matrix[1][2]         0.0000000000 
_pdbx_struct_oper_list.matrix[1][3]         0.0000000000 
_pdbx_struct_oper_list.vector[1]            0.0000000000 
_pdbx_struct_oper_list.matrix[2][1]         0.0000000000 
_pdbx_struct_oper_list.matrix[2][2]         1.0000000000 
_pdbx_struct_oper_list.matrix[2][3]         0.0000000000 
_pdbx_struct_oper_list.vector[2]            0.0000000000 
_pdbx_struct_oper_list.matrix[3][1]         0.0000000000 
_pdbx_struct_oper_list.matrix[3][2]         0.0000000000 
_pdbx_struct_oper_list.matrix[3][3]         1.0000000000 
_pdbx_struct_oper_list.vector[3]            0.0000000000 
# 
loop_
_pdbx_audit_revision_history.ordinal 
_pdbx_audit_revision_history.data_content_type 
_pdbx_audit_revision_history.major_revision 
_pdbx_audit_revision_history.minor_revision 
_pdbx_audit_revision_history.revision_date 
1 'Structure model' 1 0 2014-11-19 
2 'Structure model' 1 1 2022-06-15 
3 'Structure model' 1 2 2023-09-20 
# 
_pdbx_audit_revision_details.ordinal             1 
_pdbx_audit_revision_details.revision_ordinal    1 
_pdbx_audit_revision_details.data_content_type   'Structure model' 
_pdbx_audit_revision_details.provider            repository 
_pdbx_audit_revision_details.type                'Initial release' 
_pdbx_audit_revision_details.description         ? 
_pdbx_audit_revision_details.details             ? 
# 
loop_
_pdbx_audit_revision_group.ordinal 
_pdbx_audit_revision_group.revision_ordinal 
_pdbx_audit_revision_group.data_content_type 
_pdbx_audit_revision_group.group 
1 2 'Structure model' 'Database references'    
2 2 'Structure model' 'Derived calculations'   
3 3 'Structure model' 'Data collection'        
4 3 'Structure model' 'Refinement description' 
# 
loop_
_pdbx_audit_revision_category.ordinal 
_pdbx_audit_revision_category.revision_ordinal 
_pdbx_audit_revision_category.data_content_type 
_pdbx_audit_revision_category.category 
1 2 'Structure model' citation                      
2 2 'Structure model' citation_author               
3 2 'Structure model' database_2                    
4 2 'Structure model' struct_conn                   
5 2 'Structure model' struct_site                   
6 3 'Structure model' chem_comp_atom                
7 3 'Structure model' chem_comp_bond                
8 3 'Structure model' pdbx_initial_refinement_model 
# 
loop_
_pdbx_audit_revision_item.ordinal 
_pdbx_audit_revision_item.revision_ordinal 
_pdbx_audit_revision_item.data_content_type 
_pdbx_audit_revision_item.item 
1  2 'Structure model' '_citation.country'                   
2  2 'Structure model' '_citation.journal_abbrev'            
3  2 'Structure model' '_citation.journal_id_ASTM'           
4  2 'Structure model' '_citation.journal_id_CSD'            
5  2 'Structure model' '_citation.journal_id_ISSN'           
6  2 'Structure model' '_citation.journal_volume'            
7  2 'Structure model' '_citation.page_first'                
8  2 'Structure model' '_citation.page_last'                 
9  2 'Structure model' '_citation.pdbx_database_id_DOI'      
10 2 'Structure model' '_citation.pdbx_database_id_PubMed'   
11 2 'Structure model' '_citation.title'                     
12 2 'Structure model' '_citation.year'                      
13 2 'Structure model' '_database_2.pdbx_DOI'                
14 2 'Structure model' '_database_2.pdbx_database_accession' 
15 2 'Structure model' '_struct_conn.pdbx_leaving_atom_flag' 
16 2 'Structure model' '_struct_site.pdbx_auth_asym_id'      
17 2 'Structure model' '_struct_site.pdbx_auth_comp_id'      
18 2 'Structure model' '_struct_site.pdbx_auth_seq_id'       
# 
loop_
_software.name 
_software.classification 
_software.version 
_software.citation_id 
_software.pdbx_ordinal 
MOLREP phasing          .                             ? 1 
PHENIX refinement       '(phenix.refine: 1.8.2_1309)' ? 2 
XDS    'data reduction' .                             ? 3 
XDS    'data scaling'   .                             ? 4 
# 
_pdbx_validate_close_contact.id               1 
_pdbx_validate_close_contact.PDB_model_num    1 
_pdbx_validate_close_contact.auth_atom_id_1   OP2 
_pdbx_validate_close_contact.auth_asym_id_1   A 
_pdbx_validate_close_contact.auth_comp_id_1   A 
_pdbx_validate_close_contact.auth_seq_id_1    2654 
_pdbx_validate_close_contact.PDB_ins_code_1   ? 
_pdbx_validate_close_contact.label_alt_id_1   A 
_pdbx_validate_close_contact.auth_atom_id_2   O 
_pdbx_validate_close_contact.auth_asym_id_2   A 
_pdbx_validate_close_contact.auth_comp_id_2   HOH 
_pdbx_validate_close_contact.auth_seq_id_2    2850 
_pdbx_validate_close_contact.PDB_ins_code_2   ? 
_pdbx_validate_close_contact.label_alt_id_2   ? 
_pdbx_validate_close_contact.dist             2.18 
# 
loop_
_pdbx_validate_rmsd_angle.id 
_pdbx_validate_rmsd_angle.PDB_model_num 
_pdbx_validate_rmsd_angle.auth_atom_id_1 
_pdbx_validate_rmsd_angle.auth_asym_id_1 
_pdbx_validate_rmsd_angle.auth_comp_id_1 
_pdbx_validate_rmsd_angle.auth_seq_id_1 
_pdbx_validate_rmsd_angle.PDB_ins_code_1 
_pdbx_validate_rmsd_angle.label_alt_id_1 
_pdbx_validate_rmsd_angle.auth_atom_id_2 
_pdbx_validate_rmsd_angle.auth_asym_id_2 
_pdbx_validate_rmsd_angle.auth_comp_id_2 
_pdbx_validate_rmsd_angle.auth_seq_id_2 
_pdbx_validate_rmsd_angle.PDB_ins_code_2 
_pdbx_validate_rmsd_angle.label_alt_id_2 
_pdbx_validate_rmsd_angle.auth_atom_id_3 
_pdbx_validate_rmsd_angle.auth_asym_id_3 
_pdbx_validate_rmsd_angle.auth_comp_id_3 
_pdbx_validate_rmsd_angle.auth_seq_id_3 
_pdbx_validate_rmsd_angle.PDB_ins_code_3 
_pdbx_validate_rmsd_angle.label_alt_id_3 
_pdbx_validate_rmsd_angle.angle_value 
_pdbx_validate_rmsd_angle.angle_target_value 
_pdbx_validate_rmsd_angle.angle_deviation 
_pdbx_validate_rmsd_angle.angle_standard_deviation 
_pdbx_validate_rmsd_angle.linker_flag 
1 1 "O5'" A G 2671 ? ? P A G 2671 ? ? OP1 A G 2671 ? ? 119.83 110.70 9.13  1.20 N 
2 1 "O5'" A G 2671 ? ? P A G 2671 ? ? OP2 A G 2671 ? ? 96.35  105.70 -9.35 0.90 N 
# 
_pdbx_validate_planes.id              1 
_pdbx_validate_planes.PDB_model_num   1 
_pdbx_validate_planes.auth_comp_id    G 
_pdbx_validate_planes.auth_asym_id    A 
_pdbx_validate_planes.auth_seq_id     2659 
_pdbx_validate_planes.PDB_ins_code    ? 
_pdbx_validate_planes.label_alt_id    ? 
_pdbx_validate_planes.rmsd            0.058 
_pdbx_validate_planes.type            'SIDE CHAIN' 
# 
loop_
_chem_comp_atom.comp_id 
_chem_comp_atom.atom_id 
_chem_comp_atom.type_symbol 
_chem_comp_atom.pdbx_aromatic_flag 
_chem_comp_atom.pdbx_stereo_config 
_chem_comp_atom.pdbx_ordinal 
6FC P      P N N 1   
6FC OP1    O N N 2   
6FC "O5'"  O N N 3   
6FC "C5'"  C N N 4   
6FC "C4'"  C N R 5   
6FC "C3'"  C N R 6   
6FC "O3'"  O N N 7   
6FC "C7'"  C N N 8   
6FC "F1'"  F N N 9   
6FC "F2'"  F N N 10  
6FC "F3'"  F N N 11  
6FC "C2'"  C N R 12  
6FC "S2'"  S N N 13  
6FC "C1'"  C N R 14  
6FC "O4'"  O N N 15  
6FC N1     N N N 16  
6FC C6     C N N 17  
6FC C5     C N N 18  
6FC C4     C N N 19  
6FC N4     N N N 20  
6FC N3     N N N 21  
6FC C2     C N N 22  
6FC O2     O N N 23  
6FC OP2    O N N 24  
6FC H1     H N N 25  
6FC "H5'1" H N N 26  
6FC "H5'2" H N N 27  
6FC "H4'1" H N N 28  
6FC "H3'1" H N N 29  
6FC H2     H N N 30  
6FC "H2'1" H N N 31  
6FC "H1'1" H N N 32  
6FC H61    H N N 33  
6FC H51    H N N 34  
6FC H41    H N N 35  
6FC H42    H N N 36  
6FC H3     H N N 37  
6FC OP3    O N N 38  
6FC H4     H N N 39  
6FC H5     H N N 40  
A   OP3    O N N 41  
A   P      P N N 42  
A   OP1    O N N 43  
A   OP2    O N N 44  
A   "O5'"  O N N 45  
A   "C5'"  C N N 46  
A   "C4'"  C N R 47  
A   "O4'"  O N N 48  
A   "C3'"  C N S 49  
A   "O3'"  O N N 50  
A   "C2'"  C N R 51  
A   "O2'"  O N N 52  
A   "C1'"  C N R 53  
A   N9     N Y N 54  
A   C8     C Y N 55  
A   N7     N Y N 56  
A   C5     C Y N 57  
A   C6     C Y N 58  
A   N6     N N N 59  
A   N1     N Y N 60  
A   C2     C Y N 61  
A   N3     N Y N 62  
A   C4     C Y N 63  
A   HOP3   H N N 64  
A   HOP2   H N N 65  
A   "H5'"  H N N 66  
A   "H5''" H N N 67  
A   "H4'"  H N N 68  
A   "H3'"  H N N 69  
A   "HO3'" H N N 70  
A   "H2'"  H N N 71  
A   "HO2'" H N N 72  
A   "H1'"  H N N 73  
A   H8     H N N 74  
A   H61    H N N 75  
A   H62    H N N 76  
A   H2     H N N 77  
C   OP3    O N N 78  
C   P      P N N 79  
C   OP1    O N N 80  
C   OP2    O N N 81  
C   "O5'"  O N N 82  
C   "C5'"  C N N 83  
C   "C4'"  C N R 84  
C   "O4'"  O N N 85  
C   "C3'"  C N S 86  
C   "O3'"  O N N 87  
C   "C2'"  C N R 88  
C   "O2'"  O N N 89  
C   "C1'"  C N R 90  
C   N1     N N N 91  
C   C2     C N N 92  
C   O2     O N N 93  
C   N3     N N N 94  
C   C4     C N N 95  
C   N4     N N N 96  
C   C5     C N N 97  
C   C6     C N N 98  
C   HOP3   H N N 99  
C   HOP2   H N N 100 
C   "H5'"  H N N 101 
C   "H5''" H N N 102 
C   "H4'"  H N N 103 
C   "H3'"  H N N 104 
C   "HO3'" H N N 105 
C   "H2'"  H N N 106 
C   "HO2'" H N N 107 
C   "H1'"  H N N 108 
C   H41    H N N 109 
C   H42    H N N 110 
C   H5     H N N 111 
C   H6     H N N 112 
G   OP3    O N N 113 
G   P      P N N 114 
G   OP1    O N N 115 
G   OP2    O N N 116 
G   "O5'"  O N N 117 
G   "C5'"  C N N 118 
G   "C4'"  C N R 119 
G   "O4'"  O N N 120 
G   "C3'"  C N S 121 
G   "O3'"  O N N 122 
G   "C2'"  C N R 123 
G   "O2'"  O N N 124 
G   "C1'"  C N R 125 
G   N9     N Y N 126 
G   C8     C Y N 127 
G   N7     N Y N 128 
G   C5     C Y N 129 
G   C6     C N N 130 
G   O6     O N N 131 
G   N1     N N N 132 
G   C2     C N N 133 
G   N2     N N N 134 
G   N3     N N N 135 
G   C4     C Y N 136 
G   HOP3   H N N 137 
G   HOP2   H N N 138 
G   "H5'"  H N N 139 
G   "H5''" H N N 140 
G   "H4'"  H N N 141 
G   "H3'"  H N N 142 
G   "HO3'" H N N 143 
G   "H2'"  H N N 144 
G   "HO2'" H N N 145 
G   "H1'"  H N N 146 
G   H8     H N N 147 
G   H1     H N N 148 
G   H21    H N N 149 
G   H22    H N N 150 
HOH O      O N N 151 
HOH H1     H N N 152 
HOH H2     H N N 153 
SO4 S      S N N 154 
SO4 O1     O N N 155 
SO4 O2     O N N 156 
SO4 O3     O N N 157 
SO4 O4     O N N 158 
U   OP3    O N N 159 
U   P      P N N 160 
U   OP1    O N N 161 
U   OP2    O N N 162 
U   "O5'"  O N N 163 
U   "C5'"  C N N 164 
U   "C4'"  C N R 165 
U   "O4'"  O N N 166 
U   "C3'"  C N S 167 
U   "O3'"  O N N 168 
U   "C2'"  C N R 169 
U   "O2'"  O N N 170 
U   "C1'"  C N R 171 
U   N1     N N N 172 
U   C2     C N N 173 
U   O2     O N N 174 
U   N3     N N N 175 
U   C4     C N N 176 
U   O4     O N N 177 
U   C5     C N N 178 
U   C6     C N N 179 
U   HOP3   H N N 180 
U   HOP2   H N N 181 
U   "H5'"  H N N 182 
U   "H5''" H N N 183 
U   "H4'"  H N N 184 
U   "H3'"  H N N 185 
U   "HO3'" H N N 186 
U   "H2'"  H N N 187 
U   "HO2'" H N N 188 
U   "H1'"  H N N 189 
U   H3     H N N 190 
U   H5     H N N 191 
U   H6     H N N 192 
# 
loop_
_chem_comp_bond.comp_id 
_chem_comp_bond.atom_id_1 
_chem_comp_bond.atom_id_2 
_chem_comp_bond.value_order 
_chem_comp_bond.pdbx_aromatic_flag 
_chem_comp_bond.pdbx_stereo_config 
_chem_comp_bond.pdbx_ordinal 
6FC P     OP1    sing N N 1   
6FC P     "O5'"  sing N N 2   
6FC P     OP2    sing N N 3   
6FC "O5'" "C5'"  sing N N 4   
6FC "C5'" "C4'"  sing N N 5   
6FC "C4'" "C3'"  sing N N 6   
6FC "C4'" "O4'"  sing N N 7   
6FC "C3'" "O3'"  sing N N 8   
6FC "C3'" "C2'"  sing N N 9   
6FC "C7'" "F1'"  sing N N 10  
6FC "C7'" "F2'"  sing N N 11  
6FC "C7'" "F3'"  sing N N 12  
6FC "C7'" "S2'"  sing N N 13  
6FC "C2'" "S2'"  sing N N 14  
6FC "C2'" "C1'"  sing N N 15  
6FC "C1'" "O4'"  sing N N 16  
6FC "C1'" N1     sing N N 17  
6FC N1    C6     sing N N 18  
6FC N1    C2     sing N N 19  
6FC C6    C5     doub N N 20  
6FC C5    C4     sing N N 21  
6FC C4    N4     sing N N 22  
6FC C4    N3     doub N N 23  
6FC N3    C2     sing N N 24  
6FC C2    O2     doub N N 25  
6FC OP1   H1     sing N N 26  
6FC "C5'" "H5'1" sing N N 27  
6FC "C5'" "H5'2" sing N N 28  
6FC "C4'" "H4'1" sing N N 29  
6FC "C3'" "H3'1" sing N N 30  
6FC "O3'" H2     sing N N 31  
6FC "C2'" "H2'1" sing N N 32  
6FC "C1'" "H1'1" sing N N 33  
6FC C6    H61    sing N N 34  
6FC C5    H51    sing N N 35  
6FC N4    H41    sing N N 36  
6FC N4    H42    sing N N 37  
6FC OP2   H3     sing N N 38  
6FC P     OP3    sing N N 39  
6FC P     H4     sing N N 40  
6FC OP3   H5     sing N N 41  
A   OP3   P      sing N N 42  
A   OP3   HOP3   sing N N 43  
A   P     OP1    doub N N 44  
A   P     OP2    sing N N 45  
A   P     "O5'"  sing N N 46  
A   OP2   HOP2   sing N N 47  
A   "O5'" "C5'"  sing N N 48  
A   "C5'" "C4'"  sing N N 49  
A   "C5'" "H5'"  sing N N 50  
A   "C5'" "H5''" sing N N 51  
A   "C4'" "O4'"  sing N N 52  
A   "C4'" "C3'"  sing N N 53  
A   "C4'" "H4'"  sing N N 54  
A   "O4'" "C1'"  sing N N 55  
A   "C3'" "O3'"  sing N N 56  
A   "C3'" "C2'"  sing N N 57  
A   "C3'" "H3'"  sing N N 58  
A   "O3'" "HO3'" sing N N 59  
A   "C2'" "O2'"  sing N N 60  
A   "C2'" "C1'"  sing N N 61  
A   "C2'" "H2'"  sing N N 62  
A   "O2'" "HO2'" sing N N 63  
A   "C1'" N9     sing N N 64  
A   "C1'" "H1'"  sing N N 65  
A   N9    C8     sing Y N 66  
A   N9    C4     sing Y N 67  
A   C8    N7     doub Y N 68  
A   C8    H8     sing N N 69  
A   N7    C5     sing Y N 70  
A   C5    C6     sing Y N 71  
A   C5    C4     doub Y N 72  
A   C6    N6     sing N N 73  
A   C6    N1     doub Y N 74  
A   N6    H61    sing N N 75  
A   N6    H62    sing N N 76  
A   N1    C2     sing Y N 77  
A   C2    N3     doub Y N 78  
A   C2    H2     sing N N 79  
A   N3    C4     sing Y N 80  
C   OP3   P      sing N N 81  
C   OP3   HOP3   sing N N 82  
C   P     OP1    doub N N 83  
C   P     OP2    sing N N 84  
C   P     "O5'"  sing N N 85  
C   OP2   HOP2   sing N N 86  
C   "O5'" "C5'"  sing N N 87  
C   "C5'" "C4'"  sing N N 88  
C   "C5'" "H5'"  sing N N 89  
C   "C5'" "H5''" sing N N 90  
C   "C4'" "O4'"  sing N N 91  
C   "C4'" "C3'"  sing N N 92  
C   "C4'" "H4'"  sing N N 93  
C   "O4'" "C1'"  sing N N 94  
C   "C3'" "O3'"  sing N N 95  
C   "C3'" "C2'"  sing N N 96  
C   "C3'" "H3'"  sing N N 97  
C   "O3'" "HO3'" sing N N 98  
C   "C2'" "O2'"  sing N N 99  
C   "C2'" "C1'"  sing N N 100 
C   "C2'" "H2'"  sing N N 101 
C   "O2'" "HO2'" sing N N 102 
C   "C1'" N1     sing N N 103 
C   "C1'" "H1'"  sing N N 104 
C   N1    C2     sing N N 105 
C   N1    C6     sing N N 106 
C   C2    O2     doub N N 107 
C   C2    N3     sing N N 108 
C   N3    C4     doub N N 109 
C   C4    N4     sing N N 110 
C   C4    C5     sing N N 111 
C   N4    H41    sing N N 112 
C   N4    H42    sing N N 113 
C   C5    C6     doub N N 114 
C   C5    H5     sing N N 115 
C   C6    H6     sing N N 116 
G   OP3   P      sing N N 117 
G   OP3   HOP3   sing N N 118 
G   P     OP1    doub N N 119 
G   P     OP2    sing N N 120 
G   P     "O5'"  sing N N 121 
G   OP2   HOP2   sing N N 122 
G   "O5'" "C5'"  sing N N 123 
G   "C5'" "C4'"  sing N N 124 
G   "C5'" "H5'"  sing N N 125 
G   "C5'" "H5''" sing N N 126 
G   "C4'" "O4'"  sing N N 127 
G   "C4'" "C3'"  sing N N 128 
G   "C4'" "H4'"  sing N N 129 
G   "O4'" "C1'"  sing N N 130 
G   "C3'" "O3'"  sing N N 131 
G   "C3'" "C2'"  sing N N 132 
G   "C3'" "H3'"  sing N N 133 
G   "O3'" "HO3'" sing N N 134 
G   "C2'" "O2'"  sing N N 135 
G   "C2'" "C1'"  sing N N 136 
G   "C2'" "H2'"  sing N N 137 
G   "O2'" "HO2'" sing N N 138 
G   "C1'" N9     sing N N 139 
G   "C1'" "H1'"  sing N N 140 
G   N9    C8     sing Y N 141 
G   N9    C4     sing Y N 142 
G   C8    N7     doub Y N 143 
G   C8    H8     sing N N 144 
G   N7    C5     sing Y N 145 
G   C5    C6     sing N N 146 
G   C5    C4     doub Y N 147 
G   C6    O6     doub N N 148 
G   C6    N1     sing N N 149 
G   N1    C2     sing N N 150 
G   N1    H1     sing N N 151 
G   C2    N2     sing N N 152 
G   C2    N3     doub N N 153 
G   N2    H21    sing N N 154 
G   N2    H22    sing N N 155 
G   N3    C4     sing N N 156 
HOH O     H1     sing N N 157 
HOH O     H2     sing N N 158 
SO4 S     O1     doub N N 159 
SO4 S     O2     doub N N 160 
SO4 S     O3     sing N N 161 
SO4 S     O4     sing N N 162 
U   OP3   P      sing N N 163 
U   OP3   HOP3   sing N N 164 
U   P     OP1    doub N N 165 
U   P     OP2    sing N N 166 
U   P     "O5'"  sing N N 167 
U   OP2   HOP2   sing N N 168 
U   "O5'" "C5'"  sing N N 169 
U   "C5'" "C4'"  sing N N 170 
U   "C5'" "H5'"  sing N N 171 
U   "C5'" "H5''" sing N N 172 
U   "C4'" "O4'"  sing N N 173 
U   "C4'" "C3'"  sing N N 174 
U   "C4'" "H4'"  sing N N 175 
U   "O4'" "C1'"  sing N N 176 
U   "C3'" "O3'"  sing N N 177 
U   "C3'" "C2'"  sing N N 178 
U   "C3'" "H3'"  sing N N 179 
U   "O3'" "HO3'" sing N N 180 
U   "C2'" "O2'"  sing N N 181 
U   "C2'" "C1'"  sing N N 182 
U   "C2'" "H2'"  sing N N 183 
U   "O2'" "HO2'" sing N N 184 
U   "C1'" N1     sing N N 185 
U   "C1'" "H1'"  sing N N 186 
U   N1    C2     sing N N 187 
U   N1    C6     sing N N 188 
U   C2    O2     doub N N 189 
U   C2    N3     sing N N 190 
U   N3    C4     sing N N 191 
U   N3    H3     sing N N 192 
U   C4    O4     doub N N 193 
U   C4    C5     sing N N 194 
U   C5    C6     doub N N 195 
U   C5    H5     sing N N 196 
U   C6    H6     sing N N 197 
# 
loop_
_ndb_struct_conf_na.entry_id 
_ndb_struct_conf_na.feature 
4NLF 'double helix'         
4NLF 'a-form double helix'  
4NLF 'mismatched base pair' 
4NLF 'triple helix'         
# 
loop_
_ndb_struct_na_base_pair.model_number 
_ndb_struct_na_base_pair.i_label_asym_id 
_ndb_struct_na_base_pair.i_label_comp_id 
_ndb_struct_na_base_pair.i_label_seq_id 
_ndb_struct_na_base_pair.i_symmetry 
_ndb_struct_na_base_pair.j_label_asym_id 
_ndb_struct_na_base_pair.j_label_comp_id 
_ndb_struct_na_base_pair.j_label_seq_id 
_ndb_struct_na_base_pair.j_symmetry 
_ndb_struct_na_base_pair.shear 
_ndb_struct_na_base_pair.stretch 
_ndb_struct_na_base_pair.stagger 
_ndb_struct_na_base_pair.buckle 
_ndb_struct_na_base_pair.propeller 
_ndb_struct_na_base_pair.opening 
_ndb_struct_na_base_pair.pair_number 
_ndb_struct_na_base_pair.pair_name 
_ndb_struct_na_base_pair.i_auth_asym_id 
_ndb_struct_na_base_pair.i_auth_seq_id 
_ndb_struct_na_base_pair.i_PDB_ins_code 
_ndb_struct_na_base_pair.j_auth_asym_id 
_ndb_struct_na_base_pair.j_auth_seq_id 
_ndb_struct_na_base_pair.j_PDB_ins_code 
_ndb_struct_na_base_pair.hbond_type_28 
_ndb_struct_na_base_pair.hbond_type_12 
1 A G 2  1_555 A U 26 1_555 -2.336 -0.634 0.096  -0.374 -14.612 -0.758  1 A_G2648:U2672_A A 2648 ? A 2672 ? 28 1 
1 A C 3  1_555 A G 25 1_555 0.235  -0.141 0.054  3.918  -16.042 -0.593  2 A_C2649:G2671_A A 2649 ? A 2671 ? 19 1 
1 A U 4  1_555 A A 24 1_555 -0.021 -0.114 0.066  5.819  -7.832  -1.745  3 A_U2650:A2670_A A 2650 ? A 2670 ? 20 1 
1 A C 5  1_555 A G 23 1_555 0.281  -0.118 -0.016 7.464  -16.812 1.295   4 A_C2651:G2669_A A 2651 ? A 2669 ? 19 1 
1 A C 6  1_555 A G 22 1_555 0.267  -0.166 0.018  0.597  -13.784 -2.736  5 A_C2652:G2668_A A 2652 ? A 2668 ? 19 1 
1 A U 10 1_555 A A 19 1_555 4.259  -2.200 -0.785 7.038  -20.151 -97.364 6 A_U2656:A2665_A A 2656 ? A 2665 ? 24 4 
1 A A 11 1_555 A G 18 1_555 -6.807 -4.272 -0.138 -4.513 3.969   -1.421  7 A_A2657:G2664_A A 2657 ? A 2664 ? 11 9 
1 A C 12 1_555 A G 17 1_555 0.087  -0.108 -0.089 6.822  -1.999  -0.891  8 A_C2658:G2663_A A 2658 ? A 2663 ? 19 1 
1 A G 13 1_555 A A 16 1_555 7.251  -5.124 0.674  15.415 -6.540  -19.698 9 A_G2659:A2662_A A 2659 ? A 2662 ? ?  ? 
# 
loop_
_ndb_struct_na_base_pair_step.model_number 
_ndb_struct_na_base_pair_step.i_label_asym_id_1 
_ndb_struct_na_base_pair_step.i_label_comp_id_1 
_ndb_struct_na_base_pair_step.i_label_seq_id_1 
_ndb_struct_na_base_pair_step.i_symmetry_1 
_ndb_struct_na_base_pair_step.j_label_asym_id_1 
_ndb_struct_na_base_pair_step.j_label_comp_id_1 
_ndb_struct_na_base_pair_step.j_label_seq_id_1 
_ndb_struct_na_base_pair_step.j_symmetry_1 
_ndb_struct_na_base_pair_step.i_label_asym_id_2 
_ndb_struct_na_base_pair_step.i_label_comp_id_2 
_ndb_struct_na_base_pair_step.i_label_seq_id_2 
_ndb_struct_na_base_pair_step.i_symmetry_2 
_ndb_struct_na_base_pair_step.j_label_asym_id_2 
_ndb_struct_na_base_pair_step.j_label_comp_id_2 
_ndb_struct_na_base_pair_step.j_label_seq_id_2 
_ndb_struct_na_base_pair_step.j_symmetry_2 
_ndb_struct_na_base_pair_step.shift 
_ndb_struct_na_base_pair_step.slide 
_ndb_struct_na_base_pair_step.rise 
_ndb_struct_na_base_pair_step.tilt 
_ndb_struct_na_base_pair_step.roll 
_ndb_struct_na_base_pair_step.twist 
_ndb_struct_na_base_pair_step.x_displacement 
_ndb_struct_na_base_pair_step.y_displacement 
_ndb_struct_na_base_pair_step.helical_rise 
_ndb_struct_na_base_pair_step.inclination 
_ndb_struct_na_base_pair_step.tip 
_ndb_struct_na_base_pair_step.helical_twist 
_ndb_struct_na_base_pair_step.step_number 
_ndb_struct_na_base_pair_step.step_name 
_ndb_struct_na_base_pair_step.i_auth_asym_id_1 
_ndb_struct_na_base_pair_step.i_auth_seq_id_1 
_ndb_struct_na_base_pair_step.i_PDB_ins_code_1 
_ndb_struct_na_base_pair_step.j_auth_asym_id_1 
_ndb_struct_na_base_pair_step.j_auth_seq_id_1 
_ndb_struct_na_base_pair_step.j_PDB_ins_code_1 
_ndb_struct_na_base_pair_step.i_auth_asym_id_2 
_ndb_struct_na_base_pair_step.i_auth_seq_id_2 
_ndb_struct_na_base_pair_step.i_PDB_ins_code_2 
_ndb_struct_na_base_pair_step.j_auth_asym_id_2 
_ndb_struct_na_base_pair_step.j_auth_seq_id_2 
_ndb_struct_na_base_pair_step.j_PDB_ins_code_2 
1 A G 2  1_555 A U 26 1_555 A C 3  1_555 A G 25 1_555 -0.031 -1.146 3.145 -0.590 3.133 42.394  -1.882 -0.014 3.057 4.326  0.814  
42.508  1 AA_G2648C2649:G2671U2672_AA A 2648 ? A 2672 ? A 2649 ? A 2671 ? 
1 A C 3  1_555 A G 25 1_555 A U 4  1_555 A A 24 1_555 -0.819 -1.860 3.151 -3.849 8.360 27.309  -5.422 0.873  2.570 17.101 7.875  
28.791  2 AA_C2649U2650:A2670G2671_AA A 2649 ? A 2671 ? A 2650 ? A 2670 ? 
1 A U 4  1_555 A A 24 1_555 A C 5  1_555 A G 23 1_555 0.665  -1.358 3.150 1.225  5.028 34.590  -2.972 -0.934 2.950 8.398  -2.046 
34.964  3 AA_U2650C2651:G2669A2670_AA A 2650 ? A 2670 ? A 2651 ? A 2669 ? 
1 A C 5  1_555 A G 23 1_555 A C 6  1_555 A G 22 1_555 -0.763 -1.902 3.325 -1.181 8.841 32.572  -4.635 1.133  2.754 15.407 2.057  
33.739  4 AA_C2651C2652:G2668G2669_AA A 2651 ? A 2669 ? A 2652 ? A 2668 ? 
1 A U 10 1_555 A A 19 1_555 A A 11 1_555 A G 18 1_555 4.831  -0.885 3.617 -1.217 0.009 -10.718 4.690  23.369 4.139 -0.050 -6.487 
-10.786 5 AA_U2656A2657:G2664A2665_AA A 2656 ? A 2665 ? A 2657 ? A 2664 ? 
1 A A 11 1_555 A G 18 1_555 A C 12 1_555 A G 17 1_555 -0.490 -1.010 3.074 -4.535 5.679 57.928  -1.314 0.281  3.000 5.838  4.662  
58.343  6 AA_A2657C2658:G2663G2664_AA A 2657 ? A 2664 ? A 2658 ? A 2663 ? 
1 A C 12 1_555 A G 17 1_555 A G 13 1_555 A A 16 1_555 -2.735 -1.508 2.947 -6.923 5.353 47.972  -2.210 2.821  3.115 6.520  8.433  
48.717  7 AA_C2658G2659:A2662G2663_AA A 2658 ? A 2663 ? A 2659 ? A 2662 ? 
# 
loop_
_pdbx_entity_nonpoly.entity_id 
_pdbx_entity_nonpoly.name 
_pdbx_entity_nonpoly.comp_id 
2 'SULFATE ION' SO4 
3 water         HOH 
# 
_pdbx_initial_refinement_model.id               1 
_pdbx_initial_refinement_model.entity_id_list   ? 
_pdbx_initial_refinement_model.type             'experimental model' 
_pdbx_initial_refinement_model.source_name      PDB 
_pdbx_initial_refinement_model.accession_code   3DVZ 
_pdbx_initial_refinement_model.details          'PDB ENTRY 3DVZ' 
# 
